data_5E16
# 
_entry.id   5E16 
# 
_audit_conform.dict_name       mmcif_pdbx.dic 
_audit_conform.dict_version    5.379 
_audit_conform.dict_location   http://mmcif.pdb.org/dictionaries/ascii/mmcif_pdbx.dic 
# 
loop_
_database_2.database_id 
_database_2.database_code 
_database_2.pdbx_database_accession 
_database_2.pdbx_DOI 
PDB   5E16         pdb_00005e16 10.2210/pdb5e16/pdb 
WWPDB D_1000214068 ?            ?                   
# 
_pdbx_database_status.status_code                     REL 
_pdbx_database_status.status_code_sf                  REL 
_pdbx_database_status.status_code_mr                  ? 
_pdbx_database_status.entry_id                        5E16 
_pdbx_database_status.recvd_initial_deposition_date   2015-09-29 
_pdbx_database_status.SG_entry                        Y 
_pdbx_database_status.deposit_site                    RCSB 
_pdbx_database_status.process_site                    RCSB 
_pdbx_database_status.status_code_cs                  ? 
_pdbx_database_status.methods_development_category    ? 
_pdbx_database_status.pdb_format_compatible           Y 
_pdbx_database_status.status_code_nmr_data            ? 
# 
loop_
_audit_author.name 
_audit_author.pdbx_ordinal 
'El Bakkouri, M.'                      1 
'Walker, J.R.'                         2 
'Loppnau, P.'                          3 
'Arrowsmith, C.H.'                     4 
'Edwards, A.M.'                        5 
'Bountra, C.'                          6 
'Hui, R.'                              7 
'Structural Genomics Consortium (SGC)' 8 
# 
_citation.abstract                  ? 
_citation.abstract_id_CAS           ? 
_citation.book_id_ISBN              ? 
_citation.book_publisher            ? 
_citation.book_publisher_city       ? 
_citation.book_title                ? 
_citation.coordinate_linkage        ? 
_citation.country                   US 
_citation.database_id_Medline       ? 
_citation.details                   ? 
_citation.id                        primary 
_citation.journal_abbrev            Proc.Natl.Acad.Sci.USA 
_citation.journal_id_ASTM           PNASA6 
_citation.journal_id_CSD            0040 
_citation.journal_id_ISSN           1091-6490 
_citation.journal_full              ? 
_citation.journal_issue             ? 
_citation.journal_volume            116 
_citation.language                  ? 
_citation.page_first                14164 
_citation.page_last                 14173 
_citation.title                     
'Structures of the cGMP-dependent protein kinase in malaria parasites reveal a unique structural relay mechanism for activation.' 
_citation.year                      2019 
_citation.database_id_CSD           ? 
_citation.pdbx_database_id_DOI      10.1073/pnas.1905558116 
_citation.pdbx_database_id_PubMed   31239348 
_citation.unpublished_flag          ? 
# 
loop_
_citation_author.citation_id 
_citation_author.name 
_citation_author.ordinal 
_citation_author.identifier_ORCID 
primary 'El Bakkouri, M.' 1  ?                   
primary 'Kouidmi, I.'     2  ?                   
primary 'Wernimont, A.K.' 3  ?                   
primary 'Amani, M.'       4  ?                   
primary 'Hutchinson, A.'  5  ?                   
primary 'Loppnau, P.'     6  ?                   
primary 'Kim, J.J.'       7  ?                   
primary 'Flueck, C.'      8  ?                   
primary 'Walker, J.R.'    9  0000-0002-5255-895X 
primary 'Seitova, A.'     10 ?                   
primary 'Senisterra, G.'  11 ?                   
primary 'Kakihara, Y.'    12 ?                   
primary 'Kim, C.'         13 ?                   
primary 'Blackman, M.J.'  14 ?                   
primary 'Calmettes, C.'   15 0000-0002-2542-4382 
primary 'Baker, D.A.'     16 ?                   
primary 'Hui, R.'         17 0000-0001-5065-967X 
# 
_cell.angle_alpha                  90.000 
_cell.angle_alpha_esd              ? 
_cell.angle_beta                   90.000 
_cell.angle_beta_esd               ? 
_cell.angle_gamma                  90.000 
_cell.angle_gamma_esd              ? 
_cell.entry_id                     5E16 
_cell.details                      ? 
_cell.formula_units_Z              ? 
_cell.length_a                     51.266 
_cell.length_a_esd                 ? 
_cell.length_b                     53.847 
_cell.length_b_esd                 ? 
_cell.length_c                     92.351 
_cell.length_c_esd                 ? 
_cell.volume                       ? 
_cell.volume_esd                   ? 
_cell.Z_PDB                        8 
_cell.reciprocal_angle_alpha       ? 
_cell.reciprocal_angle_beta        ? 
_cell.reciprocal_angle_gamma       ? 
_cell.reciprocal_angle_alpha_esd   ? 
_cell.reciprocal_angle_beta_esd    ? 
_cell.reciprocal_angle_gamma_esd   ? 
_cell.reciprocal_length_a          ? 
_cell.reciprocal_length_b          ? 
_cell.reciprocal_length_c          ? 
_cell.reciprocal_length_a_esd      ? 
_cell.reciprocal_length_b_esd      ? 
_cell.reciprocal_length_c_esd      ? 
_cell.pdbx_unique_axis             ? 
# 
_symmetry.entry_id                         5E16 
_symmetry.cell_setting                     ? 
_symmetry.Int_Tables_number                20 
_symmetry.space_group_name_Hall            ? 
_symmetry.space_group_name_H-M             'C 2 2 21' 
_symmetry.pdbx_full_space_group_name_H-M   ? 
# 
loop_
_entity.id 
_entity.type 
_entity.src_method 
_entity.pdbx_description 
_entity.formula_weight 
_entity.pdbx_number_of_molecules 
_entity.pdbx_ec 
_entity.pdbx_mutation 
_entity.pdbx_fragment 
_entity.details 
1 polymer     man 'CGMP-dependent protein kinase'  16078.078 1   ? ? 'cGMP binding domain (UNP residues 21-162)' ? 
2 non-polymer syn 'CYCLIC GUANOSINE MONOPHOSPHATE' 345.205   1   ? ? ?                                           ? 
3 water       nat water                            18.015    104 ? ? ?                                           ? 
# 
_entity_poly.entity_id                      1 
_entity_poly.type                           'polypeptide(L)' 
_entity_poly.nstd_linkage                   no 
_entity_poly.nstd_monomer                   no 
_entity_poly.pdbx_seq_one_letter_code       
;GSNDDFTGEDSLMEDHLELREKLSEDIDMIKTSLKNNLVCSTLNDNEILTLSNYMQFFVFKSGNLVIKQGEKGSYFFIIN
SGKFDVYVNDKKVKTMGKGSSFGEAALIHNTQRSATIIAETDGTLWGVQRSTFRATLKQLSNR
;
_entity_poly.pdbx_seq_one_letter_code_can   
;GSNDDFTGEDSLMEDHLELREKLSEDIDMIKTSLKNNLVCSTLNDNEILTLSNYMQFFVFKSGNLVIKQGEKGSYFFIIN
SGKFDVYVNDKKVKTMGKGSSFGEAALIHNTQRSATIIAETDGTLWGVQRSTFRATLKQLSNR
;
_entity_poly.pdbx_strand_id                 A 
_entity_poly.pdbx_target_identifier         ? 
# 
loop_
_entity_poly_seq.entity_id 
_entity_poly_seq.num 
_entity_poly_seq.mon_id 
_entity_poly_seq.hetero 
1 1   GLY n 
1 2   SER n 
1 3   ASN n 
1 4   ASP n 
1 5   ASP n 
1 6   PHE n 
1 7   THR n 
1 8   GLY n 
1 9   GLU n 
1 10  ASP n 
1 11  SER n 
1 12  LEU n 
1 13  MET n 
1 14  GLU n 
1 15  ASP n 
1 16  HIS n 
1 17  LEU n 
1 18  GLU n 
1 19  LEU n 
1 20  ARG n 
1 21  GLU n 
1 22  LYS n 
1 23  LEU n 
1 24  SER n 
1 25  GLU n 
1 26  ASP n 
1 27  ILE n 
1 28  ASP n 
1 29  MET n 
1 30  ILE n 
1 31  LYS n 
1 32  THR n 
1 33  SER n 
1 34  LEU n 
1 35  LYS n 
1 36  ASN n 
1 37  ASN n 
1 38  LEU n 
1 39  VAL n 
1 40  CYS n 
1 41  SER n 
1 42  THR n 
1 43  LEU n 
1 44  ASN n 
1 45  ASP n 
1 46  ASN n 
1 47  GLU n 
1 48  ILE n 
1 49  LEU n 
1 50  THR n 
1 51  LEU n 
1 52  SER n 
1 53  ASN n 
1 54  TYR n 
1 55  MET n 
1 56  GLN n 
1 57  PHE n 
1 58  PHE n 
1 59  VAL n 
1 60  PHE n 
1 61  LYS n 
1 62  SER n 
1 63  GLY n 
1 64  ASN n 
1 65  LEU n 
1 66  VAL n 
1 67  ILE n 
1 68  LYS n 
1 69  GLN n 
1 70  GLY n 
1 71  GLU n 
1 72  LYS n 
1 73  GLY n 
1 74  SER n 
1 75  TYR n 
1 76  PHE n 
1 77  PHE n 
1 78  ILE n 
1 79  ILE n 
1 80  ASN n 
1 81  SER n 
1 82  GLY n 
1 83  LYS n 
1 84  PHE n 
1 85  ASP n 
1 86  VAL n 
1 87  TYR n 
1 88  VAL n 
1 89  ASN n 
1 90  ASP n 
1 91  LYS n 
1 92  LYS n 
1 93  VAL n 
1 94  LYS n 
1 95  THR n 
1 96  MET n 
1 97  GLY n 
1 98  LYS n 
1 99  GLY n 
1 100 SER n 
1 101 SER n 
1 102 PHE n 
1 103 GLY n 
1 104 GLU n 
1 105 ALA n 
1 106 ALA n 
1 107 LEU n 
1 108 ILE n 
1 109 HIS n 
1 110 ASN n 
1 111 THR n 
1 112 GLN n 
1 113 ARG n 
1 114 SER n 
1 115 ALA n 
1 116 THR n 
1 117 ILE n 
1 118 ILE n 
1 119 ALA n 
1 120 GLU n 
1 121 THR n 
1 122 ASP n 
1 123 GLY n 
1 124 THR n 
1 125 LEU n 
1 126 TRP n 
1 127 GLY n 
1 128 VAL n 
1 129 GLN n 
1 130 ARG n 
1 131 SER n 
1 132 THR n 
1 133 PHE n 
1 134 ARG n 
1 135 ALA n 
1 136 THR n 
1 137 LEU n 
1 138 LYS n 
1 139 GLN n 
1 140 LEU n 
1 141 SER n 
1 142 ASN n 
1 143 ARG n 
# 
_entity_src_gen.entity_id                          1 
_entity_src_gen.pdbx_src_id                        1 
_entity_src_gen.pdbx_alt_source_flag               sample 
_entity_src_gen.pdbx_seq_type                      'Biological sequence' 
_entity_src_gen.pdbx_beg_seq_num                   1 
_entity_src_gen.pdbx_end_seq_num                   143 
_entity_src_gen.gene_src_common_name               ? 
_entity_src_gen.gene_src_genus                     ? 
_entity_src_gen.pdbx_gene_src_gene                 ? 
_entity_src_gen.gene_src_species                   ? 
_entity_src_gen.gene_src_strain                    ? 
_entity_src_gen.gene_src_tissue                    ? 
_entity_src_gen.gene_src_tissue_fraction           ? 
_entity_src_gen.gene_src_details                   ? 
_entity_src_gen.pdbx_gene_src_fragment             ? 
_entity_src_gen.pdbx_gene_src_scientific_name      'Plasmodium falciparum' 
_entity_src_gen.pdbx_gene_src_ncbi_taxonomy_id     5833 
_entity_src_gen.pdbx_gene_src_variant              ? 
_entity_src_gen.pdbx_gene_src_cell_line            ? 
_entity_src_gen.pdbx_gene_src_atcc                 ? 
_entity_src_gen.pdbx_gene_src_organ                ? 
_entity_src_gen.pdbx_gene_src_organelle            ? 
_entity_src_gen.pdbx_gene_src_cell                 ? 
_entity_src_gen.pdbx_gene_src_cellular_location    ? 
_entity_src_gen.host_org_common_name               ? 
_entity_src_gen.pdbx_host_org_scientific_name      'Escherichia coli' 
_entity_src_gen.pdbx_host_org_ncbi_taxonomy_id     562 
_entity_src_gen.host_org_genus                     ? 
_entity_src_gen.pdbx_host_org_gene                 ? 
_entity_src_gen.pdbx_host_org_organ                ? 
_entity_src_gen.host_org_species                   ? 
_entity_src_gen.pdbx_host_org_tissue               ? 
_entity_src_gen.pdbx_host_org_tissue_fraction      ? 
_entity_src_gen.pdbx_host_org_strain               BL21 
_entity_src_gen.pdbx_host_org_variant              ? 
_entity_src_gen.pdbx_host_org_cell_line            ? 
_entity_src_gen.pdbx_host_org_atcc                 ? 
_entity_src_gen.pdbx_host_org_culture_collection   ? 
_entity_src_gen.pdbx_host_org_cell                 ? 
_entity_src_gen.pdbx_host_org_organelle            ? 
_entity_src_gen.pdbx_host_org_cellular_location    ? 
_entity_src_gen.pdbx_host_org_vector_type          Plasmid 
_entity_src_gen.pdbx_host_org_vector               ? 
_entity_src_gen.host_org_details                   ? 
_entity_src_gen.expression_system_id               ? 
_entity_src_gen.plasmid_name                       pET15-MHL 
_entity_src_gen.plasmid_details                    ? 
_entity_src_gen.pdbx_description                   ? 
# 
_struct_ref.id                         1 
_struct_ref.db_name                    UNP 
_struct_ref.db_code                    Q8MMZ4_PLAFA 
_struct_ref.pdbx_db_accession          Q8MMZ4 
_struct_ref.pdbx_db_isoform            ? 
_struct_ref.entity_id                  1 
_struct_ref.pdbx_seq_one_letter_code   
;SNDDFTGEDSLMEDHLELREKLSEDIDMIKTSLKNNLVCSTLNDNEILTLSNYMQFFVFKSGNLVIKQGEKGSYFFIINS
GKFDVYVNDKKVKTMGKGSSFGEAALIHNTQRSATIIAETDGTLWGVQRSTFRATLKQLSNR
;
_struct_ref.pdbx_align_begin           21 
# 
_struct_ref_seq.align_id                      1 
_struct_ref_seq.ref_id                        1 
_struct_ref_seq.pdbx_PDB_id_code              5E16 
_struct_ref_seq.pdbx_strand_id                A 
_struct_ref_seq.seq_align_beg                 2 
_struct_ref_seq.pdbx_seq_align_beg_ins_code   ? 
_struct_ref_seq.seq_align_end                 143 
_struct_ref_seq.pdbx_seq_align_end_ins_code   ? 
_struct_ref_seq.pdbx_db_accession             Q8MMZ4 
_struct_ref_seq.db_align_beg                  21 
_struct_ref_seq.pdbx_db_align_beg_ins_code    ? 
_struct_ref_seq.db_align_end                  162 
_struct_ref_seq.pdbx_db_align_end_ins_code    ? 
_struct_ref_seq.pdbx_auth_seq_align_beg       21 
_struct_ref_seq.pdbx_auth_seq_align_end       162 
# 
_struct_ref_seq_dif.align_id                     1 
_struct_ref_seq_dif.pdbx_pdb_id_code             5E16 
_struct_ref_seq_dif.mon_id                       GLY 
_struct_ref_seq_dif.pdbx_pdb_strand_id           A 
_struct_ref_seq_dif.seq_num                      1 
_struct_ref_seq_dif.pdbx_pdb_ins_code            ? 
_struct_ref_seq_dif.pdbx_seq_db_name             UNP 
_struct_ref_seq_dif.pdbx_seq_db_accession_code   Q8MMZ4 
_struct_ref_seq_dif.db_mon_id                    ? 
_struct_ref_seq_dif.pdbx_seq_db_seq_num          ? 
_struct_ref_seq_dif.details                      'expression tag' 
_struct_ref_seq_dif.pdbx_auth_seq_num            20 
_struct_ref_seq_dif.pdbx_ordinal                 1 
# 
loop_
_chem_comp.id 
_chem_comp.type 
_chem_comp.mon_nstd_flag 
_chem_comp.name 
_chem_comp.pdbx_synonyms 
_chem_comp.formula 
_chem_comp.formula_weight 
ALA 'L-peptide linking' y ALANINE                          ? 'C3 H7 N O2'      89.093  
ARG 'L-peptide linking' y ARGININE                         ? 'C6 H15 N4 O2 1'  175.209 
ASN 'L-peptide linking' y ASPARAGINE                       ? 'C4 H8 N2 O3'     132.118 
ASP 'L-peptide linking' y 'ASPARTIC ACID'                  ? 'C4 H7 N O4'      133.103 
CYS 'L-peptide linking' y CYSTEINE                         ? 'C3 H7 N O2 S'    121.158 
GLN 'L-peptide linking' y GLUTAMINE                        ? 'C5 H10 N2 O3'    146.144 
GLU 'L-peptide linking' y 'GLUTAMIC ACID'                  ? 'C5 H9 N O4'      147.129 
GLY 'peptide linking'   y GLYCINE                          ? 'C2 H5 N O2'      75.067  
HIS 'L-peptide linking' y HISTIDINE                        ? 'C6 H10 N3 O2 1'  156.162 
HOH non-polymer         . WATER                            ? 'H2 O'            18.015  
ILE 'L-peptide linking' y ISOLEUCINE                       ? 'C6 H13 N O2'     131.173 
LEU 'L-peptide linking' y LEUCINE                          ? 'C6 H13 N O2'     131.173 
LYS 'L-peptide linking' y LYSINE                           ? 'C6 H15 N2 O2 1'  147.195 
MET 'L-peptide linking' y METHIONINE                       ? 'C5 H11 N O2 S'   149.211 
PCG non-polymer         . 'CYCLIC GUANOSINE MONOPHOSPHATE' ? 'C10 H12 N5 O7 P' 345.205 
PHE 'L-peptide linking' y PHENYLALANINE                    ? 'C9 H11 N O2'     165.189 
SER 'L-peptide linking' y SERINE                           ? 'C3 H7 N O3'      105.093 
THR 'L-peptide linking' y THREONINE                        ? 'C4 H9 N O3'      119.119 
TRP 'L-peptide linking' y TRYPTOPHAN                       ? 'C11 H12 N2 O2'   204.225 
TYR 'L-peptide linking' y TYROSINE                         ? 'C9 H11 N O3'     181.189 
VAL 'L-peptide linking' y VALINE                           ? 'C5 H11 N O2'     117.146 
# 
_exptl.absorpt_coefficient_mu     ? 
_exptl.absorpt_correction_T_max   ? 
_exptl.absorpt_correction_T_min   ? 
_exptl.absorpt_correction_type    ? 
_exptl.absorpt_process_details    ? 
_exptl.entry_id                   5E16 
_exptl.crystals_number            1 
_exptl.details                    ? 
_exptl.method                     'X-RAY DIFFRACTION' 
_exptl.method_details             ? 
# 
_exptl_crystal.colour                      ? 
_exptl_crystal.density_diffrn              ? 
_exptl_crystal.density_Matthews            1.98 
_exptl_crystal.density_method              ? 
_exptl_crystal.density_percent_sol         37.94 
_exptl_crystal.description                 ? 
_exptl_crystal.F_000                       ? 
_exptl_crystal.id                          1 
_exptl_crystal.preparation                 ? 
_exptl_crystal.size_max                    ? 
_exptl_crystal.size_mid                    ? 
_exptl_crystal.size_min                    ? 
_exptl_crystal.size_rad                    ? 
_exptl_crystal.colour_lustre               ? 
_exptl_crystal.colour_modifier             ? 
_exptl_crystal.colour_primary              ? 
_exptl_crystal.density_meas                ? 
_exptl_crystal.density_meas_esd            ? 
_exptl_crystal.density_meas_gt             ? 
_exptl_crystal.density_meas_lt             ? 
_exptl_crystal.density_meas_temp           ? 
_exptl_crystal.density_meas_temp_esd       ? 
_exptl_crystal.density_meas_temp_gt        ? 
_exptl_crystal.density_meas_temp_lt        ? 
_exptl_crystal.pdbx_crystal_image_url      ? 
_exptl_crystal.pdbx_crystal_image_format   ? 
_exptl_crystal.pdbx_mosaicity              ? 
_exptl_crystal.pdbx_mosaicity_esd          ? 
# 
_exptl_crystal_grow.apparatus       ? 
_exptl_crystal_grow.atmosphere      ? 
_exptl_crystal_grow.crystal_id      1 
_exptl_crystal_grow.details         ? 
_exptl_crystal_grow.method          'VAPOR DIFFUSION, SITTING DROP' 
_exptl_crystal_grow.method_ref      ? 
_exptl_crystal_grow.pH              7.5 
_exptl_crystal_grow.pressure        ? 
_exptl_crystal_grow.pressure_esd    ? 
_exptl_crystal_grow.seeding         ? 
_exptl_crystal_grow.seeding_ref     ? 
_exptl_crystal_grow.temp            293 
_exptl_crystal_grow.temp_details    ? 
_exptl_crystal_grow.temp_esd        ? 
_exptl_crystal_grow.time            ? 
_exptl_crystal_grow.pdbx_details    '25 % Peg3350, 0.2 M NaCl, 0.1 M HEPES, pH 7.5' 
_exptl_crystal_grow.pdbx_pH_range   ? 
# 
_diffrn.ambient_environment    ? 
_diffrn.ambient_temp           100 
_diffrn.ambient_temp_details   ? 
_diffrn.ambient_temp_esd       ? 
_diffrn.crystal_id             1 
_diffrn.crystal_support        ? 
_diffrn.crystal_treatment      ? 
_diffrn.details                ? 
_diffrn.id                     1 
_diffrn.ambient_pressure       ? 
_diffrn.ambient_pressure_esd   ? 
_diffrn.ambient_pressure_gt    ? 
_diffrn.ambient_pressure_lt    ? 
_diffrn.ambient_temp_gt        ? 
_diffrn.ambient_temp_lt        ? 
# 
_diffrn_detector.details                      ? 
_diffrn_detector.detector                     CCD 
_diffrn_detector.diffrn_id                    1 
_diffrn_detector.type                         'RIGAKU SATURN A200' 
_diffrn_detector.area_resol_mean              ? 
_diffrn_detector.dtime                        ? 
_diffrn_detector.pdbx_frames_total            ? 
_diffrn_detector.pdbx_collection_time_total   ? 
_diffrn_detector.pdbx_collection_date         2015-07-02 
# 
_diffrn_radiation.collimation                      ? 
_diffrn_radiation.diffrn_id                        1 
_diffrn_radiation.filter_edge                      ? 
_diffrn_radiation.inhomogeneity                    ? 
_diffrn_radiation.monochromator                    ? 
_diffrn_radiation.polarisn_norm                    ? 
_diffrn_radiation.polarisn_ratio                   ? 
_diffrn_radiation.probe                            ? 
_diffrn_radiation.type                             ? 
_diffrn_radiation.xray_symbol                      ? 
_diffrn_radiation.wavelength_id                    1 
_diffrn_radiation.pdbx_monochromatic_or_laue_m_l   M 
_diffrn_radiation.pdbx_wavelength_list             ? 
_diffrn_radiation.pdbx_wavelength                  ? 
_diffrn_radiation.pdbx_diffrn_protocol             'SINGLE WAVELENGTH' 
_diffrn_radiation.pdbx_analyzer                    ? 
_diffrn_radiation.pdbx_scattering_type             x-ray 
# 
_diffrn_radiation_wavelength.id           1 
_diffrn_radiation_wavelength.wavelength   1.54 
_diffrn_radiation_wavelength.wt           1.0 
# 
_diffrn_source.current                     ? 
_diffrn_source.details                     ? 
_diffrn_source.diffrn_id                   1 
_diffrn_source.power                       ? 
_diffrn_source.size                        ? 
_diffrn_source.source                      'ROTATING ANODE' 
_diffrn_source.target                      ? 
_diffrn_source.type                        'RIGAKU FR-E SUPERBRIGHT' 
_diffrn_source.voltage                     ? 
_diffrn_source.take-off_angle              ? 
_diffrn_source.pdbx_wavelength_list        1.54 
_diffrn_source.pdbx_wavelength             ? 
_diffrn_source.pdbx_synchrotron_beamline   ? 
_diffrn_source.pdbx_synchrotron_site       ? 
# 
_reflns.B_iso_Wilson_estimate            ? 
_reflns.entry_id                         5E16 
_reflns.data_reduction_details           ? 
_reflns.data_reduction_method            ? 
_reflns.d_resolution_high                1.650 
_reflns.d_resolution_low                 50.000 
_reflns.details                          ? 
_reflns.limit_h_max                      ? 
_reflns.limit_h_min                      ? 
_reflns.limit_k_max                      ? 
_reflns.limit_k_min                      ? 
_reflns.limit_l_max                      ? 
_reflns.limit_l_min                      ? 
_reflns.number_all                       ? 
_reflns.number_obs                       15745 
_reflns.observed_criterion               ? 
_reflns.observed_criterion_F_max         ? 
_reflns.observed_criterion_F_min         ? 
_reflns.observed_criterion_I_max         ? 
_reflns.observed_criterion_I_min         ? 
_reflns.observed_criterion_sigma_F       ? 
_reflns.observed_criterion_sigma_I       ? 
_reflns.percent_possible_obs             99.700 
_reflns.R_free_details                   ? 
_reflns.Rmerge_F_all                     ? 
_reflns.Rmerge_F_obs                     ? 
_reflns.Friedel_coverage                 ? 
_reflns.number_gt                        ? 
_reflns.threshold_expression             ? 
_reflns.pdbx_redundancy                  7.400 
_reflns.pdbx_Rmerge_I_obs                0.043 
_reflns.pdbx_Rmerge_I_all                ? 
_reflns.pdbx_Rsym_value                  ? 
_reflns.pdbx_netI_over_av_sigmaI         59.607 
_reflns.pdbx_netI_over_sigmaI            19.400 
_reflns.pdbx_res_netI_over_av_sigmaI_2   ? 
_reflns.pdbx_res_netI_over_sigmaI_2      ? 
_reflns.pdbx_chi_squared                 1.587 
_reflns.pdbx_scaling_rejects             ? 
_reflns.pdbx_d_res_high_opt              ? 
_reflns.pdbx_d_res_low_opt               ? 
_reflns.pdbx_d_res_opt_method            ? 
_reflns.phase_calculation_details        ? 
_reflns.pdbx_Rrim_I_all                  0.046 
_reflns.pdbx_Rpim_I_all                  0.017 
_reflns.pdbx_d_opt                       ? 
_reflns.pdbx_number_measured_all         116330 
_reflns.pdbx_diffrn_id                   1 
_reflns.pdbx_ordinal                     1 
_reflns.pdbx_CC_half                     ? 
_reflns.pdbx_R_split                     ? 
# 
loop_
_reflns_shell.d_res_high 
_reflns_shell.d_res_low 
_reflns_shell.meanI_over_sigI_all 
_reflns_shell.meanI_over_sigI_obs 
_reflns_shell.number_measured_all 
_reflns_shell.number_measured_obs 
_reflns_shell.number_possible 
_reflns_shell.number_unique_all 
_reflns_shell.number_unique_obs 
_reflns_shell.percent_possible_all 
_reflns_shell.percent_possible_obs 
_reflns_shell.Rmerge_F_all 
_reflns_shell.Rmerge_F_obs 
_reflns_shell.Rmerge_I_all 
_reflns_shell.Rmerge_I_obs 
_reflns_shell.meanI_over_sigI_gt 
_reflns_shell.meanI_over_uI_all 
_reflns_shell.meanI_over_uI_gt 
_reflns_shell.number_measured_gt 
_reflns_shell.number_unique_gt 
_reflns_shell.percent_possible_gt 
_reflns_shell.Rmerge_F_gt 
_reflns_shell.Rmerge_I_gt 
_reflns_shell.pdbx_redundancy 
_reflns_shell.pdbx_Rsym_value 
_reflns_shell.pdbx_chi_squared 
_reflns_shell.pdbx_netI_over_sigmaI_all 
_reflns_shell.pdbx_netI_over_sigmaI_obs 
_reflns_shell.pdbx_Rrim_I_all 
_reflns_shell.pdbx_Rpim_I_all 
_reflns_shell.pdbx_rejects 
_reflns_shell.pdbx_ordinal 
_reflns_shell.pdbx_diffrn_id 
_reflns_shell.pdbx_CC_half 
_reflns_shell.pdbx_R_split 
1.650 1.680  ? ? ? ? ? 750 ? 96.800  ? ? ? ? 0.303 ? ? ? ? ? ? ? ? 5.600 ? 0.888 ? ? 0.334 0.138 0 1  1 0.957 ? 
1.680 1.710  ? ? ? ? ? 774 ? 99.900  ? ? ? ? 0.277 ? ? ? ? ? ? ? ? 6.600 ? 0.926 ? ? 0.301 0.116 0 2  1 0.969 ? 
1.710 1.740  ? ? ? ? ? 777 ? 100.000 ? ? ? ? 0.246 ? ? ? ? ? ? ? ? 7.300 ? 0.998 ? ? 0.265 0.097 0 3  1 0.978 ? 
1.740 1.780  ? ? ? ? ? 785 ? 100.000 ? ? ? ? 0.206 ? ? ? ? ? ? ? ? 7.400 ? 1.102 ? ? 0.222 0.082 0 4  1 0.986 ? 
1.780 1.820  ? ? ? ? ? 775 ? 100.000 ? ? ? ? 0.173 ? ? ? ? ? ? ? ? 7.400 ? 1.229 ? ? 0.187 0.068 0 5  1 0.985 ? 
1.820 1.860  ? ? ? ? ? 782 ? 100.000 ? ? ? ? 0.150 ? ? ? ? ? ? ? ? 7.500 ? 1.408 ? ? 0.161 0.058 0 6  1 0.989 ? 
1.860 1.900  ? ? ? ? ? 760 ? 100.000 ? ? ? ? 0.135 ? ? ? ? ? ? ? ? 7.500 ? 1.439 ? ? 0.145 0.053 0 7  1 0.992 ? 
1.900 1.960  ? ? ? ? ? 802 ? 100.000 ? ? ? ? 0.110 ? ? ? ? ? ? ? ? 7.500 ? 1.587 ? ? 0.119 0.044 0 8  1 0.990 ? 
1.960 2.010  ? ? ? ? ? 756 ? 100.000 ? ? ? ? 0.097 ? ? ? ? ? ? ? ? 7.500 ? 1.788 ? ? 0.104 0.038 0 9  1 0.996 ? 
2.010 2.080  ? ? ? ? ? 794 ? 100.000 ? ? ? ? 0.083 ? ? ? ? ? ? ? ? 7.500 ? 1.817 ? ? 0.089 0.032 0 10 1 0.996 ? 
2.080 2.150  ? ? ? ? ? 782 ? 100.000 ? ? ? ? 0.071 ? ? ? ? ? ? ? ? 7.600 ? 1.836 ? ? 0.077 0.028 0 11 1 0.995 ? 
2.150 2.240  ? ? ? ? ? 784 ? 100.000 ? ? ? ? 0.063 ? ? ? ? ? ? ? ? 7.600 ? 1.763 ? ? 0.067 0.024 0 12 1 0.998 ? 
2.240 2.340  ? ? ? ? ? 785 ? 100.000 ? ? ? ? 0.057 ? ? ? ? ? ? ? ? 7.600 ? 1.784 ? ? 0.061 0.022 0 13 1 0.998 ? 
2.340 2.460  ? ? ? ? ? 797 ? 100.000 ? ? ? ? 0.051 ? ? ? ? ? ? ? ? 7.700 ? 1.613 ? ? 0.054 0.019 0 14 1 0.999 ? 
2.460 2.620  ? ? ? ? ? 779 ? 99.900  ? ? ? ? 0.046 ? ? ? ? ? ? ? ? 7.700 ? 1.674 ? ? 0.049 0.017 0 15 1 0.999 ? 
2.620 2.820  ? ? ? ? ? 796 ? 100.000 ? ? ? ? 0.043 ? ? ? ? ? ? ? ? 7.700 ? 1.735 ? ? 0.046 0.016 0 16 1 0.999 ? 
2.820 3.110  ? ? ? ? ? 799 ? 100.000 ? ? ? ? 0.040 ? ? ? ? ? ? ? ? 7.700 ? 1.827 ? ? 0.043 0.015 0 17 1 0.999 ? 
3.110 3.550  ? ? ? ? ? 796 ? 100.000 ? ? ? ? 0.037 ? ? ? ? ? ? ? ? 7.600 ? 1.863 ? ? 0.039 0.014 0 18 1 0.999 ? 
3.550 4.480  ? ? ? ? ? 820 ? 100.000 ? ? ? ? 0.034 ? ? ? ? ? ? ? ? 7.600 ? 2.038 ? ? 0.037 0.013 0 19 1 0.999 ? 
4.480 50.000 ? ? ? ? ? 852 ? 97.500  ? ? ? ? 0.033 ? ? ? ? ? ? ? ? 6.800 ? 2.001 ? ? 0.035 0.013 0 20 1 0.999 ? 
# 
_refine.aniso_B[1][1]                            0.7100 
_refine.aniso_B[1][2]                            -0.0000 
_refine.aniso_B[1][3]                            -0.0000 
_refine.aniso_B[2][2]                            0.6400 
_refine.aniso_B[2][3]                            -0.0000 
_refine.aniso_B[3][3]                            -1.3500 
_refine.B_iso_max                                88.650 
_refine.B_iso_mean                               27.0910 
_refine.B_iso_min                                14.960 
_refine.correlation_coeff_Fo_to_Fc               0.9620 
_refine.correlation_coeff_Fo_to_Fc_free          0.9560 
_refine.details                                  
'HYDROGENS HAVE BEEN ADDED IN THE RIDING POSITIONS U VALUES      : REFINED INDIVIDUALLY' 
_refine.diff_density_max                         ? 
_refine.diff_density_max_esd                     ? 
_refine.diff_density_min                         ? 
_refine.diff_density_min_esd                     ? 
_refine.diff_density_rms                         ? 
_refine.diff_density_rms_esd                     ? 
_refine.entry_id                                 5E16 
_refine.pdbx_refine_id                           'X-RAY DIFFRACTION' 
_refine.ls_abs_structure_details                 ? 
_refine.ls_abs_structure_Flack                   ? 
_refine.ls_abs_structure_Flack_esd               ? 
_refine.ls_abs_structure_Rogers                  ? 
_refine.ls_abs_structure_Rogers_esd              ? 
_refine.ls_d_res_high                            1.6500 
_refine.ls_d_res_low                             46.1800 
_refine.ls_extinction_coef                       ? 
_refine.ls_extinction_coef_esd                   ? 
_refine.ls_extinction_expression                 ? 
_refine.ls_extinction_method                     ? 
_refine.ls_goodness_of_fit_all                   ? 
_refine.ls_goodness_of_fit_all_esd               ? 
_refine.ls_goodness_of_fit_obs                   ? 
_refine.ls_goodness_of_fit_obs_esd               ? 
_refine.ls_hydrogen_treatment                    ? 
_refine.ls_matrix_type                           ? 
_refine.ls_number_constraints                    ? 
_refine.ls_number_parameters                     ? 
_refine.ls_number_reflns_all                     ? 
_refine.ls_number_reflns_obs                     14851 
_refine.ls_number_reflns_R_free                  813 
_refine.ls_number_reflns_R_work                  ? 
_refine.ls_number_restraints                     ? 
_refine.ls_percent_reflns_obs                    99.2200 
_refine.ls_percent_reflns_R_free                 5.2000 
_refine.ls_R_factor_all                          ? 
_refine.ls_R_factor_obs                          0.1972 
_refine.ls_R_factor_R_free                       0.2268 
_refine.ls_R_factor_R_free_error                 ? 
_refine.ls_R_factor_R_free_error_details         ? 
_refine.ls_R_factor_R_work                       0.1955 
_refine.ls_R_Fsqd_factor_obs                     ? 
_refine.ls_R_I_factor_obs                        ? 
_refine.ls_redundancy_reflns_all                 ? 
_refine.ls_redundancy_reflns_obs                 ? 
_refine.ls_restrained_S_all                      ? 
_refine.ls_restrained_S_obs                      ? 
_refine.ls_shift_over_esd_max                    ? 
_refine.ls_shift_over_esd_mean                   ? 
_refine.ls_structure_factor_coef                 ? 
_refine.ls_weighting_details                     ? 
_refine.ls_weighting_scheme                      ? 
_refine.ls_wR_factor_all                         ? 
_refine.ls_wR_factor_obs                         ? 
_refine.ls_wR_factor_R_free                      ? 
_refine.ls_wR_factor_R_work                      ? 
_refine.occupancy_max                            ? 
_refine.occupancy_min                            ? 
_refine.solvent_model_details                    MASK 
_refine.solvent_model_param_bsol                 ? 
_refine.solvent_model_param_ksol                 ? 
_refine.ls_R_factor_gt                           ? 
_refine.ls_goodness_of_fit_gt                    ? 
_refine.ls_goodness_of_fit_ref                   ? 
_refine.ls_shift_over_su_max                     ? 
_refine.ls_shift_over_su_max_lt                  ? 
_refine.ls_shift_over_su_mean                    ? 
_refine.ls_shift_over_su_mean_lt                 ? 
_refine.pdbx_ls_sigma_I                          ? 
_refine.pdbx_ls_sigma_F                          0.000 
_refine.pdbx_ls_sigma_Fsqd                       ? 
_refine.pdbx_data_cutoff_high_absF               ? 
_refine.pdbx_data_cutoff_high_rms_absF           ? 
_refine.pdbx_data_cutoff_low_absF                ? 
_refine.pdbx_isotropic_thermal_model             ? 
_refine.pdbx_ls_cross_valid_method               THROUGHOUT 
_refine.pdbx_method_to_determine_struct          'MOLECULAR REPLACEMENT' 
_refine.pdbx_starting_model                      4MYJ 
_refine.pdbx_stereochemistry_target_values       'MAXIMUM LIKELIHOOD' 
_refine.pdbx_R_Free_selection_details            RANDOM 
_refine.pdbx_stereochem_target_val_spec_case     ? 
_refine.pdbx_overall_ESU_R                       0.1170 
_refine.pdbx_overall_ESU_R_Free                  0.1110 
_refine.pdbx_solvent_vdw_probe_radii             1.2000 
_refine.pdbx_solvent_ion_probe_radii             0.8000 
_refine.pdbx_solvent_shrinkage_radii             0.8000 
_refine.pdbx_real_space_R                        ? 
_refine.pdbx_density_correlation                 ? 
_refine.pdbx_pd_number_of_powder_patterns        ? 
_refine.pdbx_pd_number_of_points                 ? 
_refine.pdbx_pd_meas_number_of_points            ? 
_refine.pdbx_pd_proc_ls_prof_R_factor            ? 
_refine.pdbx_pd_proc_ls_prof_wR_factor           ? 
_refine.pdbx_pd_Marquardt_correlation_coeff      ? 
_refine.pdbx_pd_Fsqrd_R_factor                   ? 
_refine.pdbx_pd_ls_matrix_band_width             ? 
_refine.pdbx_overall_phase_error                 ? 
_refine.pdbx_overall_SU_R_free_Cruickshank_DPI   ? 
_refine.pdbx_overall_SU_R_free_Blow_DPI          ? 
_refine.pdbx_overall_SU_R_Blow_DPI               ? 
_refine.pdbx_TLS_residual_ADP_flag               ? 
_refine.pdbx_diffrn_id                           1 
_refine.overall_SU_B                             2.3580 
_refine.overall_SU_ML                            0.0810 
_refine.overall_SU_R_Cruickshank_DPI             ? 
_refine.overall_SU_R_free                        ? 
_refine.overall_FOM_free_R_set                   ? 
_refine.overall_FOM_work_R_set                   ? 
_refine.pdbx_average_fsc_overall                 ? 
_refine.pdbx_average_fsc_work                    ? 
_refine.pdbx_average_fsc_free                    ? 
# 
_refine_hist.cycle_id                         final 
_refine_hist.pdbx_refine_id                   'X-RAY DIFFRACTION' 
_refine_hist.d_res_high                       1.6500 
_refine_hist.d_res_low                        46.1800 
_refine_hist.pdbx_number_atoms_ligand         23 
_refine_hist.number_atoms_solvent             104 
_refine_hist.number_atoms_total               1205 
_refine_hist.pdbx_number_residues_total       138 
_refine_hist.pdbx_B_iso_mean_ligand           19.62 
_refine_hist.pdbx_B_iso_mean_solvent          36.28 
_refine_hist.pdbx_number_atoms_protein        1078 
_refine_hist.pdbx_number_atoms_nucleic_acid   0 
# 
loop_
_refine_ls_restr.pdbx_refine_id 
_refine_ls_restr.criterion 
_refine_ls_restr.dev_ideal 
_refine_ls_restr.dev_ideal_target 
_refine_ls_restr.number 
_refine_ls_restr.rejects 
_refine_ls_restr.type 
_refine_ls_restr.weight 
_refine_ls_restr.pdbx_restraint_function 
'X-RAY DIFFRACTION' ? 0.013  0.019  1170 ? r_bond_refined_d       ? ? 
'X-RAY DIFFRACTION' ? 0.002  0.020  1091 ? r_bond_other_d         ? ? 
'X-RAY DIFFRACTION' ? 1.592  1.971  1589 ? r_angle_refined_deg    ? ? 
'X-RAY DIFFRACTION' ? 0.951  3.000  2514 ? r_angle_other_deg      ? ? 
'X-RAY DIFFRACTION' ? 5.985  5.000  149  ? r_dihedral_angle_1_deg ? ? 
'X-RAY DIFFRACTION' ? 35.808 25.370 54   ? r_dihedral_angle_2_deg ? ? 
'X-RAY DIFFRACTION' ? 11.899 15.000 212  ? r_dihedral_angle_3_deg ? ? 
'X-RAY DIFFRACTION' ? 16.009 15.000 5    ? r_dihedral_angle_4_deg ? ? 
'X-RAY DIFFRACTION' ? 0.093  0.200  180  ? r_chiral_restr         ? ? 
'X-RAY DIFFRACTION' ? 0.006  0.020  1352 ? r_gen_planes_refined   ? ? 
'X-RAY DIFFRACTION' ? 0.001  0.020  277  ? r_gen_planes_other     ? ? 
'X-RAY DIFFRACTION' ? 2.006  2.530  578  ? r_mcbond_it            ? ? 
'X-RAY DIFFRACTION' ? 1.994  2.522  577  ? r_mcbond_other         ? ? 
'X-RAY DIFFRACTION' ? 3.015  3.782  730  ? r_mcangle_it           ? ? 
# 
_refine_ls_shell.pdbx_refine_id                   'X-RAY DIFFRACTION' 
_refine_ls_shell.d_res_high                       1.6490 
_refine_ls_shell.d_res_low                        1.6920 
_refine_ls_shell.number_reflns_all                1115 
_refine_ls_shell.number_reflns_obs                ? 
_refine_ls_shell.number_reflns_R_free             53 
_refine_ls_shell.number_reflns_R_work             1062 
_refine_ls_shell.percent_reflns_obs               95.9600 
_refine_ls_shell.percent_reflns_R_free            ? 
_refine_ls_shell.R_factor_all                     ? 
_refine_ls_shell.R_factor_obs                     ? 
_refine_ls_shell.R_factor_R_free                  0.3000 
_refine_ls_shell.R_factor_R_free_error            ? 
_refine_ls_shell.R_factor_R_work                  0.2710 
_refine_ls_shell.redundancy_reflns_all            ? 
_refine_ls_shell.redundancy_reflns_obs            ? 
_refine_ls_shell.wR_factor_all                    ? 
_refine_ls_shell.wR_factor_obs                    ? 
_refine_ls_shell.wR_factor_R_free                 ? 
_refine_ls_shell.wR_factor_R_work                 ? 
_refine_ls_shell.pdbx_total_number_of_bins_used   20 
_refine_ls_shell.pdbx_phase_error                 ? 
_refine_ls_shell.pdbx_fsc_work                    ? 
_refine_ls_shell.pdbx_fsc_free                    ? 
# 
_struct.entry_id                     5E16 
_struct.title                        
'Co-crystal structure of the N-termial cGMP binding domain of Plasmodium falciparum PKG with cGMP' 
_struct.pdbx_model_details           ? 
_struct.pdbx_formula_weight          ? 
_struct.pdbx_formula_weight_method   ? 
_struct.pdbx_model_type_details      ? 
_struct.pdbx_CASP_flag               ? 
# 
_struct_keywords.entry_id        5E16 
_struct_keywords.text            
'Kinase, cGMP binding domain, Structural Genomics, Structural Genomics Consortium, SGC, TRANSFERASE' 
_struct_keywords.pdbx_keywords   TRANSFERASE 
# 
loop_
_struct_asym.id 
_struct_asym.pdbx_blank_PDB_chainid_flag 
_struct_asym.pdbx_modified 
_struct_asym.entity_id 
_struct_asym.details 
A N N 1 ? 
B N N 2 ? 
C N N 3 ? 
# 
loop_
_struct_conf.conf_type_id 
_struct_conf.id 
_struct_conf.pdbx_PDB_helix_id 
_struct_conf.beg_label_comp_id 
_struct_conf.beg_label_asym_id 
_struct_conf.beg_label_seq_id 
_struct_conf.pdbx_beg_PDB_ins_code 
_struct_conf.end_label_comp_id 
_struct_conf.end_label_asym_id 
_struct_conf.end_label_seq_id 
_struct_conf.pdbx_end_PDB_ins_code 
_struct_conf.beg_auth_comp_id 
_struct_conf.beg_auth_asym_id 
_struct_conf.beg_auth_seq_id 
_struct_conf.end_auth_comp_id 
_struct_conf.end_auth_asym_id 
_struct_conf.end_auth_seq_id 
_struct_conf.pdbx_PDB_helix_class 
_struct_conf.details 
_struct_conf.pdbx_PDB_helix_length 
HELX_P HELX_P1 AA1 GLY A 8   ? HIS A 16  ? GLY A 27  HIS A 35  1 ? 9  
HELX_P HELX_P2 AA2 LEU A 23  ? ASN A 37  ? LEU A 42  ASN A 56  1 ? 15 
HELX_P HELX_P3 AA3 ASN A 44  ? MET A 55  ? ASN A 63  MET A 74  1 ? 12 
HELX_P HELX_P4 AA4 GLY A 103 ? ASN A 110 ? GLY A 122 ASN A 129 1 ? 8  
HELX_P HELX_P5 AA5 ARG A 130 ? GLN A 139 ? ARG A 149 GLN A 158 1 ? 10 
# 
_struct_conf_type.id          HELX_P 
_struct_conf_type.criteria    ? 
_struct_conf_type.reference   ? 
# 
loop_
_struct_sheet.id 
_struct_sheet.type 
_struct_sheet.number_strands 
_struct_sheet.details 
AA1 ? 5 ? 
AA2 ? 4 ? 
# 
loop_
_struct_sheet_order.sheet_id 
_struct_sheet_order.range_id_1 
_struct_sheet_order.range_id_2 
_struct_sheet_order.offset 
_struct_sheet_order.sense 
AA1 1 2 ? anti-parallel 
AA1 2 3 ? anti-parallel 
AA1 3 4 ? anti-parallel 
AA1 4 5 ? anti-parallel 
AA2 1 2 ? anti-parallel 
AA2 2 3 ? anti-parallel 
AA2 3 4 ? anti-parallel 
# 
loop_
_struct_sheet_range.sheet_id 
_struct_sheet_range.id 
_struct_sheet_range.beg_label_comp_id 
_struct_sheet_range.beg_label_asym_id 
_struct_sheet_range.beg_label_seq_id 
_struct_sheet_range.pdbx_beg_PDB_ins_code 
_struct_sheet_range.end_label_comp_id 
_struct_sheet_range.end_label_asym_id 
_struct_sheet_range.end_label_seq_id 
_struct_sheet_range.pdbx_end_PDB_ins_code 
_struct_sheet_range.beg_auth_comp_id 
_struct_sheet_range.beg_auth_asym_id 
_struct_sheet_range.beg_auth_seq_id 
_struct_sheet_range.end_auth_comp_id 
_struct_sheet_range.end_auth_asym_id 
_struct_sheet_range.end_auth_seq_id 
AA1 1 LEU A 17  ? GLU A 18  ? LEU A 36  GLU A 37  
AA1 2 GLN A 56  ? PHE A 60  ? GLN A 75  PHE A 79  
AA1 3 GLY A 123 ? GLN A 129 ? GLY A 142 GLN A 148 
AA1 4 TYR A 75  ? SER A 81  ? TYR A 94  SER A 100 
AA1 5 SER A 101 ? PHE A 102 ? SER A 120 PHE A 121 
AA2 1 LEU A 65  ? ILE A 67  ? LEU A 84  ILE A 86  
AA2 2 THR A 116 ? ALA A 119 ? THR A 135 ALA A 138 
AA2 3 PHE A 84  ? VAL A 88  ? PHE A 103 VAL A 107 
AA2 4 LYS A 91  ? MET A 96  ? LYS A 110 MET A 115 
# 
loop_
_pdbx_struct_sheet_hbond.sheet_id 
_pdbx_struct_sheet_hbond.range_id_1 
_pdbx_struct_sheet_hbond.range_id_2 
_pdbx_struct_sheet_hbond.range_1_label_atom_id 
_pdbx_struct_sheet_hbond.range_1_label_comp_id 
_pdbx_struct_sheet_hbond.range_1_label_asym_id 
_pdbx_struct_sheet_hbond.range_1_label_seq_id 
_pdbx_struct_sheet_hbond.range_1_PDB_ins_code 
_pdbx_struct_sheet_hbond.range_1_auth_atom_id 
_pdbx_struct_sheet_hbond.range_1_auth_comp_id 
_pdbx_struct_sheet_hbond.range_1_auth_asym_id 
_pdbx_struct_sheet_hbond.range_1_auth_seq_id 
_pdbx_struct_sheet_hbond.range_2_label_atom_id 
_pdbx_struct_sheet_hbond.range_2_label_comp_id 
_pdbx_struct_sheet_hbond.range_2_label_asym_id 
_pdbx_struct_sheet_hbond.range_2_label_seq_id 
_pdbx_struct_sheet_hbond.range_2_PDB_ins_code 
_pdbx_struct_sheet_hbond.range_2_auth_atom_id 
_pdbx_struct_sheet_hbond.range_2_auth_comp_id 
_pdbx_struct_sheet_hbond.range_2_auth_asym_id 
_pdbx_struct_sheet_hbond.range_2_auth_seq_id 
AA1 1 2 N GLU A 18  ? N GLU A 37  O PHE A 57  ? O PHE A 76  
AA1 2 3 N PHE A 60  ? N PHE A 79  O GLY A 123 ? O GLY A 142 
AA1 3 4 O TRP A 126 ? O TRP A 145 N ILE A 78  ? N ILE A 97  
AA1 4 5 N PHE A 77  ? N PHE A 96  O PHE A 102 ? O PHE A 121 
AA2 1 2 N VAL A 66  ? N VAL A 85  O ILE A 117 ? O ILE A 136 
AA2 2 3 O THR A 116 ? O THR A 135 N TYR A 87  ? N TYR A 106 
AA2 3 4 N PHE A 84  ? N PHE A 103 O MET A 96  ? O MET A 115 
# 
_struct_site.id                   AC1 
_struct_site.pdbx_evidence_code   Software 
_struct_site.pdbx_auth_asym_id    A 
_struct_site.pdbx_auth_comp_id    PCG 
_struct_site.pdbx_auth_seq_id     601 
_struct_site.pdbx_auth_ins_code   ? 
_struct_site.pdbx_num_residues    14 
_struct_site.details              'binding site for residue PCG A 601' 
# 
loop_
_struct_site_gen.id 
_struct_site_gen.site_id 
_struct_site_gen.pdbx_num_res 
_struct_site_gen.label_comp_id 
_struct_site_gen.label_asym_id 
_struct_site_gen.label_seq_id 
_struct_site_gen.pdbx_auth_ins_code 
_struct_site_gen.auth_comp_id 
_struct_site_gen.auth_asym_id 
_struct_site_gen.auth_seq_id 
_struct_site_gen.label_atom_id 
_struct_site_gen.label_alt_id 
_struct_site_gen.symmetry 
_struct_site_gen.details 
1  AC1 14 ASN A 36  ? ASN A 55  . ? 4_555 ? 
2  AC1 14 VAL A 88  ? VAL A 107 . ? 1_555 ? 
3  AC1 14 LYS A 94  ? LYS A 113 . ? 1_555 ? 
4  AC1 14 PHE A 102 ? PHE A 121 . ? 1_555 ? 
5  AC1 14 GLY A 103 ? GLY A 122 . ? 1_555 ? 
6  AC1 14 GLU A 104 ? GLU A 123 . ? 1_555 ? 
7  AC1 14 ALA A 105 ? ALA A 124 . ? 1_555 ? 
8  AC1 14 ALA A 106 ? ALA A 125 . ? 1_555 ? 
9  AC1 14 ARG A 113 ? ARG A 132 . ? 1_555 ? 
10 AC1 14 SER A 114 ? SER A 133 . ? 1_555 ? 
11 AC1 14 ALA A 115 ? ALA A 134 . ? 1_555 ? 
12 AC1 14 ILE A 117 ? ILE A 136 . ? 1_555 ? 
13 AC1 14 HOH C .   ? HOH A 760 . ? 1_555 ? 
14 AC1 14 HOH C .   ? HOH A 767 . ? 1_555 ? 
# 
_atom_sites.entry_id                    5E16 
_atom_sites.fract_transf_matrix[1][1]   -0.00217200 
_atom_sites.fract_transf_matrix[1][2]   0.00715460 
_atom_sites.fract_transf_matrix[1][3]   -0.01801605 
_atom_sites.fract_transf_matrix[2][1]   0.00897283 
_atom_sites.fract_transf_matrix[2][2]   -0.01471150 
_atom_sites.fract_transf_matrix[2][3]   -0.00692404 
_atom_sites.fract_transf_matrix[3][1]   -0.00940326 
_atom_sites.fract_transf_matrix[3][2]   -0.00528161 
_atom_sites.fract_transf_matrix[3][3]   -0.00096380 
_atom_sites.fract_transf_vector[1]      0.374400 
_atom_sites.fract_transf_vector[2]      -0.011798 
_atom_sites.fract_transf_vector[3]      0.139764 
# 
loop_
_atom_type.symbol 
C 
N 
O 
P 
S 
# 
loop_
_atom_site.group_PDB 
_atom_site.id 
_atom_site.type_symbol 
_atom_site.label_atom_id 
_atom_site.label_alt_id 
_atom_site.label_comp_id 
_atom_site.label_asym_id 
_atom_site.label_entity_id 
_atom_site.label_seq_id 
_atom_site.pdbx_PDB_ins_code 
_atom_site.Cartn_x 
_atom_site.Cartn_y 
_atom_site.Cartn_z 
_atom_site.occupancy 
_atom_site.B_iso_or_equiv 
_atom_site.pdbx_formal_charge 
_atom_site.auth_seq_id 
_atom_site.auth_comp_id 
_atom_site.auth_asym_id 
_atom_site.auth_atom_id 
_atom_site.pdbx_PDB_model_num 
ATOM   1    N N     . SER A 1 2   ? -4.738  -21.837 -14.318 1.00 46.88 ? 21  SER A N     1 
ATOM   2    C CA    . SER A 1 2   ? -5.793  -22.038 -13.277 1.00 44.19 ? 21  SER A CA    1 
ATOM   3    C C     . SER A 1 2   ? -5.167  -22.304 -11.896 1.00 45.94 ? 21  SER A C     1 
ATOM   4    O O     . SER A 1 2   ? -5.692  -21.832 -10.876 1.00 41.61 ? 21  SER A O     1 
ATOM   5    C CB    . SER A 1 2   ? -6.773  -23.147 -13.695 1.00 44.16 ? 21  SER A CB    1 
ATOM   6    N N     . ASN A 1 3   ? -4.045  -23.047 -11.867 1.00 44.07 ? 22  ASN A N     1 
ATOM   7    C CA    . ASN A 1 3   ? -3.288  -23.285 -10.615 1.00 44.06 ? 22  ASN A CA    1 
ATOM   8    C C     . ASN A 1 3   ? -2.787  -21.969 -9.976  1.00 45.99 ? 22  ASN A C     1 
ATOM   9    O O     . ASN A 1 3   ? -2.611  -21.907 -8.749  1.00 48.07 ? 22  ASN A O     1 
ATOM   10   C CB    . ASN A 1 3   ? -2.085  -24.240 -10.847 1.00 41.56 ? 22  ASN A CB    1 
ATOM   11   C CG    . ASN A 1 3   ? -2.500  -25.666 -11.244 1.00 40.09 ? 22  ASN A CG    1 
ATOM   12   O OD1   . ASN A 1 3   ? -3.678  -26.011 -11.253 1.00 38.84 ? 22  ASN A OD1   1 
ATOM   13   N ND2   . ASN A 1 3   ? -1.508  -26.501 -11.588 1.00 39.86 ? 22  ASN A ND2   1 
ATOM   14   N N     . ASP A 1 4   ? -2.585  -20.936 -10.807 1.00 48.01 ? 23  ASP A N     1 
ATOM   15   C CA    . ASP A 1 4   ? -2.045  -19.634 -10.373 1.00 49.71 ? 23  ASP A CA    1 
ATOM   16   C C     . ASP A 1 4   ? -3.109  -18.558 -10.084 1.00 49.88 ? 23  ASP A C     1 
ATOM   17   O O     . ASP A 1 4   ? -2.755  -17.440 -9.696  1.00 47.96 ? 23  ASP A O     1 
ATOM   18   C CB    . ASP A 1 4   ? -1.098  -19.079 -11.449 1.00 51.35 ? 23  ASP A CB    1 
ATOM   19   C CG    . ASP A 1 4   ? -0.140  -20.126 -11.984 1.00 55.20 ? 23  ASP A CG    1 
ATOM   20   O OD1   . ASP A 1 4   ? 0.579   -20.740 -11.168 1.00 54.75 ? 23  ASP A OD1   1 
ATOM   21   O OD2   . ASP A 1 4   ? -0.119  -20.334 -13.221 1.00 56.35 ? 23  ASP A OD2   1 
ATOM   22   N N     . ASP A 1 5   ? -4.390  -18.888 -10.255 1.00 48.27 ? 24  ASP A N     1 
ATOM   23   C CA    . ASP A 1 5   ? -5.476  -17.879 -10.177 1.00 49.65 ? 24  ASP A CA    1 
ATOM   24   C C     . ASP A 1 5   ? -5.644  -17.186 -8.818  1.00 47.99 ? 24  ASP A C     1 
ATOM   25   O O     . ASP A 1 5   ? -6.022  -16.007 -8.776  1.00 45.09 ? 24  ASP A O     1 
ATOM   26   C CB    . ASP A 1 5   ? -6.824  -18.488 -10.604 1.00 49.48 ? 24  ASP A CB    1 
ATOM   27   C CG    . ASP A 1 5   ? -6.958  -18.655 -12.121 1.00 52.04 ? 24  ASP A CG    1 
ATOM   28   O OD1   . ASP A 1 5   ? -6.078  -18.198 -12.891 1.00 51.78 ? 24  ASP A OD1   1 
ATOM   29   O OD2   . ASP A 1 5   ? -7.976  -19.238 -12.547 1.00 56.75 ? 24  ASP A OD2   1 
ATOM   30   N N     . PHE A 1 6   ? -5.375  -17.898 -7.721  1.00 46.39 ? 25  PHE A N     1 
ATOM   31   C CA    . PHE A 1 6   ? -5.600  -17.342 -6.381  1.00 47.37 ? 25  PHE A CA    1 
ATOM   32   C C     . PHE A 1 6   ? -4.285  -17.167 -5.603  1.00 44.11 ? 25  PHE A C     1 
ATOM   33   O O     . PHE A 1 6   ? -4.253  -17.200 -4.369  1.00 41.17 ? 25  PHE A O     1 
ATOM   34   C CB    . PHE A 1 6   ? -6.664  -18.168 -5.646  1.00 48.81 ? 25  PHE A CB    1 
ATOM   35   C CG    . PHE A 1 6   ? -8.014  -18.150 -6.339  1.00 52.49 ? 25  PHE A CG    1 
ATOM   36   C CD1   . PHE A 1 6   ? -8.263  -18.963 -7.455  1.00 50.06 ? 25  PHE A CD1   1 
ATOM   37   C CD2   . PHE A 1 6   ? -9.031  -17.304 -5.896  1.00 52.50 ? 25  PHE A CD2   1 
ATOM   38   C CE1   . PHE A 1 6   ? -9.495  -18.936 -8.101  1.00 53.73 ? 25  PHE A CE1   1 
ATOM   39   C CE2   . PHE A 1 6   ? -10.271 -17.280 -6.540  1.00 54.60 ? 25  PHE A CE2   1 
ATOM   40   C CZ    . PHE A 1 6   ? -10.502 -18.095 -7.642  1.00 54.37 ? 25  PHE A CZ    1 
ATOM   41   N N     . THR A 1 7   ? -3.208  -16.975 -6.366  1.00 44.42 ? 26  THR A N     1 
ATOM   42   C CA    . THR A 1 7   ? -1.908  -16.575 -5.866  1.00 44.52 ? 26  THR A CA    1 
ATOM   43   C C     . THR A 1 7   ? -1.679  -15.201 -6.463  1.00 43.65 ? 26  THR A C     1 
ATOM   44   O O     . THR A 1 7   ? -2.094  -14.945 -7.596  1.00 46.49 ? 26  THR A O     1 
ATOM   45   C CB    . THR A 1 7   ? -0.810  -17.542 -6.353  1.00 46.13 ? 26  THR A CB    1 
ATOM   46   O OG1   . THR A 1 7   ? -1.161  -18.878 -5.961  1.00 46.78 ? 26  THR A OG1   1 
ATOM   47   C CG2   . THR A 1 7   ? 0.561   -17.164 -5.781  1.00 44.58 ? 26  THR A CG2   1 
ATOM   48   N N     . GLY A 1 8   ? -1.042  -14.317 -5.707  1.00 36.40 ? 27  GLY A N     1 
ATOM   49   C CA    . GLY A 1 8   ? -0.840  -12.940 -6.156  1.00 33.45 ? 27  GLY A CA    1 
ATOM   50   C C     . GLY A 1 8   ? -1.469  -11.966 -5.188  1.00 27.56 ? 27  GLY A C     1 
ATOM   51   O O     . GLY A 1 8   ? -2.315  -12.324 -4.370  1.00 26.68 ? 27  GLY A O     1 
ATOM   52   N N     . GLU A 1 9   ? -1.074  -10.704 -5.325  1.00 26.65 ? 28  GLU A N     1 
ATOM   53   C CA    . GLU A 1 9   ? -1.476  -9.688  -4.366  1.00 23.69 ? 28  GLU A CA    1 
ATOM   54   C C     . GLU A 1 9   ? -2.967  -9.455  -4.270  1.00 23.70 ? 28  GLU A C     1 
ATOM   55   O O     . GLU A 1 9   ? -3.456  -9.191  -3.191  1.00 23.98 ? 28  GLU A O     1 
ATOM   56   C CB    . GLU A 1 9   ? -0.779  -8.361  -4.675  1.00 22.95 ? 28  GLU A CB    1 
ATOM   57   C CG    . GLU A 1 9   ? 0.667   -8.369  -4.232  1.00 22.77 ? 28  GLU A CG    1 
ATOM   58   C CD    . GLU A 1 9   ? 1.378   -7.062  -4.391  1.00 21.43 ? 28  GLU A CD    1 
ATOM   59   O OE1   . GLU A 1 9   ? 0.709   -6.032  -4.682  1.00 20.08 ? 28  GLU A OE1   1 
ATOM   60   O OE2   . GLU A 1 9   ? 2.633   -7.055  -4.269  1.00 20.80 ? 28  GLU A OE2   1 
ATOM   61   N N     A ASP A 1 10  ? -3.681  -9.526  -5.393  0.50 24.97 ? 29  ASP A N     1 
ATOM   62   N N     B ASP A 1 10  ? -3.697  -9.531  -5.382  0.50 24.90 ? 29  ASP A N     1 
ATOM   63   C CA    A ASP A 1 10  ? -5.123  -9.301  -5.352  0.50 25.50 ? 29  ASP A CA    1 
ATOM   64   C CA    B ASP A 1 10  ? -5.138  -9.292  -5.301  0.50 25.38 ? 29  ASP A CA    1 
ATOM   65   C C     A ASP A 1 10  ? -5.822  -10.323 -4.435  0.50 25.03 ? 29  ASP A C     1 
ATOM   66   C C     B ASP A 1 10  ? -5.823  -10.326 -4.403  0.50 24.92 ? 29  ASP A C     1 
ATOM   67   O O     A ASP A 1 10  ? -6.716  -9.958  -3.658  0.50 24.92 ? 29  ASP A O     1 
ATOM   68   O O     B ASP A 1 10  ? -6.715  -9.976  -3.613  0.50 24.71 ? 29  ASP A O     1 
ATOM   69   C CB    A ASP A 1 10  ? -5.722  -9.277  -6.764  0.50 27.22 ? 29  ASP A CB    1 
ATOM   70   C CB    B ASP A 1 10  ? -5.786  -9.245  -6.682  0.50 26.84 ? 29  ASP A CB    1 
ATOM   71   C CG    A ASP A 1 10  ? -5.677  -7.879  -7.407  0.50 28.69 ? 29  ASP A CG    1 
ATOM   72   C CG    B ASP A 1 10  ? -5.741  -10.573 -7.385  0.50 28.28 ? 29  ASP A CG    1 
ATOM   73   O OD1   A ASP A 1 10  ? -5.865  -6.880  -6.695  0.50 28.14 ? 29  ASP A OD1   1 
ATOM   74   O OD1   B ASP A 1 10  ? -4.647  -11.176 -7.412  0.50 29.18 ? 29  ASP A OD1   1 
ATOM   75   O OD2   A ASP A 1 10  ? -5.463  -7.776  -8.636  0.50 31.06 ? 29  ASP A OD2   1 
ATOM   76   O OD2   B ASP A 1 10  ? -6.791  -11.024 -7.890  0.50 28.42 ? 29  ASP A OD2   1 
ATOM   77   N N     . SER A 1 11  ? -5.376  -11.591 -4.493  1.00 24.04 ? 30  SER A N     1 
ATOM   78   C CA    . SER A 1 11  ? -5.917  -12.642 -3.663  1.00 23.82 ? 30  SER A CA    1 
ATOM   79   C C     . SER A 1 11  ? -5.509  -12.492 -2.194  1.00 20.68 ? 30  SER A C     1 
ATOM   80   O O     . SER A 1 11  ? -6.344  -12.593 -1.317  1.00 23.73 ? 30  SER A O     1 
ATOM   81   C CB    . SER A 1 11  ? -5.507  -14.029 -4.194  1.00 25.91 ? 30  SER A CB    1 
ATOM   82   O OG    . SER A 1 11  ? -6.119  -14.266 -5.443  1.00 29.56 ? 30  SER A OG    1 
ATOM   83   N N     . LEU A 1 12  ? -4.231  -12.218 -1.952  1.00 21.26 ? 31  LEU A N     1 
ATOM   84   C CA    . LEU A 1 12  ? -3.717  -12.033 -0.593  1.00 24.73 ? 31  LEU A CA    1 
ATOM   85   C C     . LEU A 1 12  ? -4.351  -10.852 0.093   1.00 25.49 ? 31  LEU A C     1 
ATOM   86   O O     . LEU A 1 12  ? -4.812  -10.983 1.229   1.00 27.53 ? 31  LEU A O     1 
ATOM   87   C CB    . LEU A 1 12  ? -2.181  -11.892 -0.542  1.00 28.64 ? 31  LEU A CB    1 
ATOM   88   C CG    . LEU A 1 12  ? -1.625  -11.706 0.894   1.00 30.89 ? 31  LEU A CG    1 
ATOM   89   C CD1   . LEU A 1 12  ? -1.957  -12.920 1.764   1.00 33.32 ? 31  LEU A CD1   1 
ATOM   90   C CD2   . LEU A 1 12  ? -0.126  -11.408 0.948   1.00 35.10 ? 31  LEU A CD2   1 
ATOM   91   N N     . MET A 1 13  ? -4.417  -9.705  -0.602  1.00 24.27 ? 32  MET A N     1 
ATOM   92   C CA    . MET A 1 13  ? -4.980  -8.498  0.042   1.00 24.74 ? 32  MET A CA    1 
ATOM   93   C C     . MET A 1 13  ? -6.474  -8.632  0.303   1.00 25.31 ? 32  MET A C     1 
ATOM   94   O O     . MET A 1 13  ? -6.983  -8.161  1.319   1.00 24.89 ? 32  MET A O     1 
ATOM   95   C CB    . MET A 1 13  ? -4.705  -7.232  -0.790  1.00 27.02 ? 32  MET A CB    1 
ATOM   96   C CG    . MET A 1 13  ? -3.269  -6.788  -0.841  1.00 29.96 ? 32  MET A CG    1 
ATOM   97   S SD    . MET A 1 13  ? -2.358  -6.748  0.704   1.00 27.06 ? 32  MET A SD    1 
ATOM   98   C CE    . MET A 1 13  ? -1.511  -8.318  0.892   1.00 31.49 ? 32  MET A CE    1 
ATOM   99   N N     . GLU A 1 14  ? -7.184  -9.309  -0.600  1.00 25.44 ? 33  GLU A N     1 
ATOM   100  C CA    . GLU A 1 14  ? -8.593  -9.531  -0.399  1.00 26.13 ? 33  GLU A CA    1 
ATOM   101  C C     . GLU A 1 14  ? -8.780  -10.223 0.934   1.00 24.62 ? 33  GLU A C     1 
ATOM   102  O O     . GLU A 1 14  ? -9.655  -9.886  1.699   1.00 24.47 ? 33  GLU A O     1 
ATOM   103  C CB    . GLU A 1 14  ? -9.206  -10.325 -1.558  1.00 27.18 ? 33  GLU A CB    1 
ATOM   104  C CG    . GLU A 1 14  ? -10.552 -10.891 -1.201  1.00 29.54 ? 33  GLU A CG    1 
ATOM   105  C CD    . GLU A 1 14  ? -11.378 -11.374 -2.368  1.00 32.71 ? 33  GLU A CD    1 
ATOM   106  O OE1   . GLU A 1 14  ? -10.888 -11.407 -3.520  1.00 36.83 ? 33  GLU A OE1   1 
ATOM   107  O OE2   . GLU A 1 14  ? -12.548 -11.700 -2.067  1.00 36.56 ? 33  GLU A OE2   1 
ATOM   108  N N     . ASP A 1 15  ? -7.904  -11.184 1.238   1.00 26.01 ? 34  ASP A N     1 
ATOM   109  C CA    . ASP A 1 15  ? -7.980  -11.887 2.505   1.00 26.14 ? 34  ASP A CA    1 
ATOM   110  C C     . ASP A 1 15  ? -7.749  -11.002 3.747   1.00 27.45 ? 34  ASP A C     1 
ATOM   111  O O     . ASP A 1 15  ? -8.263  -11.296 4.823   1.00 27.21 ? 34  ASP A O     1 
ATOM   112  C CB    . ASP A 1 15  ? -6.977  -13.058 2.460   1.00 28.01 ? 34  ASP A CB    1 
ATOM   113  C CG    . ASP A 1 15  ? -7.289  -14.126 3.461   1.00 30.16 ? 34  ASP A CG    1 
ATOM   114  O OD1   . ASP A 1 15  ? -8.392  -14.675 3.401   1.00 31.49 ? 34  ASP A OD1   1 
ATOM   115  O OD2   . ASP A 1 15  ? -6.415  -14.422 4.299   1.00 32.42 ? 34  ASP A OD2   1 
ATOM   116  N N     . HIS A 1 16  ? -7.008  -9.896  3.601   1.00 23.91 ? 35  HIS A N     1 
ATOM   117  C CA    . HIS A 1 16  ? -6.796  -8.924  4.695   1.00 22.54 ? 35  HIS A CA    1 
ATOM   118  C C     . HIS A 1 16  ? -7.746  -7.718  4.785   1.00 20.75 ? 35  HIS A C     1 
ATOM   119  O O     . HIS A 1 16  ? -7.714  -6.918  5.751   1.00 22.16 ? 35  HIS A O     1 
ATOM   120  C CB    . HIS A 1 16  ? -5.352  -8.406  4.653   1.00 22.74 ? 35  HIS A CB    1 
ATOM   121  C CG    . HIS A 1 16  ? -4.338  -9.462  4.950   1.00 24.29 ? 35  HIS A CG    1 
ATOM   122  N ND1   . HIS A 1 16  ? -3.870  -9.701  6.225   1.00 23.99 ? 35  HIS A ND1   1 
ATOM   123  C CD2   . HIS A 1 16  ? -3.699  -10.332 4.145   1.00 25.97 ? 35  HIS A CD2   1 
ATOM   124  C CE1   . HIS A 1 16  ? -2.998  -10.687 6.194   1.00 25.19 ? 35  HIS A CE1   1 
ATOM   125  N NE2   . HIS A 1 16  ? -2.861  -11.086 4.944   1.00 25.81 ? 35  HIS A NE2   1 
ATOM   126  N N     . LEU A 1 17  ? -8.610  -7.572  3.801   1.00 20.23 ? 36  LEU A N     1 
ATOM   127  C CA    . LEU A 1 17  ? -9.569  -6.478  3.800   1.00 21.64 ? 36  LEU A CA    1 
ATOM   128  C C     . LEU A 1 17  ? -10.575 -6.487  4.944   1.00 24.04 ? 36  LEU A C     1 
ATOM   129  O O     . LEU A 1 17  ? -11.189 -7.548  5.265   1.00 25.47 ? 36  LEU A O     1 
ATOM   130  C CB    . LEU A 1 17  ? -10.367 -6.504  2.508   1.00 20.35 ? 36  LEU A CB    1 
ATOM   131  C CG    . LEU A 1 17  ? -11.420 -5.437  2.262   1.00 20.30 ? 36  LEU A CG    1 
ATOM   132  C CD1   . LEU A 1 17  ? -10.776 -4.071  2.194   1.00 19.89 ? 36  LEU A CD1   1 
ATOM   133  C CD2   . LEU A 1 17  ? -12.150 -5.757  0.955   1.00 20.72 ? 36  LEU A CD2   1 
ATOM   134  N N     . GLU A 1 18  ? -10.783 -5.313  5.492   1.00 25.05 ? 37  GLU A N     1 
ATOM   135  C CA    . GLU A 1 18  ? -11.852 -5.037  6.424   1.00 25.75 ? 37  GLU A CA    1 
ATOM   136  C C     . GLU A 1 18  ? -12.616 -3.813  5.935   1.00 26.26 ? 37  GLU A C     1 
ATOM   137  O O     . GLU A 1 18  ? -12.078 -2.725  5.798   1.00 26.04 ? 37  GLU A O     1 
ATOM   138  C CB    . GLU A 1 18  ? -11.247 -4.804  7.797   1.00 29.79 ? 37  GLU A CB    1 
ATOM   139  C CG    . GLU A 1 18  ? -12.215 -4.718  8.941   1.00 32.72 ? 37  GLU A CG    1 
ATOM   140  C CD    . GLU A 1 18  ? -11.448 -4.556  10.244  1.00 36.59 ? 37  GLU A CD    1 
ATOM   141  O OE1   . GLU A 1 18  ? -10.896 -5.580  10.727  1.00 35.19 ? 37  GLU A OE1   1 
ATOM   142  O OE2   . GLU A 1 18  ? -11.389 -3.395  10.735  1.00 40.53 ? 37  GLU A OE2   1 
ATOM   143  N N     . LEU A 1 19  ? -13.893 -3.993  5.678   1.00 25.13 ? 38  LEU A N     1 
ATOM   144  C CA    . LEU A 1 19  ? -14.773 -2.902  5.360   1.00 27.64 ? 38  LEU A CA    1 
ATOM   145  C C     . LEU A 1 19  ? -14.746 -1.919  6.545   1.00 30.16 ? 38  LEU A C     1 
ATOM   146  O O     . LEU A 1 19  ? -14.738 -2.352  7.713   1.00 30.75 ? 38  LEU A O     1 
ATOM   147  C CB    . LEU A 1 19  ? -16.196 -3.422  5.087   1.00 29.99 ? 38  LEU A CB    1 
ATOM   148  C CG    . LEU A 1 19  ? -16.339 -4.228  3.775   1.00 32.48 ? 38  LEU A CG    1 
ATOM   149  C CD1   . LEU A 1 19  ? -17.783 -4.622  3.514   1.00 33.93 ? 38  LEU A CD1   1 
ATOM   150  C CD2   . LEU A 1 19  ? -15.766 -3.500  2.555   1.00 33.49 ? 38  LEU A CD2   1 
ATOM   151  N N     A ARG A 1 20  ? -14.700 -0.624  6.242   0.50 30.69 ? 39  ARG A N     1 
ATOM   152  N N     B ARG A 1 20  ? -14.694 -0.624  6.244   0.50 31.22 ? 39  ARG A N     1 
ATOM   153  C CA    A ARG A 1 20  ? -14.526 0.414   7.262   0.50 34.80 ? 39  ARG A CA    1 
ATOM   154  C CA    B ARG A 1 20  ? -14.528 0.409   7.269   0.50 35.78 ? 39  ARG A CA    1 
ATOM   155  C C     A ARG A 1 20  ? -14.965 1.774   6.724   0.50 34.62 ? 39  ARG A C     1 
ATOM   156  C C     B ARG A 1 20  ? -14.948 1.779   6.735   0.50 35.22 ? 39  ARG A C     1 
ATOM   157  O O     A ARG A 1 20  ? -14.599 2.142   5.613   0.50 37.51 ? 39  ARG A O     1 
ATOM   158  O O     B ARG A 1 20  ? -14.551 2.157   5.638   0.50 38.21 ? 39  ARG A O     1 
ATOM   159  C CB    A ARG A 1 20  ? -13.055 0.479   7.669   0.50 35.30 ? 39  ARG A CB    1 
ATOM   160  C CB    B ARG A 1 20  ? -13.065 0.452   7.716   0.50 37.09 ? 39  ARG A CB    1 
ATOM   161  C CG    A ARG A 1 20  ? -12.788 1.270   8.936   0.50 37.62 ? 39  ARG A CG    1 
ATOM   162  C CG    B ARG A 1 20  ? -12.856 1.099   9.072   0.50 40.44 ? 39  ARG A CG    1 
ATOM   163  C CD    A ARG A 1 20  ? -11.413 1.904   8.884   0.50 37.02 ? 39  ARG A CD    1 
ATOM   164  C CD    B ARG A 1 20  ? -11.440 0.911   9.583   0.50 40.11 ? 39  ARG A CD    1 
ATOM   165  N NE    A ARG A 1 20  ? -11.257 2.953   9.887   0.50 38.53 ? 39  ARG A NE    1 
ATOM   166  N NE    B ARG A 1 20  ? -11.192 1.805   10.707  0.50 43.70 ? 39  ARG A NE    1 
ATOM   167  C CZ    A ARG A 1 20  ? -10.591 2.797   11.026  0.50 40.81 ? 39  ARG A CZ    1 
ATOM   168  C CZ    B ARG A 1 20  ? -11.267 3.134   10.624  0.50 43.56 ? 39  ARG A CZ    1 
ATOM   169  N NH1   A ARG A 1 20  ? -10.006 1.636   11.304  0.50 40.00 ? 39  ARG A NH1   1 
ATOM   170  N NH1   B ARG A 1 20  ? -11.587 3.713   9.476   0.50 44.13 ? 39  ARG A NH1   1 
ATOM   171  N NH2   A ARG A 1 20  ? -10.513 3.801   11.889  0.50 42.20 ? 39  ARG A NH2   1 
ATOM   172  N NH2   B ARG A 1 20  ? -11.039 3.886   11.690  0.50 43.69 ? 39  ARG A NH2   1 
ATOM   173  N N     . GLU A 1 21  ? -15.757 2.521   7.495   1.00 34.89 ? 40  GLU A N     1 
ATOM   174  C CA    . GLU A 1 21  ? -16.058 3.917   7.153   1.00 34.96 ? 40  GLU A CA    1 
ATOM   175  C C     . GLU A 1 21  ? -14.784 4.699   7.548   1.00 35.39 ? 40  GLU A C     1 
ATOM   176  O O     . GLU A 1 21  ? -14.159 4.416   8.584   1.00 35.39 ? 40  GLU A O     1 
ATOM   177  C CB    . GLU A 1 21  ? -17.317 4.428   7.877   1.00 37.93 ? 40  GLU A CB    1 
ATOM   178  N N     . LYS A 1 22  ? -14.336 5.622   6.707   1.00 31.99 ? 41  LYS A N     1 
ATOM   179  C CA    . LYS A 1 22  ? -13.140 6.405   7.052   1.00 30.67 ? 41  LYS A CA    1 
ATOM   180  C C     . LYS A 1 22  ? -13.531 7.525   8.033   1.00 27.80 ? 41  LYS A C     1 
ATOM   181  O O     . LYS A 1 22  ? -14.476 8.263   7.782   1.00 31.56 ? 41  LYS A O     1 
ATOM   182  C CB    . LYS A 1 22  ? -12.482 7.005   5.821   1.00 31.36 ? 41  LYS A CB    1 
ATOM   183  C CG    . LYS A 1 22  ? -11.876 5.966   4.918   1.00 31.28 ? 41  LYS A CG    1 
ATOM   184  C CD    . LYS A 1 22  ? -11.024 6.605   3.838   1.00 32.54 ? 41  LYS A CD    1 
ATOM   185  C CE    . LYS A 1 22  ? -10.634 5.573   2.807   1.00 31.20 ? 41  LYS A CE    1 
ATOM   186  N NZ    . LYS A 1 22  ? -11.650 5.409   1.743   1.00 30.78 ? 41  LYS A NZ    1 
ATOM   187  N N     . LEU A 1 23  ? -12.778 7.652   9.112   1.00 27.21 ? 42  LEU A N     1 
ATOM   188  C CA    . LEU A 1 23  ? -13.008 8.724   10.077  1.00 26.46 ? 42  LEU A CA    1 
ATOM   189  C C     . LEU A 1 23  ? -12.250 9.960   9.614   1.00 26.90 ? 42  LEU A C     1 
ATOM   190  O O     . LEU A 1 23  ? -11.402 9.878   8.745   1.00 24.20 ? 42  LEU A O     1 
ATOM   191  C CB    . LEU A 1 23  ? -12.547 8.301   11.460  1.00 29.05 ? 42  LEU A CB    1 
ATOM   192  C CG    . LEU A 1 23  ? -13.145 6.981   11.979  1.00 30.31 ? 42  LEU A CG    1 
ATOM   193  C CD1   . LEU A 1 23  ? -12.625 6.705   13.374  1.00 31.21 ? 42  LEU A CD1   1 
ATOM   194  C CD2   . LEU A 1 23  ? -14.652 6.934   11.912  1.00 32.48 ? 42  LEU A CD2   1 
ATOM   195  N N     A SER A 1 24  ? -12.588 11.117  10.192  0.50 25.98 ? 43  SER A N     1 
ATOM   196  N N     B SER A 1 24  ? -12.580 11.122  10.183  0.50 26.90 ? 43  SER A N     1 
ATOM   197  C CA    A SER A 1 24  ? -11.904 12.374  9.892   0.50 26.22 ? 43  SER A CA    1 
ATOM   198  C CA    B SER A 1 24  ? -11.904 12.369  9.827   0.50 27.60 ? 43  SER A CA    1 
ATOM   199  C C     A SER A 1 24  ? -10.400 12.268  9.977   0.50 25.97 ? 43  SER A C     1 
ATOM   200  C C     B SER A 1 24  ? -10.392 12.277  9.974   0.50 26.78 ? 43  SER A C     1 
ATOM   201  O O     A SER A 1 24  ? -9.694  12.786  9.105   0.50 25.92 ? 43  SER A O     1 
ATOM   202  O O     B SER A 1 24  ? -9.669  12.814  9.131   0.50 26.65 ? 43  SER A O     1 
ATOM   203  C CB    A SER A 1 24  ? -12.390 13.480  10.853  0.50 25.93 ? 43  SER A CB    1 
ATOM   204  C CB    B SER A 1 24  ? -12.450 13.535  10.676  0.50 28.51 ? 43  SER A CB    1 
ATOM   205  O OG    A SER A 1 24  ? -13.721 13.833  10.560  0.50 26.01 ? 43  SER A OG    1 
ATOM   206  O OG    B SER A 1 24  ? -12.161 13.330  12.040  0.50 30.06 ? 43  SER A OG    1 
ATOM   207  N N     . GLU A 1 25  ? -9.915  11.572  11.005  1.00 24.81 ? 44  GLU A N     1 
ATOM   208  C CA    . GLU A 1 25  ? -8.477  11.442  11.261  1.00 27.14 ? 44  GLU A CA    1 
ATOM   209  C C     . GLU A 1 25  ? -7.841  10.568  10.181  1.00 25.89 ? 44  GLU A C     1 
ATOM   210  O O     . GLU A 1 25  ? -6.701  10.800  9.807   1.00 25.14 ? 44  GLU A O     1 
ATOM   211  C CB    . GLU A 1 25  ? -8.144  10.855  12.641  1.00 31.04 ? 44  GLU A CB    1 
ATOM   212  C CG    . GLU A 1 25  ? -8.453  11.794  13.803  1.00 34.64 ? 44  GLU A CG    1 
ATOM   213  C CD    . GLU A 1 25  ? -9.939  11.855  14.159  1.00 39.36 ? 44  GLU A CD    1 
ATOM   214  O OE1   . GLU A 1 25  ? -10.754 11.008  13.655  1.00 35.24 ? 44  GLU A OE1   1 
ATOM   215  O OE2   . GLU A 1 25  ? -10.287 12.780  14.936  1.00 37.35 ? 44  GLU A OE2   1 
ATOM   216  N N     . ASP A 1 26  ? -8.607  9.583   9.708   1.00 24.29 ? 45  ASP A N     1 
ATOM   217  C CA    . ASP A 1 26  ? -8.176  8.710   8.592   1.00 23.12 ? 45  ASP A CA    1 
ATOM   218  C C     . ASP A 1 26  ? -8.011  9.507   7.312   1.00 22.68 ? 45  ASP A C     1 
ATOM   219  O O     . ASP A 1 26  ? -6.986  9.398   6.655   1.00 24.16 ? 45  ASP A O     1 
ATOM   220  C CB    . ASP A 1 26  ? -9.173  7.585   8.342   1.00 23.26 ? 45  ASP A CB    1 
ATOM   221  C CG    . ASP A 1 26  ? -9.390  6.693   9.556   1.00 24.81 ? 45  ASP A CG    1 
ATOM   222  O OD1   . ASP A 1 26  ? -8.443  6.435   10.323  1.00 29.47 ? 45  ASP A OD1   1 
ATOM   223  O OD2   . ASP A 1 26  ? -10.516 6.215   9.683   1.00 25.52 ? 45  ASP A OD2   1 
ATOM   224  N N     . ILE A 1 27  ? -9.034  10.270  6.936   1.00 23.98 ? 46  ILE A N     1 
ATOM   225  C CA    . ILE A 1 27  ? -8.953  11.179  5.792   1.00 24.77 ? 46  ILE A CA    1 
ATOM   226  C C     . ILE A 1 27  ? -7.760  12.142  5.912   1.00 24.00 ? 46  ILE A C     1 
ATOM   227  O O     . ILE A 1 27  ? -6.982  12.314  4.961   1.00 21.86 ? 46  ILE A O     1 
ATOM   228  C CB    . ILE A 1 27  ? -10.276 11.989  5.617   1.00 27.50 ? 46  ILE A CB    1 
ATOM   229  C CG1   . ILE A 1 27  ? -11.479 11.049  5.402   1.00 30.00 ? 46  ILE A CG1   1 
ATOM   230  C CG2   . ILE A 1 27  ? -10.176 12.999  4.484   1.00 28.06 ? 46  ILE A CG2   1 
ATOM   231  C CD1   . ILE A 1 27  ? -11.357 10.127  4.228   1.00 30.50 ? 46  ILE A CD1   1 
ATOM   232  N N     . ASP A 1 28  ? -7.609  12.761  7.081   1.00 23.29 ? 47  ASP A N     1 
ATOM   233  C CA    . ASP A 1 28  ? -6.511  13.715  7.304   1.00 23.53 ? 47  ASP A CA    1 
ATOM   234  C C     . ASP A 1 28  ? -5.134  13.079  7.083   1.00 21.95 ? 47  ASP A C     1 
ATOM   235  O O     . ASP A 1 28  ? -4.276  13.658  6.404   1.00 24.32 ? 47  ASP A O     1 
ATOM   236  C CB    . ASP A 1 28  ? -6.537  14.286  8.733   1.00 24.82 ? 47  ASP A CB    1 
ATOM   237  C CG    . ASP A 1 28  ? -7.726  15.200  9.019   1.00 29.92 ? 47  ASP A CG    1 
ATOM   238  O OD1   . ASP A 1 28  ? -8.474  15.590  8.104   1.00 31.76 ? 47  ASP A OD1   1 
ATOM   239  O OD2   . ASP A 1 28  ? -7.914  15.518  10.223  1.00 37.11 ? 47  ASP A OD2   1 
ATOM   240  N N     . MET A 1 29  ? -4.932  11.893  7.657   1.00 20.53 ? 48  MET A N     1 
ATOM   241  C CA    . MET A 1 29  ? -3.646  11.222  7.634   1.00 20.89 ? 48  MET A CA    1 
ATOM   242  C C     . MET A 1 29  ? -3.332  10.715  6.227   1.00 18.96 ? 48  MET A C     1 
ATOM   243  O O     . MET A 1 29  ? -2.183  10.769  5.805   1.00 21.03 ? 48  MET A O     1 
ATOM   244  C CB    . MET A 1 29  ? -3.522  10.113  8.684   1.00 22.20 ? 48  MET A CB    1 
ATOM   245  C CG    . MET A 1 29  ? -4.182  8.791   8.395   1.00 23.82 ? 48  MET A CG    1 
ATOM   246  S SD    . MET A 1 29  ? -3.225  7.719   7.293   1.00 25.71 ? 48  MET A SD    1 
ATOM   247  C CE    . MET A 1 29  ? -1.664  7.672   8.125   1.00 23.65 ? 48  MET A CE    1 
ATOM   248  N N     . ILE A 1 30  ? -4.359  10.260  5.527   1.00 18.75 ? 49  ILE A N     1 
ATOM   249  C CA    . ILE A 1 30  ? -4.182  9.822   4.127   1.00 17.93 ? 49  ILE A CA    1 
ATOM   250  C C     . ILE A 1 30  ? -3.707  11.005  3.279   1.00 19.36 ? 49  ILE A C     1 
ATOM   251  O O     . ILE A 1 30  ? -2.779  10.873  2.477   1.00 18.48 ? 49  ILE A O     1 
ATOM   252  C CB    . ILE A 1 30  ? -5.454  9.162   3.552   1.00 19.61 ? 49  ILE A CB    1 
ATOM   253  C CG1   . ILE A 1 30  ? -5.697  7.789   4.224   1.00 19.46 ? 49  ILE A CG1   1 
ATOM   254  C CG2   . ILE A 1 30  ? -5.343  8.965   2.026   1.00 19.53 ? 49  ILE A CG2   1 
ATOM   255  C CD1   . ILE A 1 30  ? -7.072  7.201   4.032   1.00 20.47 ? 49  ILE A CD1   1 
ATOM   256  N N     . LYS A 1 31  ? -4.355  12.144  3.466   1.00 18.44 ? 50  LYS A N     1 
ATOM   257  C CA    . LYS A 1 31  ? -3.992  13.338  2.709   1.00 21.27 ? 50  LYS A CA    1 
ATOM   258  C C     . LYS A 1 31  ? -2.557  13.752  3.000   1.00 20.59 ? 50  LYS A C     1 
ATOM   259  O O     . LYS A 1 31  ? -1.757  13.940  2.063   1.00 21.30 ? 50  LYS A O     1 
ATOM   260  C CB    . LYS A 1 31  ? -5.004  14.477  2.952   1.00 22.45 ? 50  LYS A CB    1 
ATOM   261  C CG    . LYS A 1 31  ? -4.637  15.823  2.345   1.00 24.92 ? 50  LYS A CG    1 
ATOM   262  C CD    . LYS A 1 31  ? -5.775  16.804  2.480   1.00 27.52 ? 50  LYS A CD    1 
ATOM   263  C CE    . LYS A 1 31  ? -5.434  18.195  1.967   1.00 30.12 ? 50  LYS A CE    1 
ATOM   264  N NZ    . LYS A 1 31  ? -6.648  19.069  2.127   1.00 30.59 ? 50  LYS A NZ    1 
ATOM   265  N N     . THR A 1 32  ? -2.185  13.866  4.267   1.00 22.44 ? 51  THR A N     1 
ATOM   266  C CA    . THR A 1 32  ? -0.801  14.239  4.610   1.00 24.60 ? 51  THR A CA    1 
ATOM   267  C C     . THR A 1 32  ? 0.218   13.191  4.108   1.00 25.16 ? 51  THR A C     1 
ATOM   268  O O     . THR A 1 32  ? 1.270   13.547  3.591   1.00 26.71 ? 51  THR A O     1 
ATOM   269  C CB    . THR A 1 32  ? -0.634  14.505  6.125   1.00 25.81 ? 51  THR A CB    1 
ATOM   270  O OG1   . THR A 1 32  ? -0.971  13.338  6.873   1.00 28.80 ? 51  THR A OG1   1 
ATOM   271  C CG2   . THR A 1 32  ? -1.517  15.613  6.545   1.00 24.18 ? 51  THR A CG2   1 
ATOM   272  N N     . SER A 1 33  ? -0.108  11.897  4.195   1.00 21.67 ? 52  SER A N     1 
ATOM   273  C CA    . SER A 1 33  ? 0.796   10.823  3.757   1.00 22.08 ? 52  SER A CA    1 
ATOM   274  C C     . SER A 1 33  ? 1.011   10.872  2.256   1.00 22.95 ? 52  SER A C     1 
ATOM   275  O O     . SER A 1 33  ? 2.135   10.671  1.778   1.00 28.32 ? 52  SER A O     1 
ATOM   276  C CB    . SER A 1 33  ? 0.257   9.447   4.160   1.00 22.18 ? 52  SER A CB    1 
ATOM   277  O OG    . SER A 1 33  ? 0.058   9.377   5.569   1.00 25.79 ? 52  SER A OG    1 
ATOM   278  N N     . LEU A 1 34  ? -0.052  11.144  1.505   1.00 23.76 ? 53  LEU A N     1 
ATOM   279  C CA    . LEU A 1 34  ? 0.086   11.271  0.056   1.00 23.13 ? 53  LEU A CA    1 
ATOM   280  C C     . LEU A 1 34  ? 0.934   12.461  -0.351  1.00 28.46 ? 53  LEU A C     1 
ATOM   281  O O     . LEU A 1 34  ? 1.825   12.311  -1.229  1.00 31.92 ? 53  LEU A O     1 
ATOM   282  C CB    . LEU A 1 34  ? -1.277  11.288  -0.648  1.00 20.46 ? 53  LEU A CB    1 
ATOM   283  C CG    . LEU A 1 34  ? -1.952  9.918   -0.701  1.00 19.00 ? 53  LEU A CG    1 
ATOM   284  C CD1   . LEU A 1 34  ? -3.397  10.117  -1.108  1.00 18.59 ? 53  LEU A CD1   1 
ATOM   285  C CD2   . LEU A 1 34  ? -1.321  8.971   -1.743  1.00 18.57 ? 53  LEU A CD2   1 
ATOM   286  N N     . LYS A 1 35  ? 0.739   13.592  0.326   1.00 29.11 ? 54  LYS A N     1 
ATOM   287  C CA    . LYS A 1 35  ? 1.634   14.764  0.141   1.00 33.57 ? 54  LYS A CA    1 
ATOM   288  C C     . LYS A 1 35  ? 3.146   14.434  0.442   1.00 34.15 ? 54  LYS A C     1 
ATOM   289  O O     . LYS A 1 35  ? 4.034   15.158  -0.037  1.00 34.79 ? 54  LYS A O     1 
ATOM   290  C CB    . LYS A 1 35  ? 1.141   15.936  0.976   1.00 34.61 ? 54  LYS A CB    1 
ATOM   291  C CG    . LYS A 1 35  ? -0.182  16.537  0.521   1.00 37.38 ? 54  LYS A CG    1 
ATOM   292  C CD    . LYS A 1 35  ? -0.618  17.664  1.442   1.00 41.93 ? 54  LYS A CD    1 
ATOM   293  C CE    . LYS A 1 35  ? -1.878  18.379  0.961   1.00 43.92 ? 54  LYS A CE    1 
ATOM   294  N NZ    . LYS A 1 35  ? -1.642  19.300  -0.190  1.00 47.35 ? 54  LYS A NZ    1 
ATOM   295  N N     . ASN A 1 36  ? 3.392   13.301  1.136   1.00 37.21 ? 55  ASN A N     1 
ATOM   296  C CA    . ASN A 1 36  ? 4.694   12.811  1.648   1.00 30.52 ? 55  ASN A CA    1 
ATOM   297  C C     . ASN A 1 36  ? 5.412   11.701  0.845   1.00 34.57 ? 55  ASN A C     1 
ATOM   298  O O     . ASN A 1 36  ? 6.591   11.443  1.082   1.00 33.20 ? 55  ASN A O     1 
ATOM   299  C CB    . ASN A 1 36  ? 4.414   12.253  3.029   1.00 38.33 ? 55  ASN A CB    1 
ATOM   300  C CG    . ASN A 1 36  ? 5.568   12.365  3.972   1.00 41.44 ? 55  ASN A CG    1 
ATOM   301  O OD1   . ASN A 1 36  ? 6.157   13.434  4.171   1.00 47.35 ? 55  ASN A OD1   1 
ATOM   302  N ND2   . ASN A 1 36  ? 5.868   11.254  4.616   1.00 48.12 ? 55  ASN A ND2   1 
ATOM   303  N N     . ASN A 1 37  ? 4.715   11.050  -0.082  1.00 29.18 ? 56  ASN A N     1 
ATOM   304  C CA    . ASN A 1 37  ? 5.291   10.060  -0.955  1.00 31.17 ? 56  ASN A CA    1 
ATOM   305  C C     . ASN A 1 37  ? 6.038   10.739  -2.115  1.00 31.55 ? 56  ASN A C     1 
ATOM   306  O O     . ASN A 1 37  ? 5.501   11.606  -2.788  1.00 30.86 ? 56  ASN A O     1 
ATOM   307  C CB    . ASN A 1 37  ? 4.193   9.126   -1.440  1.00 29.91 ? 56  ASN A CB    1 
ATOM   308  C CG    . ASN A 1 37  ? 4.701   8.049   -2.380  1.00 31.30 ? 56  ASN A CG    1 
ATOM   309  O OD1   . ASN A 1 37  ? 4.739   8.275   -3.587  1.00 29.72 ? 56  ASN A OD1   1 
ATOM   310  N ND2   . ASN A 1 37  ? 5.142   6.881   -1.822  1.00 27.89 ? 56  ASN A ND2   1 
ATOM   311  N N     . LEU A 1 38  ? 7.284   10.352  -2.351  1.00 36.07 ? 57  LEU A N     1 
ATOM   312  C CA    . LEU A 1 38  ? 8.098   11.085  -3.343  1.00 43.19 ? 57  LEU A CA    1 
ATOM   313  C C     . LEU A 1 38  ? 7.639   10.920  -4.801  1.00 41.98 ? 57  LEU A C     1 
ATOM   314  O O     . LEU A 1 38  ? 8.191   11.556  -5.697  1.00 51.55 ? 57  LEU A O     1 
ATOM   315  C CB    . LEU A 1 38  ? 9.584   10.742  -3.223  1.00 45.84 ? 57  LEU A CB    1 
ATOM   316  C CG    . LEU A 1 38  ? 10.544  11.638  -4.038  1.00 46.28 ? 57  LEU A CG    1 
ATOM   317  C CD1   . LEU A 1 38  ? 10.227  13.128  -3.896  1.00 47.76 ? 57  LEU A CD1   1 
ATOM   318  C CD2   . LEU A 1 38  ? 11.967  11.349  -3.628  1.00 47.60 ? 57  LEU A CD2   1 
ATOM   319  N N     . VAL A 1 39  ? 6.638   10.073  -5.035  1.00 38.82 ? 58  VAL A N     1 
ATOM   320  C CA    . VAL A 1 39  ? 5.930   10.012  -6.321  1.00 37.73 ? 58  VAL A CA    1 
ATOM   321  C C     . VAL A 1 39  ? 4.621   10.852  -6.314  1.00 36.81 ? 58  VAL A C     1 
ATOM   322  O O     . VAL A 1 39  ? 4.232   11.436  -7.354  1.00 35.06 ? 58  VAL A O     1 
ATOM   323  C CB    . VAL A 1 39  ? 5.748   8.519   -6.696  1.00 38.15 ? 58  VAL A CB    1 
ATOM   324  C CG1   . VAL A 1 39  ? 4.654   8.274   -7.742  1.00 38.78 ? 58  VAL A CG1   1 
ATOM   325  C CG2   . VAL A 1 39  ? 7.109   7.963   -7.100  1.00 39.42 ? 58  VAL A CG2   1 
ATOM   326  N N     . CYS A 1 40  ? 3.970   10.934  -5.148  1.00 35.96 ? 59  CYS A N     1 
ATOM   327  C CA    . CYS A 1 40  ? 2.682   11.646  -5.000  1.00 32.29 ? 59  CYS A CA    1 
ATOM   328  C C     . CYS A 1 40  ? 2.837   13.088  -4.471  1.00 34.22 ? 59  CYS A C     1 
ATOM   329  O O     . CYS A 1 40  ? 1.834   13.792  -4.254  1.00 31.49 ? 59  CYS A O     1 
ATOM   330  C CB    . CYS A 1 40  ? 1.739   10.843  -4.097  1.00 32.77 ? 59  CYS A CB    1 
ATOM   331  S SG    . CYS A 1 40  ? 1.453   9.138   -4.658  1.00 32.29 ? 59  CYS A SG    1 
ATOM   332  N N     . SER A 1 41  ? 4.071   13.542  -4.254  1.00 35.11 ? 60  SER A N     1 
ATOM   333  C CA    . SER A 1 41  ? 4.265   14.867  -3.627  1.00 37.66 ? 60  SER A CA    1 
ATOM   334  C C     . SER A 1 41  ? 3.807   15.995  -4.557  1.00 36.52 ? 60  SER A C     1 
ATOM   335  O O     . SER A 1 41  ? 3.496   17.101  -4.076  1.00 38.19 ? 60  SER A O     1 
ATOM   336  C CB    . SER A 1 41  ? 5.716   15.072  -3.191  1.00 37.96 ? 60  SER A CB    1 
ATOM   337  O OG    . SER A 1 41  ? 6.605   15.057  -4.296  1.00 39.07 ? 60  SER A OG    1 
ATOM   338  N N     . THR A 1 42  ? 3.763   15.702  -5.862  1.00 35.28 ? 61  THR A N     1 
ATOM   339  C CA    . THR A 1 42  ? 3.302   16.624  -6.886  1.00 38.15 ? 61  THR A CA    1 
ATOM   340  C C     . THR A 1 42  ? 1.796   16.491  -7.184  1.00 36.19 ? 61  THR A C     1 
ATOM   341  O O     . THR A 1 42  ? 1.283   17.259  -8.013  1.00 39.14 ? 61  THR A O     1 
ATOM   342  C CB    . THR A 1 42  ? 4.132   16.470  -8.192  1.00 42.86 ? 61  THR A CB    1 
ATOM   343  O OG1   . THR A 1 42  ? 3.957   17.627  -9.019  1.00 54.04 ? 61  THR A OG1   1 
ATOM   344  C CG2   . THR A 1 42  ? 3.753   15.211  -9.003  1.00 45.02 ? 61  THR A CG2   1 
ATOM   345  N N     . LEU A 1 43  ? 1.075   15.573  -6.508  1.00 28.39 ? 62  LEU A N     1 
ATOM   346  C CA    . LEU A 1 43  ? -0.385  15.465  -6.756  1.00 29.16 ? 62  LEU A CA    1 
ATOM   347  C C     . LEU A 1 43  ? -1.135  16.671  -6.238  1.00 25.50 ? 62  LEU A C     1 
ATOM   348  O O     . LEU A 1 43  ? -0.867  17.167  -5.136  1.00 27.81 ? 62  LEU A O     1 
ATOM   349  C CB    . LEU A 1 43  ? -0.991  14.215  -6.094  1.00 26.41 ? 62  LEU A CB    1 
ATOM   350  C CG    . LEU A 1 43  ? -0.443  12.873  -6.594  1.00 30.16 ? 62  LEU A CG    1 
ATOM   351  C CD1   . LEU A 1 43  ? -1.180  11.763  -5.869  1.00 29.22 ? 62  LEU A CD1   1 
ATOM   352  C CD2   . LEU A 1 43  ? -0.537  12.728  -8.095  1.00 31.11 ? 62  LEU A CD2   1 
ATOM   353  N N     . ASN A 1 44  ? -2.115  17.143  -7.009  1.00 27.41 ? 63  ASN A N     1 
ATOM   354  C CA    . ASN A 1 44  ? -3.058  18.156  -6.480  1.00 24.40 ? 63  ASN A CA    1 
ATOM   355  C C     . ASN A 1 44  ? -4.129  17.594  -5.531  1.00 23.52 ? 63  ASN A C     1 
ATOM   356  O O     . ASN A 1 44  ? -4.333  16.368  -5.435  1.00 22.68 ? 63  ASN A O     1 
ATOM   357  C CB    . ASN A 1 44  ? -3.681  18.987  -7.640  1.00 23.78 ? 63  ASN A CB    1 
ATOM   358  C CG    . ASN A 1 44  ? -4.655  18.205  -8.478  1.00 24.61 ? 63  ASN A CG    1 
ATOM   359  O OD1   . ASN A 1 44  ? -5.565  17.572  -7.945  1.00 24.94 ? 63  ASN A OD1   1 
ATOM   360  N ND2   . ASN A 1 44  ? -4.493  18.265  -9.793  1.00 24.96 ? 63  ASN A ND2   1 
ATOM   361  N N     . ASP A 1 45  ? -4.845  18.464  -4.839  1.00 21.76 ? 64  ASP A N     1 
ATOM   362  C CA    . ASP A 1 45  ? -5.751  18.032  -3.790  1.00 21.61 ? 64  ASP A CA    1 
ATOM   363  C C     . ASP A 1 45  ? -6.896  17.134  -4.326  1.00 20.99 ? 64  ASP A C     1 
ATOM   364  O O     . ASP A 1 45  ? -7.396  16.295  -3.604  1.00 21.23 ? 64  ASP A O     1 
ATOM   365  C CB    . ASP A 1 45  ? -6.333  19.213  -3.017  1.00 22.62 ? 64  ASP A CB    1 
ATOM   366  C CG    . ASP A 1 45  ? -5.333  19.849  -2.044  1.00 25.41 ? 64  ASP A CG    1 
ATOM   367  O OD1   . ASP A 1 45  ? -4.212  19.292  -1.847  1.00 24.98 ? 64  ASP A OD1   1 
ATOM   368  O OD2   . ASP A 1 45  ? -5.714  20.902  -1.463  1.00 24.31 ? 64  ASP A OD2   1 
ATOM   369  N N     . ASN A 1 46  ? -7.336  17.367  -5.555  1.00 21.39 ? 65  ASN A N     1 
ATOM   370  C CA    . ASN A 1 46  ? -8.377  16.488  -6.168  1.00 21.91 ? 65  ASN A CA    1 
ATOM   371  C C     . ASN A 1 46  ? -7.840  15.081  -6.462  1.00 22.23 ? 65  ASN A C     1 
ATOM   372  O O     . ASN A 1 46  ? -8.541  14.082  -6.229  1.00 21.26 ? 65  ASN A O     1 
ATOM   373  C CB    . ASN A 1 46  ? -8.968  17.104  -7.436  1.00 23.00 ? 65  ASN A CB    1 
ATOM   374  C CG    . ASN A 1 46  ? -10.112 16.284  -7.984  1.00 21.42 ? 65  ASN A CG    1 
ATOM   375  O OD1   . ASN A 1 46  ? -11.199 16.245  -7.402  1.00 26.29 ? 65  ASN A OD1   1 
ATOM   376  N ND2   . ASN A 1 46  ? -9.890  15.662  -9.075  1.00 22.59 ? 65  ASN A ND2   1 
ATOM   377  N N     . GLU A 1 47  ? -6.618  15.016  -6.966  1.00 21.59 ? 66  GLU A N     1 
ATOM   378  C CA    . GLU A 1 47  ? -5.935  13.715  -7.208  1.00 21.28 ? 66  GLU A CA    1 
ATOM   379  C C     . GLU A 1 47  ? -5.760  12.944  -5.904  1.00 22.37 ? 66  GLU A C     1 
ATOM   380  O O     . GLU A 1 47  ? -5.996  11.709  -5.842  1.00 20.67 ? 66  GLU A O     1 
ATOM   381  C CB    . GLU A 1 47  ? -4.588  13.940  -7.905  1.00 23.45 ? 66  GLU A CB    1 
ATOM   382  C CG    . GLU A 1 47  ? -4.779  14.391  -9.355  1.00 23.43 ? 66  GLU A CG    1 
ATOM   383  C CD    . GLU A 1 47  ? -3.565  15.058  -9.975  1.00 24.82 ? 66  GLU A CD    1 
ATOM   384  O OE1   . GLU A 1 47  ? -2.656  15.517  -9.250  1.00 26.07 ? 66  GLU A OE1   1 
ATOM   385  O OE2   . GLU A 1 47  ? -3.576  15.122  -11.218 1.00 28.10 ? 66  GLU A OE2   1 
ATOM   386  N N     . ILE A 1 48  ? -5.391  13.676  -4.854  1.00 21.54 ? 67  ILE A N     1 
ATOM   387  C CA    . ILE A 1 48  ? -5.309  13.105  -3.522  1.00 21.63 ? 67  ILE A CA    1 
ATOM   388  C C     . ILE A 1 48  ? -6.666  12.622  -3.047  1.00 21.24 ? 67  ILE A C     1 
ATOM   389  O O     . ILE A 1 48  ? -6.789  11.525  -2.533  1.00 20.49 ? 67  ILE A O     1 
ATOM   390  C CB    . ILE A 1 48  ? -4.684  14.113  -2.537  1.00 21.01 ? 67  ILE A CB    1 
ATOM   391  C CG1   . ILE A 1 48  ? -3.213  14.331  -2.896  1.00 22.47 ? 67  ILE A CG1   1 
ATOM   392  C CG2   . ILE A 1 48  ? -4.860  13.701  -1.099  1.00 21.42 ? 67  ILE A CG2   1 
ATOM   393  C CD1   . ILE A 1 48  ? -2.515  15.334  -2.030  1.00 24.64 ? 67  ILE A CD1   1 
ATOM   394  N N     . LEU A 1 49  ? -7.695  13.450  -3.203  1.00 20.25 ? 68  LEU A N     1 
ATOM   395  C CA    . LEU A 1 49  ? -9.020  13.062  -2.768  1.00 21.49 ? 68  LEU A CA    1 
ATOM   396  C C     . LEU A 1 49  ? -9.514  11.798  -3.466  1.00 19.99 ? 68  LEU A C     1 
ATOM   397  O O     . LEU A 1 49  ? -10.116 10.925  -2.814  1.00 20.35 ? 68  LEU A O     1 
ATOM   398  C CB    . LEU A 1 49  ? -9.991  14.237  -3.018  1.00 23.20 ? 68  LEU A CB    1 
ATOM   399  C CG    . LEU A 1 49  ? -11.421 14.025  -2.531  1.00 25.91 ? 68  LEU A CG    1 
ATOM   400  C CD1   . LEU A 1 49  ? -11.517 13.633  -1.076  1.00 27.92 ? 68  LEU A CD1   1 
ATOM   401  C CD2   . LEU A 1 49  ? -12.215 15.301  -2.834  1.00 26.18 ? 68  LEU A CD2   1 
ATOM   402  N N     . THR A 1 50  ? -9.210  11.673  -4.749  1.00 21.35 ? 69  THR A N     1 
ATOM   403  C CA    . THR A 1 50  ? -9.611  10.492  -5.526  1.00 20.67 ? 69  THR A CA    1 
ATOM   404  C C     . THR A 1 50  ? -8.913  9.251   -4.988  1.00 20.58 ? 69  THR A C     1 
ATOM   405  O O     . THR A 1 50  ? -9.556  8.200   -4.759  1.00 20.24 ? 69  THR A O     1 
ATOM   406  C CB    . THR A 1 50  ? -9.292  10.676  -7.017  1.00 24.77 ? 69  THR A CB    1 
ATOM   407  O OG1   . THR A 1 50  ? -10.103 11.742  -7.505  1.00 26.97 ? 69  THR A OG1   1 
ATOM   408  C CG2   . THR A 1 50  ? -9.555  9.373   -7.801  1.00 25.90 ? 69  THR A CG2   1 
ATOM   409  N N     . LEU A 1 51  ? -7.621  9.365   -4.756  1.00 19.58 ? 70  LEU A N     1 
ATOM   410  C CA    . LEU A 1 51  ? -6.897  8.224   -4.195  1.00 20.48 ? 70  LEU A CA    1 
ATOM   411  C C     . LEU A 1 51  ? -7.446  7.841   -2.850  1.00 20.24 ? 70  LEU A C     1 
ATOM   412  O O     . LEU A 1 51  ? -7.608  6.676   -2.529  1.00 20.11 ? 70  LEU A O     1 
ATOM   413  C CB    . LEU A 1 51  ? -5.417  8.481   -4.101  1.00 20.94 ? 70  LEU A CB    1 
ATOM   414  C CG    . LEU A 1 51  ? -4.678  8.495   -5.434  1.00 21.60 ? 70  LEU A CG    1 
ATOM   415  C CD1   . LEU A 1 51  ? -3.216  8.832   -5.267  1.00 20.79 ? 70  LEU A CD1   1 
ATOM   416  C CD2   . LEU A 1 51  ? -4.857  7.185   -6.209  1.00 21.10 ? 70  LEU A CD2   1 
ATOM   417  N N     . SER A 1 52  ? -7.710  8.851   -2.032  1.00 19.33 ? 71  SER A N     1 
ATOM   418  C CA    . SER A 1 52  ? -8.243  8.643   -0.704  1.00 19.61 ? 71  SER A CA    1 
ATOM   419  C C     . SER A 1 52  ? -9.571  7.927   -0.755  1.00 19.36 ? 71  SER A C     1 
ATOM   420  O O     . SER A 1 52  ? -9.795  6.974   0.003   1.00 18.89 ? 71  SER A O     1 
ATOM   421  C CB    . SER A 1 52  ? -8.397  9.976   0.022   1.00 20.37 ? 71  SER A CB    1 
ATOM   422  O OG    . SER A 1 52  ? -8.802  9.774   1.381   1.00 21.73 ? 71  SER A OG    1 
ATOM   423  N N     . ASN A 1 53  ? -10.446 8.331   -1.665  1.00 20.18 ? 72  ASN A N     1 
ATOM   424  C CA    . ASN A 1 53  ? -11.749 7.685   -1.825  1.00 21.32 ? 72  ASN A CA    1 
ATOM   425  C C     . ASN A 1 53  ? -11.636 6.177   -2.102  1.00 20.38 ? 72  ASN A C     1 
ATOM   426  O O     . ASN A 1 53  ? -12.464 5.374   -1.634  1.00 20.06 ? 72  ASN A O     1 
ATOM   427  C CB    . ASN A 1 53  ? -12.579 8.376   -2.940  1.00 22.71 ? 72  ASN A CB    1 
ATOM   428  C CG    . ASN A 1 53  ? -13.087 9.769   -2.532  1.00 28.84 ? 72  ASN A CG    1 
ATOM   429  O OD1   . ASN A 1 53  ? -13.111 10.125  -1.351  1.00 32.22 ? 72  ASN A OD1   1 
ATOM   430  N ND2   . ASN A 1 53  ? -13.494 10.556  -3.511  1.00 30.34 ? 72  ASN A ND2   1 
ATOM   431  N N     . TYR A 1 54  ? -10.611 5.795   -2.871  1.00 18.40 ? 73  TYR A N     1 
ATOM   432  C CA    . TYR A 1 54  ? -10.463 4.411   -3.298  1.00 18.40 ? 73  TYR A CA    1 
ATOM   433  C C     . TYR A 1 54  ? -9.542  3.637   -2.366  1.00 17.79 ? 73  TYR A C     1 
ATOM   434  O O     . TYR A 1 54  ? -9.370  2.439   -2.559  1.00 17.09 ? 73  TYR A O     1 
ATOM   435  C CB    . TYR A 1 54  ? -10.005 4.313   -4.771  1.00 16.93 ? 73  TYR A CB    1 
ATOM   436  C CG    . TYR A 1 54  ? -11.106 4.689   -5.723  1.00 16.56 ? 73  TYR A CG    1 
ATOM   437  C CD1   . TYR A 1 54  ? -12.151 3.809   -5.983  1.00 17.62 ? 73  TYR A CD1   1 
ATOM   438  C CD2   . TYR A 1 54  ? -11.132 5.937   -6.326  1.00 18.94 ? 73  TYR A CD2   1 
ATOM   439  C CE1   . TYR A 1 54  ? -13.182 4.147   -6.808  1.00 18.10 ? 73  TYR A CE1   1 
ATOM   440  C CE2   . TYR A 1 54  ? -12.143 6.293   -7.208  1.00 19.20 ? 73  TYR A CE2   1 
ATOM   441  C CZ    . TYR A 1 54  ? -13.182 5.410   -7.412  1.00 19.25 ? 73  TYR A CZ    1 
ATOM   442  O OH    . TYR A 1 54  ? -14.193 5.735   -8.270  1.00 21.96 ? 73  TYR A OH    1 
ATOM   443  N N     . MET A 1 55  ? -9.049  4.249   -1.302  1.00 18.44 ? 74  MET A N     1 
ATOM   444  C CA    . MET A 1 55  ? -8.309  3.482   -0.285  1.00 17.96 ? 74  MET A CA    1 
ATOM   445  C C     . MET A 1 55  ? -9.254  2.539   0.441   1.00 17.98 ? 74  MET A C     1 
ATOM   446  O O     . MET A 1 55  ? -10.353 2.937   0.841   1.00 18.29 ? 74  MET A O     1 
ATOM   447  C CB    . MET A 1 55  ? -7.653  4.369   0.753   1.00 19.85 ? 74  MET A CB    1 
ATOM   448  C CG    . MET A 1 55  ? -6.570  5.253   0.206   1.00 20.84 ? 74  MET A CG    1 
ATOM   449  S SD    . MET A 1 55  ? -5.066  4.342   -0.007  1.00 20.48 ? 74  MET A SD    1 
ATOM   450  C CE    . MET A 1 55  ? -4.081  5.569   -0.910  1.00 20.17 ? 74  MET A CE    1 
ATOM   451  N N     . GLN A 1 56  ? -8.764  1.328   0.671   1.00 16.90 ? 75  GLN A N     1 
ATOM   452  C CA    . GLN A 1 56  ? -9.412  0.383   1.567   1.00 17.61 ? 75  GLN A CA    1 
ATOM   453  C C     . GLN A 1 56  ? -8.496  0.014   2.732   1.00 17.48 ? 75  GLN A C     1 
ATOM   454  O O     . GLN A 1 56  ? -7.285  0.276   2.704   1.00 17.29 ? 75  GLN A O     1 
ATOM   455  C CB    . GLN A 1 56  ? -9.809  -0.892  0.858   1.00 18.62 ? 75  GLN A CB    1 
ATOM   456  C CG    . GLN A 1 56  ? -10.743 -0.652  -0.313  1.00 19.23 ? 75  GLN A CG    1 
ATOM   457  C CD    . GLN A 1 56  ? -11.319 -1.944  -0.843  1.00 19.24 ? 75  GLN A CD    1 
ATOM   458  O OE1   . GLN A 1 56  ? -10.615 -2.710  -1.572  1.00 23.04 ? 75  GLN A OE1   1 
ATOM   459  N NE2   . GLN A 1 56  ? -12.568 -2.212  -0.531  1.00 17.93 ? 75  GLN A NE2   1 
ATOM   460  N N     . PHE A 1 57  ? -9.121  -0.529  3.801   1.00 18.96 ? 76  PHE A N     1 
ATOM   461  C CA    . PHE A 1 57  ? -8.420  -0.914  5.032   1.00 19.02 ? 76  PHE A CA    1 
ATOM   462  C C     . PHE A 1 57  ? -8.008  -2.379  5.038   1.00 19.28 ? 76  PHE A C     1 
ATOM   463  O O     . PHE A 1 57  ? -8.828  -3.247  4.841   1.00 19.52 ? 76  PHE A O     1 
ATOM   464  C CB    . PHE A 1 57  ? -9.342  -0.636  6.235   1.00 19.77 ? 76  PHE A CB    1 
ATOM   465  C CG    . PHE A 1 57  ? -8.645  -0.467  7.557   1.00 20.84 ? 76  PHE A CG    1 
ATOM   466  C CD1   . PHE A 1 57  ? -7.780  0.584   7.778   1.00 23.40 ? 76  PHE A CD1   1 
ATOM   467  C CD2   . PHE A 1 57  ? -8.904  -1.340  8.602   1.00 24.70 ? 76  PHE A CD2   1 
ATOM   468  C CE1   . PHE A 1 57  ? -7.172  0.766   9.013   1.00 24.04 ? 76  PHE A CE1   1 
ATOM   469  C CE2   . PHE A 1 57  ? -8.315  -1.164  9.852   1.00 27.10 ? 76  PHE A CE2   1 
ATOM   470  C CZ    . PHE A 1 57  ? -7.442  -0.106  10.058  1.00 25.76 ? 76  PHE A CZ    1 
ATOM   471  N N     . PHE A 1 58  ? -6.741  -2.628  5.332   1.00 17.62 ? 77  PHE A N     1 
ATOM   472  C CA    . PHE A 1 58  ? -6.132  -3.947  5.364   1.00 18.51 ? 77  PHE A CA    1 
ATOM   473  C C     . PHE A 1 58  ? -5.466  -4.163  6.701   1.00 22.43 ? 77  PHE A C     1 
ATOM   474  O O     . PHE A 1 58  ? -4.697  -3.303  7.166   1.00 21.69 ? 77  PHE A O     1 
ATOM   475  C CB    . PHE A 1 58  ? -5.143  -4.119  4.207   1.00 18.96 ? 77  PHE A CB    1 
ATOM   476  C CG    . PHE A 1 58  ? -5.791  -3.975  2.874   1.00 18.83 ? 77  PHE A CG    1 
ATOM   477  C CD1   . PHE A 1 58  ? -6.440  -5.023  2.264   1.00 19.38 ? 77  PHE A CD1   1 
ATOM   478  C CD2   . PHE A 1 58  ? -5.809  -2.730  2.243   1.00 18.83 ? 77  PHE A CD2   1 
ATOM   479  C CE1   . PHE A 1 58  ? -7.045  -4.891  1.024   1.00 19.95 ? 77  PHE A CE1   1 
ATOM   480  C CE2   . PHE A 1 58  ? -6.401  -2.587  1.006   1.00 19.41 ? 77  PHE A CE2   1 
ATOM   481  C CZ    . PHE A 1 58  ? -7.051  -3.656  0.392   1.00 19.29 ? 77  PHE A CZ    1 
ATOM   482  N N     A VAL A 1 59  ? -5.728  -5.335  7.282   0.50 20.84 ? 78  VAL A N     1 
ATOM   483  N N     B VAL A 1 59  ? -5.784  -5.278  7.356   0.50 20.77 ? 78  VAL A N     1 
ATOM   484  C CA    A VAL A 1 59  ? -5.281  -5.682  8.616   0.50 21.55 ? 78  VAL A CA    1 
ATOM   485  C CA    B VAL A 1 59  ? -5.244  -5.562  8.679   0.50 21.80 ? 78  VAL A CA    1 
ATOM   486  C C     A VAL A 1 59  ? -4.295  -6.819  8.594   0.50 20.99 ? 78  VAL A C     1 
ATOM   487  C C     B VAL A 1 59  ? -4.333  -6.776  8.642   0.50 20.91 ? 78  VAL A C     1 
ATOM   488  O O     A VAL A 1 59  ? -4.511  -7.821  7.906   0.50 21.23 ? 78  VAL A O     1 
ATOM   489  O O     B VAL A 1 59  ? -4.642  -7.782  7.996   0.50 21.39 ? 78  VAL A O     1 
ATOM   490  C CB    A VAL A 1 59  ? -6.482  -6.051  9.485   0.50 22.55 ? 78  VAL A CB    1 
ATOM   491  C CB    B VAL A 1 59  ? -6.379  -5.737  9.699   0.50 22.30 ? 78  VAL A CB    1 
ATOM   492  C CG1   A VAL A 1 59  ? -6.020  -6.613  10.810  0.50 22.52 ? 78  VAL A CG1   1 
ATOM   493  C CG1   B VAL A 1 59  ? -7.377  -4.611  9.553   0.50 22.75 ? 78  VAL A CG1   1 
ATOM   494  C CG2   A VAL A 1 59  ? -7.330  -4.820  9.687   0.50 22.38 ? 78  VAL A CG2   1 
ATOM   495  C CG2   B VAL A 1 59  ? -7.035  -7.081  9.476   0.50 22.59 ? 78  VAL A CG2   1 
ATOM   496  N N     . PHE A 1 60  ? -3.210  -6.681  9.360   1.00 20.88 ? 79  PHE A N     1 
ATOM   497  C CA    . PHE A 1 60  ? -2.127  -7.676  9.350   1.00 21.94 ? 79  PHE A CA    1 
ATOM   498  C C     . PHE A 1 60  ? -1.739  -8.063  10.759  1.00 22.55 ? 79  PHE A C     1 
ATOM   499  O O     . PHE A 1 60  ? -1.902  -7.288  11.670  1.00 22.41 ? 79  PHE A O     1 
ATOM   500  C CB    . PHE A 1 60  ? -0.888  -7.124  8.612   1.00 23.51 ? 79  PHE A CB    1 
ATOM   501  C CG    . PHE A 1 60  ? -1.155  -6.860  7.162   1.00 22.08 ? 79  PHE A CG    1 
ATOM   502  C CD1   . PHE A 1 60  ? -1.756  -5.659  6.755   1.00 23.37 ? 79  PHE A CD1   1 
ATOM   503  C CD2   . PHE A 1 60  ? -0.953  -7.865  6.217   1.00 22.88 ? 79  PHE A CD2   1 
ATOM   504  C CE1   . PHE A 1 60  ? -2.074  -5.473  5.413   1.00 22.68 ? 79  PHE A CE1   1 
ATOM   505  C CE2   . PHE A 1 60  ? -1.276  -7.673  4.875   1.00 22.79 ? 79  PHE A CE2   1 
ATOM   506  C CZ    . PHE A 1 60  ? -1.829  -6.448  4.485   1.00 22.38 ? 79  PHE A CZ    1 
ATOM   507  N N     . LYS A 1 61  ? -1.352  -9.319  10.900  1.00 23.12 ? 80  LYS A N     1 
ATOM   508  C CA    . LYS A 1 61  ? -0.726  -9.775  12.128  1.00 25.35 ? 80  LYS A CA    1 
ATOM   509  C C     . LYS A 1 61  ? 0.771   -9.809  11.972  1.00 22.32 ? 80  LYS A C     1 
ATOM   510  O O     . LYS A 1 61  ? 1.317   -10.020 10.888  1.00 22.74 ? 80  LYS A O     1 
ATOM   511  C CB    . LYS A 1 61  ? -1.264  -11.166 12.499  1.00 28.20 ? 80  LYS A CB    1 
ATOM   512  C CG    . LYS A 1 61  ? -2.757  -11.226 12.720  1.00 30.87 ? 80  LYS A CG    1 
ATOM   513  C CD    . LYS A 1 61  ? -3.201  -10.411 13.918  1.00 35.28 ? 80  LYS A CD    1 
ATOM   514  C CE    . LYS A 1 61  ? -4.713  -10.337 13.964  1.00 40.30 ? 80  LYS A CE    1 
ATOM   515  N NZ    . LYS A 1 61  ? -5.174  -9.791  15.269  1.00 45.05 ? 80  LYS A NZ    1 
ATOM   516  N N     . SER A 1 62  ? 1.455   -9.716  13.105  1.00 25.58 ? 81  SER A N     1 
ATOM   517  C CA    . SER A 1 62  ? 2.894   -9.845  13.153  1.00 25.38 ? 81  SER A CA    1 
ATOM   518  C C     . SER A 1 62  ? 3.443   -11.054 12.375  1.00 26.02 ? 81  SER A C     1 
ATOM   519  O O     . SER A 1 62  ? 3.001   -12.191 12.537  1.00 28.03 ? 81  SER A O     1 
ATOM   520  C CB    . SER A 1 62  ? 3.371   -9.815  14.630  1.00 28.50 ? 81  SER A CB    1 
ATOM   521  O OG    . SER A 1 62  ? 4.750   -10.089 14.685  1.00 32.92 ? 81  SER A OG    1 
ATOM   522  N N     . GLY A 1 63  ? 4.390   -10.788 11.492  1.00 23.40 ? 82  GLY A N     1 
ATOM   523  C CA    . GLY A 1 63  ? 4.981   -11.756 10.607  1.00 23.95 ? 82  GLY A CA    1 
ATOM   524  C C     . GLY A 1 63  ? 4.275   -12.059 9.307   1.00 21.99 ? 82  GLY A C     1 
ATOM   525  O O     . GLY A 1 63  ? 4.848   -12.746 8.445   1.00 20.58 ? 82  GLY A O     1 
ATOM   526  N N     . ASN A 1 64  ? 3.082   -11.494 9.106   1.00 23.72 ? 83  ASN A N     1 
ATOM   527  C CA    . ASN A 1 64  ? 2.423   -11.553 7.784   1.00 22.86 ? 83  ASN A CA    1 
ATOM   528  C C     . ASN A 1 64  ? 3.200   -10.810 6.705   1.00 23.60 ? 83  ASN A C     1 
ATOM   529  O O     . ASN A 1 64  ? 3.705   -9.693  6.952   1.00 23.31 ? 83  ASN A O     1 
ATOM   530  C CB    . ASN A 1 64  ? 1.038   -10.918 7.803   1.00 23.85 ? 83  ASN A CB    1 
ATOM   531  C CG    . ASN A 1 64  ? -0.008  -11.699 8.611   1.00 24.32 ? 83  ASN A CG    1 
ATOM   532  O OD1   . ASN A 1 64  ? -1.080  -11.157 8.844   1.00 23.80 ? 83  ASN A OD1   1 
ATOM   533  N ND2   . ASN A 1 64  ? 0.292   -12.958 9.064   1.00 27.10 ? 83  ASN A ND2   1 
ATOM   534  N N     . LEU A 1 65  ? 3.237   -11.390 5.524   1.00 23.26 ? 84  LEU A N     1 
ATOM   535  C CA    . LEU A 1 65  ? 3.836   -10.762 4.356   1.00 23.50 ? 84  LEU A CA    1 
ATOM   536  C C     . LEU A 1 65  ? 2.791   -9.826  3.670   1.00 22.81 ? 84  LEU A C     1 
ATOM   537  O O     . LEU A 1 65  ? 1.583   -10.154 3.586   1.00 22.65 ? 84  LEU A O     1 
ATOM   538  C CB    . LEU A 1 65  ? 4.417   -11.804 3.411   1.00 26.29 ? 84  LEU A CB    1 
ATOM   539  C CG    . LEU A 1 65  ? 5.146   -11.269 2.194   1.00 25.95 ? 84  LEU A CG    1 
ATOM   540  C CD1   . LEU A 1 65  ? 6.452   -11.972 1.846   1.00 27.09 ? 84  LEU A CD1   1 
ATOM   541  C CD2   . LEU A 1 65  ? 4.191   -11.276 1.014   1.00 29.69 ? 84  LEU A CD2   1 
ATOM   542  N N     . VAL A 1 66  ? 3.249   -8.638  3.241   1.00 20.34 ? 85  VAL A N     1 
ATOM   543  C CA    . VAL A 1 66  ? 2.389   -7.695  2.473   1.00 19.68 ? 85  VAL A CA    1 
ATOM   544  C C     . VAL A 1 66  ? 2.812   -7.759  1.023   1.00 19.03 ? 85  VAL A C     1 
ATOM   545  O O     . VAL A 1 66  ? 1.984   -8.033  0.165   1.00 19.10 ? 85  VAL A O     1 
ATOM   546  C CB    . VAL A 1 66  ? 2.530   -6.252  3.010   1.00 19.69 ? 85  VAL A CB    1 
ATOM   547  C CG1   . VAL A 1 66  ? 1.560   -5.304  2.299   1.00 19.35 ? 85  VAL A CG1   1 
ATOM   548  C CG2   . VAL A 1 66  ? 2.301   -6.169  4.518   1.00 20.52 ? 85  VAL A CG2   1 
ATOM   549  N N     . ILE A 1 67  ? 4.096   -7.502  0.754   1.00 19.08 ? 86  ILE A N     1 
ATOM   550  C CA    . ILE A 1 67  ? 4.662   -7.512  -0.596  1.00 19.44 ? 86  ILE A CA    1 
ATOM   551  C C     . ILE A 1 67  ? 5.858   -8.455  -0.631  1.00 20.84 ? 86  ILE A C     1 
ATOM   552  O O     . ILE A 1 67  ? 6.650   -8.455  0.319   1.00 19.86 ? 86  ILE A O     1 
ATOM   553  C CB    . ILE A 1 67  ? 5.161   -6.097  -0.982  1.00 20.75 ? 86  ILE A CB    1 
ATOM   554  C CG1   . ILE A 1 67  ? 3.957   -5.183  -1.208  1.00 21.80 ? 86  ILE A CG1   1 
ATOM   555  C CG2   . ILE A 1 67  ? 6.060   -6.132  -2.228  1.00 21.90 ? 86  ILE A CG2   1 
ATOM   556  C CD1   . ILE A 1 67  ? 4.344   -3.731  -1.467  1.00 21.71 ? 86  ILE A CD1   1 
ATOM   557  N N     . LYS A 1 68  ? 6.009   -9.167  -1.753  1.00 22.21 ? 87  LYS A N     1 
ATOM   558  C CA    . LYS A 1 68  ? 7.129   -10.083 -1.925  1.00 24.33 ? 87  LYS A CA    1 
ATOM   559  C C     . LYS A 1 68  ? 7.959   -9.682  -3.142  1.00 22.21 ? 87  LYS A C     1 
ATOM   560  O O     . LYS A 1 68  ? 7.456   -9.575  -4.268  1.00 23.08 ? 87  LYS A O     1 
ATOM   561  C CB    . LYS A 1 68  ? 6.625   -11.501 -2.067  1.00 26.83 ? 87  LYS A CB    1 
ATOM   562  C CG    . LYS A 1 68  ? 7.734   -12.538 -2.199  1.00 30.62 ? 87  LYS A CG    1 
ATOM   563  C CD    . LYS A 1 68  ? 7.120   -13.920 -2.248  1.00 33.09 ? 87  LYS A CD    1 
ATOM   564  C CE    . LYS A 1 68  ? 8.214   -14.951 -2.088  1.00 38.55 ? 87  LYS A CE    1 
ATOM   565  N NZ    . LYS A 1 68  ? 7.662   -16.330 -2.137  1.00 42.52 ? 87  LYS A NZ    1 
ATOM   566  N N     . GLN A 1 69  ? 9.244   -9.425  -2.905  1.00 22.12 ? 88  GLN A N     1 
ATOM   567  C CA    . GLN A 1 69  ? 10.155  -9.069  -3.944  1.00 21.81 ? 88  GLN A CA    1 
ATOM   568  C C     . GLN A 1 69  ? 10.036  -10.099 -5.080  1.00 24.84 ? 88  GLN A C     1 
ATOM   569  O O     . GLN A 1 69  ? 9.979   -11.312 -4.827  1.00 25.49 ? 88  GLN A O     1 
ATOM   570  C CB    . GLN A 1 69  ? 11.578  -9.019  -3.403  1.00 23.80 ? 88  GLN A CB    1 
ATOM   571  C CG    . GLN A 1 69  ? 12.609  -8.434  -4.358  1.00 24.88 ? 88  GLN A CG    1 
ATOM   572  C CD    . GLN A 1 69  ? 13.997  -8.339  -3.756  1.00 25.14 ? 88  GLN A CD    1 
ATOM   573  O OE1   . GLN A 1 69  ? 14.162  -8.173  -2.538  1.00 25.93 ? 88  GLN A OE1   1 
ATOM   574  N NE2   . GLN A 1 69  ? 15.005  -8.375  -4.610  1.00 31.58 ? 88  GLN A NE2   1 
ATOM   575  N N     . GLY A 1 70  ? 9.984   -9.593  -6.303  1.00 25.75 ? 89  GLY A N     1 
ATOM   576  C CA    . GLY A 1 70  ? 9.844   -10.412 -7.524  1.00 26.30 ? 89  GLY A CA    1 
ATOM   577  C C     . GLY A 1 70  ? 8.433   -10.659 -8.022  1.00 28.31 ? 89  GLY A C     1 
ATOM   578  O O     . GLY A 1 70  ? 8.278   -11.213 -9.124  1.00 30.89 ? 89  GLY A O     1 
ATOM   579  N N     . GLU A 1 71  ? 7.402   -10.273 -7.262  1.00 26.09 ? 90  GLU A N     1 
ATOM   580  C CA    . GLU A 1 71  ? 6.001   -10.485 -7.678  1.00 27.20 ? 90  GLU A CA    1 
ATOM   581  C C     . GLU A 1 71  ? 5.479   -9.288  -8.435  1.00 26.74 ? 90  GLU A C     1 
ATOM   582  O O     . GLU A 1 71  ? 6.097   -8.218  -8.404  1.00 25.84 ? 90  GLU A O     1 
ATOM   583  C CB    . GLU A 1 71  ? 5.101   -10.706 -6.462  1.00 30.44 ? 90  GLU A CB    1 
ATOM   584  C CG    . GLU A 1 71  ? 5.494   -11.914 -5.627  1.00 34.43 ? 90  GLU A CG    1 
ATOM   585  C CD    . GLU A 1 71  ? 5.278   -13.227 -6.344  1.00 40.99 ? 90  GLU A CD    1 
ATOM   586  O OE1   . GLU A 1 71  ? 4.140   -13.485 -6.796  1.00 44.58 ? 90  GLU A OE1   1 
ATOM   587  O OE2   . GLU A 1 71  ? 6.254   -13.999 -6.456  1.00 44.03 ? 90  GLU A OE2   1 
ATOM   588  N N     . LYS A 1 72  ? 4.351   -9.477  -9.122  1.00 24.08 ? 91  LYS A N     1 
ATOM   589  C CA    . LYS A 1 72  ? 3.608   -8.352  -9.713  1.00 25.03 ? 91  LYS A CA    1 
ATOM   590  C C     . LYS A 1 72  ? 3.008   -7.482  -8.615  1.00 22.87 ? 91  LYS A C     1 
ATOM   591  O O     . LYS A 1 72  ? 2.375   -8.001  -7.710  1.00 24.09 ? 91  LYS A O     1 
ATOM   592  C CB    . LYS A 1 72  ? 2.469   -8.850  -10.631 1.00 27.25 ? 91  LYS A CB    1 
ATOM   593  C CG    . LYS A 1 72  ? 1.748   -7.705  -11.334 1.00 31.24 ? 91  LYS A CG    1 
ATOM   594  C CD    . LYS A 1 72  ? 0.575   -8.152  -12.175 1.00 32.60 ? 91  LYS A CD    1 
ATOM   595  C CE    . LYS A 1 72  ? -0.202  -6.944  -12.670 1.00 35.89 ? 91  LYS A CE    1 
ATOM   596  N NZ    . LYS A 1 72  ? -1.341  -7.360  -13.525 1.00 36.09 ? 91  LYS A NZ    1 
ATOM   597  N N     . GLY A 1 73  ? 3.098   -6.158  -8.771  1.00 21.66 ? 92  GLY A N     1 
ATOM   598  C CA    . GLY A 1 73  ? 2.446   -5.277  -7.825  1.00 22.92 ? 92  GLY A CA    1 
ATOM   599  C C     . GLY A 1 73  ? 1.024   -4.892  -8.202  1.00 23.77 ? 92  GLY A C     1 
ATOM   600  O O     . GLY A 1 73  ? 0.761   -4.583  -9.355  1.00 24.10 ? 92  GLY A O     1 
ATOM   601  N N     . SER A 1 74  ? 0.133   -4.859  -7.217  1.00 20.65 ? 93  SER A N     1 
ATOM   602  C CA    . SER A 1 74  ? -1.289  -4.552  -7.455  1.00 20.21 ? 93  SER A CA    1 
ATOM   603  C C     . SER A 1 74  ? -1.868  -3.456  -6.568  1.00 19.81 ? 93  SER A C     1 
ATOM   604  O O     . SER A 1 74  ? -3.034  -3.122  -6.717  1.00 18.96 ? 93  SER A O     1 
ATOM   605  C CB    . SER A 1 74  ? -2.110  -5.822  -7.313  1.00 23.60 ? 93  SER A CB    1 
ATOM   606  O OG    . SER A 1 74  ? -1.748  -6.720  -8.374  1.00 27.02 ? 93  SER A OG    1 
ATOM   607  N N     . TYR A 1 75  ? -1.046  -2.905  -5.670  1.00 18.99 ? 94  TYR A N     1 
ATOM   608  C CA    . TYR A 1 75  ? -1.484  -1.964  -4.651  1.00 18.75 ? 94  TYR A CA    1 
ATOM   609  C C     . TYR A 1 75  ? -0.398  -0.947  -4.290  1.00 18.96 ? 94  TYR A C     1 
ATOM   610  O O     . TYR A 1 75  ? 0.803   -1.263  -4.304  1.00 18.50 ? 94  TYR A O     1 
ATOM   611  C CB    . TYR A 1 75  ? -1.948  -2.629  -3.344  1.00 19.24 ? 94  TYR A CB    1 
ATOM   612  C CG    . TYR A 1 75  ? -3.155  -3.455  -3.505  1.00 20.91 ? 94  TYR A CG    1 
ATOM   613  C CD1   . TYR A 1 75  ? -3.031  -4.776  -3.916  1.00 21.29 ? 94  TYR A CD1   1 
ATOM   614  C CD2   . TYR A 1 75  ? -4.428  -2.922  -3.329  1.00 23.72 ? 94  TYR A CD2   1 
ATOM   615  C CE1   . TYR A 1 75  ? -4.138  -5.556  -4.155  1.00 25.37 ? 94  TYR A CE1   1 
ATOM   616  C CE2   . TYR A 1 75  ? -5.562  -3.711  -3.543  1.00 23.80 ? 94  TYR A CE2   1 
ATOM   617  C CZ    . TYR A 1 75  ? -5.392  -5.030  -3.951  1.00 25.87 ? 94  TYR A CZ    1 
ATOM   618  O OH    . TYR A 1 75  ? -6.465  -5.840  -4.231  1.00 29.59 ? 94  TYR A OH    1 
ATOM   619  N N     . PHE A 1 76  ? -0.852  0.250   -3.912  1.00 16.13 ? 95  PHE A N     1 
ATOM   620  C CA    . PHE A 1 76  ? -0.055  1.238   -3.227  1.00 15.01 ? 95  PHE A CA    1 
ATOM   621  C C     . PHE A 1 76  ? -0.588  1.412   -1.790  1.00 15.71 ? 95  PHE A C     1 
ATOM   622  O O     . PHE A 1 76  ? -1.816  1.451   -1.606  1.00 16.50 ? 95  PHE A O     1 
ATOM   623  C CB    . PHE A 1 76  ? -0.174  2.600   -3.928  1.00 15.91 ? 95  PHE A CB    1 
ATOM   624  C CG    . PHE A 1 76  ? 0.464   3.720   -3.194  1.00 17.40 ? 95  PHE A CG    1 
ATOM   625  C CD1   . PHE A 1 76  ? 1.864   3.862   -3.136  1.00 16.53 ? 95  PHE A CD1   1 
ATOM   626  C CD2   . PHE A 1 76  ? -0.318  4.626   -2.481  1.00 17.96 ? 95  PHE A CD2   1 
ATOM   627  C CE1   . PHE A 1 76  ? 2.457   4.894   -2.421  1.00 18.78 ? 95  PHE A CE1   1 
ATOM   628  C CE2   . PHE A 1 76  ? 0.274   5.656   -1.730  1.00 18.18 ? 95  PHE A CE2   1 
ATOM   629  C CZ    . PHE A 1 76  ? 1.651   5.818   -1.727  1.00 18.09 ? 95  PHE A CZ    1 
ATOM   630  N N     . PHE A 1 77  ? 0.309   1.516   -0.804  1.00 15.83 ? 96  PHE A N     1 
ATOM   631  C CA    . PHE A 1 77  ? -0.073  1.438   0.603   1.00 15.86 ? 96  PHE A CA    1 
ATOM   632  C C     . PHE A 1 77  ? 0.420   2.635   1.408   1.00 15.92 ? 96  PHE A C     1 
ATOM   633  O O     . PHE A 1 77  ? 1.523   3.128   1.187   1.00 16.09 ? 96  PHE A O     1 
ATOM   634  C CB    . PHE A 1 77  ? 0.519   0.186   1.255   1.00 16.24 ? 96  PHE A CB    1 
ATOM   635  C CG    . PHE A 1 77  ? 0.046   -1.105  0.680   1.00 17.74 ? 96  PHE A CG    1 
ATOM   636  C CD1   . PHE A 1 77  ? -1.193  -1.601  1.032   1.00 18.91 ? 96  PHE A CD1   1 
ATOM   637  C CD2   . PHE A 1 77  ? 0.863   -1.832  -0.177  1.00 18.91 ? 96  PHE A CD2   1 
ATOM   638  C CE1   . PHE A 1 77  ? -1.607  -2.844  0.528   1.00 20.33 ? 96  PHE A CE1   1 
ATOM   639  C CE2   . PHE A 1 77  ? 0.438   -3.034  -0.702  1.00 19.44 ? 96  PHE A CE2   1 
ATOM   640  C CZ    . PHE A 1 77  ? -0.768  -3.547  -0.330  1.00 19.16 ? 96  PHE A CZ    1 
ATOM   641  N N     . ILE A 1 78  ? -0.412  3.041   2.367   1.00 15.67 ? 97  ILE A N     1 
ATOM   642  C CA    . ILE A 1 78  ? -0.053  3.962   3.452   1.00 17.52 ? 97  ILE A CA    1 
ATOM   643  C C     . ILE A 1 78  ? -0.175  3.196   4.779   1.00 18.35 ? 97  ILE A C     1 
ATOM   644  O O     . ILE A 1 78  ? -1.186  2.492   5.021   1.00 18.21 ? 97  ILE A O     1 
ATOM   645  C CB    . ILE A 1 78  ? -1.020  5.164   3.452   1.00 17.99 ? 97  ILE A CB    1 
ATOM   646  C CG1   . ILE A 1 78  ? -0.859  5.975   2.176   1.00 17.92 ? 97  ILE A CG1   1 
ATOM   647  C CG2   . ILE A 1 78  ? -0.773  6.037   4.652   1.00 17.11 ? 97  ILE A CG2   1 
ATOM   648  C CD1   . ILE A 1 78  ? -1.986  6.934   1.856   1.00 18.65 ? 97  ILE A CD1   1 
ATOM   649  N N     . ILE A 1 79  ? 0.836   3.303   5.631   1.00 18.44 ? 98  ILE A N     1 
ATOM   650  C CA    . ILE A 1 79  ? 0.793   2.686   6.929   1.00 17.39 ? 98  ILE A CA    1 
ATOM   651  C C     . ILE A 1 79  ? -0.108  3.507   7.857   1.00 18.53 ? 98  ILE A C     1 
ATOM   652  O O     . ILE A 1 79  ? 0.129   4.678   8.042   1.00 19.37 ? 98  ILE A O     1 
ATOM   653  C CB    . ILE A 1 79  ? 2.178   2.499   7.577   1.00 18.00 ? 98  ILE A CB    1 
ATOM   654  C CG1   . ILE A 1 79  ? 3.030   1.609   6.666   1.00 18.57 ? 98  ILE A CG1   1 
ATOM   655  C CG2   . ILE A 1 79  ? 2.035   1.853   8.936   1.00 18.19 ? 98  ILE A CG2   1 
ATOM   656  C CD1   . ILE A 1 79  ? 4.487   1.545   7.063   1.00 20.04 ? 98  ILE A CD1   1 
ATOM   657  N N     . ASN A 1 80  ? -1.136  2.861   8.385   1.00 18.39 ? 99  ASN A N     1 
ATOM   658  C CA    . ASN A 1 80  ? -2.009  3.455   9.389   1.00 20.03 ? 99  ASN A CA    1 
ATOM   659  C C     . ASN A 1 80  ? -1.606  3.190   10.840  1.00 21.81 ? 99  ASN A C     1 
ATOM   660  O O     . ASN A 1 80  ? -1.815  4.054   11.726  1.00 23.87 ? 99  ASN A O     1 
ATOM   661  C CB    . ASN A 1 80  ? -3.420  2.931   9.157   1.00 21.93 ? 99  ASN A CB    1 
ATOM   662  C CG    . ASN A 1 80  ? -4.416  3.635   10.008  1.00 21.85 ? 99  ASN A CG    1 
ATOM   663  O OD1   . ASN A 1 80  ? -4.667  4.842   9.833   1.00 23.64 ? 99  ASN A OD1   1 
ATOM   664  N ND2   . ASN A 1 80  ? -5.047  2.889   10.894  1.00 23.86 ? 99  ASN A ND2   1 
ATOM   665  N N     . SER A 1 81  ? -1.112  1.991   11.101  1.00 20.95 ? 100 SER A N     1 
ATOM   666  C CA    . SER A 1 81  ? -0.659  1.596   12.444  1.00 21.36 ? 100 SER A CA    1 
ATOM   667  C C     . SER A 1 81  ? 0.325   0.460   12.355  1.00 21.43 ? 100 SER A C     1 
ATOM   668  O O     . SER A 1 81  ? 0.337   -0.313  11.382  1.00 20.74 ? 100 SER A O     1 
ATOM   669  C CB    . SER A 1 81  ? -1.860  1.161   13.311  1.00 22.56 ? 100 SER A CB    1 
ATOM   670  O OG    . SER A 1 81  ? -2.376  -0.102  12.924  1.00 23.19 ? 100 SER A OG    1 
ATOM   671  N N     . GLY A 1 82  ? 1.150   0.332   13.387  1.00 20.78 ? 101 GLY A N     1 
ATOM   672  C CA    . GLY A 1 82  ? 2.038   -0.788  13.480  1.00 20.60 ? 101 GLY A CA    1 
ATOM   673  C C     . GLY A 1 82  ? 3.340   -0.502  12.736  1.00 19.84 ? 101 GLY A C     1 
ATOM   674  O O     . GLY A 1 82  ? 3.569   0.624   12.232  1.00 22.44 ? 101 GLY A O     1 
ATOM   675  N N     . LYS A 1 83  ? 4.201   -1.503  12.668  1.00 22.19 ? 102 LYS A N     1 
ATOM   676  C CA    . LYS A 1 83  ? 5.503   -1.365  12.073  1.00 22.20 ? 102 LYS A CA    1 
ATOM   677  C C     . LYS A 1 83  ? 5.715   -2.369  10.957  1.00 21.32 ? 102 LYS A C     1 
ATOM   678  O O     . LYS A 1 83  ? 5.412   -3.576  11.102  1.00 21.93 ? 102 LYS A O     1 
ATOM   679  C CB    . LYS A 1 83  ? 6.604   -1.543  13.131  1.00 24.44 ? 102 LYS A CB    1 
ATOM   680  C CG    . LYS A 1 83  ? 6.536   -0.550  14.299  1.00 27.76 ? 102 LYS A CG    1 
ATOM   681  C CD    . LYS A 1 83  ? 6.718   0.911   13.904  1.00 31.75 ? 102 LYS A CD    1 
ATOM   682  C CE    . LYS A 1 83  ? 6.711   1.837   15.124  1.00 37.24 ? 102 LYS A CE    1 
ATOM   683  N NZ    . LYS A 1 83  ? 5.562   2.803   15.185  1.00 37.98 ? 102 LYS A NZ    1 
ATOM   684  N N     . PHE A 1 84  ? 6.250   -1.884  9.831   1.00 19.03 ? 103 PHE A N     1 
ATOM   685  C CA    . PHE A 1 84  ? 6.442   -2.703  8.625   1.00 19.72 ? 103 PHE A CA    1 
ATOM   686  C C     . PHE A 1 84  ? 7.890   -2.634  8.194   1.00 20.67 ? 103 PHE A C     1 
ATOM   687  O O     . PHE A 1 84  ? 8.429   -1.546  7.983   1.00 20.72 ? 103 PHE A O     1 
ATOM   688  C CB    . PHE A 1 84  ? 5.488   -2.257  7.501   1.00 19.30 ? 103 PHE A CB    1 
ATOM   689  C CG    . PHE A 1 84  ? 4.042   -2.541  7.819   1.00 19.36 ? 103 PHE A CG    1 
ATOM   690  C CD1   . PHE A 1 84  ? 3.311   -1.725  8.704   1.00 19.17 ? 103 PHE A CD1   1 
ATOM   691  C CD2   . PHE A 1 84  ? 3.402   -3.658  7.288   1.00 18.97 ? 103 PHE A CD2   1 
ATOM   692  C CE1   . PHE A 1 84  ? 2.010   -2.027  9.038   1.00 20.60 ? 103 PHE A CE1   1 
ATOM   693  C CE2   . PHE A 1 84  ? 2.082   -3.935  7.606   1.00 19.02 ? 103 PHE A CE2   1 
ATOM   694  C CZ    . PHE A 1 84  ? 1.397   -3.146  8.479   1.00 20.75 ? 103 PHE A CZ    1 
ATOM   695  N N     . ASP A 1 85  ? 8.530   -3.794  8.108   1.00 18.87 ? 104 ASP A N     1 
ATOM   696  C CA    . ASP A 1 85  ? 9.935   -3.871  7.718   1.00 18.56 ? 104 ASP A CA    1 
ATOM   697  C C     . ASP A 1 85  ? 10.140  -4.066  6.238   1.00 18.69 ? 104 ASP A C     1 
ATOM   698  O O     . ASP A 1 85  ? 9.395   -4.808  5.579   1.00 19.77 ? 104 ASP A O     1 
ATOM   699  C CB    . ASP A 1 85  ? 10.634  -5.032  8.454   1.00 19.95 ? 104 ASP A CB    1 
ATOM   700  C CG    . ASP A 1 85  ? 10.781  -4.781  9.932   1.00 22.96 ? 104 ASP A CG    1 
ATOM   701  O OD1   . ASP A 1 85  ? 10.715  -3.628  10.398  1.00 22.20 ? 104 ASP A OD1   1 
ATOM   702  O OD2   . ASP A 1 85  ? 10.980  -5.761  10.681  1.00 25.08 ? 104 ASP A OD2   1 
ATOM   703  N N     . VAL A 1 86  ? 11.183  -3.430  5.700   1.00 17.98 ? 105 VAL A N     1 
ATOM   704  C CA    . VAL A 1 86  ? 11.560  -3.531  4.314   1.00 18.67 ? 105 VAL A CA    1 
ATOM   705  C C     . VAL A 1 86  ? 12.816  -4.375  4.169   1.00 19.95 ? 105 VAL A C     1 
ATOM   706  O O     . VAL A 1 86  ? 13.859  -4.041  4.745   1.00 21.69 ? 105 VAL A O     1 
ATOM   707  C CB    . VAL A 1 86  ? 11.855  -2.138  3.698   1.00 19.99 ? 105 VAL A CB    1 
ATOM   708  C CG1   . VAL A 1 86  ? 12.161  -2.260  2.218   1.00 20.08 ? 105 VAL A CG1   1 
ATOM   709  C CG2   . VAL A 1 86  ? 10.680  -1.207  3.960   1.00 19.09 ? 105 VAL A CG2   1 
ATOM   710  N N     . TYR A 1 87  ? 12.747  -5.426  3.340   1.00 19.62 ? 106 TYR A N     1 
ATOM   711  C CA    . TYR A 1 87  ? 13.914  -6.250  3.056   1.00 19.48 ? 106 TYR A CA    1 
ATOM   712  C C     . TYR A 1 87  ? 14.263  -6.181  1.581   1.00 19.61 ? 106 TYR A C     1 
ATOM   713  O O     . TYR A 1 87  ? 13.414  -6.399  0.713   1.00 22.43 ? 106 TYR A O     1 
ATOM   714  C CB    . TYR A 1 87  ? 13.621  -7.710  3.412   1.00 19.90 ? 106 TYR A CB    1 
ATOM   715  C CG    . TYR A 1 87  ? 13.271  -8.013  4.853   1.00 20.03 ? 106 TYR A CG    1 
ATOM   716  C CD1   . TYR A 1 87  ? 12.002  -7.748  5.369   1.00 20.26 ? 106 TYR A CD1   1 
ATOM   717  C CD2   . TYR A 1 87  ? 14.191  -8.688  5.694   1.00 22.06 ? 106 TYR A CD2   1 
ATOM   718  C CE1   . TYR A 1 87  ? 11.656  -8.079  6.679   1.00 21.88 ? 106 TYR A CE1   1 
ATOM   719  C CE2   . TYR A 1 87  ? 13.858  -9.014  6.997   1.00 22.99 ? 106 TYR A CE2   1 
ATOM   720  C CZ    . TYR A 1 87  ? 12.596  -8.742  7.491   1.00 23.69 ? 106 TYR A CZ    1 
ATOM   721  O OH    . TYR A 1 87  ? 12.271  -9.116  8.795   1.00 28.36 ? 106 TYR A OH    1 
ATOM   722  N N     . VAL A 1 88  ? 15.507  -5.869  1.281   1.00 21.60 ? 107 VAL A N     1 
ATOM   723  C CA    . VAL A 1 88  ? 15.994  -5.866  -0.084  1.00 23.20 ? 107 VAL A CA    1 
ATOM   724  C C     . VAL A 1 88  ? 16.998  -7.027  -0.170  1.00 28.53 ? 107 VAL A C     1 
ATOM   725  O O     . VAL A 1 88  ? 18.005  -7.027  0.554   1.00 29.00 ? 107 VAL A O     1 
ATOM   726  C CB    . VAL A 1 88  ? 16.654  -4.515  -0.434  1.00 24.67 ? 107 VAL A CB    1 
ATOM   727  C CG1   . VAL A 1 88  ? 17.244  -4.542  -1.830  1.00 25.86 ? 107 VAL A CG1   1 
ATOM   728  C CG2   . VAL A 1 88  ? 15.620  -3.404  -0.301  1.00 23.01 ? 107 VAL A CG2   1 
ATOM   729  N N     . ASN A 1 89  ? 16.701  -8.016  -1.011  1.00 33.51 ? 108 ASN A N     1 
ATOM   730  C CA    . ASN A 1 89  ? 17.559  -9.222  -1.122  1.00 37.86 ? 108 ASN A CA    1 
ATOM   731  C C     . ASN A 1 89  ? 17.907  -9.833  0.228   1.00 41.58 ? 108 ASN A C     1 
ATOM   732  O O     . ASN A 1 89  ? 19.088  -10.066 0.528   1.00 41.76 ? 108 ASN A O     1 
ATOM   733  C CB    . ASN A 1 89  ? 18.860  -8.897  -1.861  1.00 40.57 ? 108 ASN A CB    1 
ATOM   734  C CG    . ASN A 1 89  ? 18.622  -8.393  -3.253  1.00 45.69 ? 108 ASN A CG    1 
ATOM   735  O OD1   . ASN A 1 89  ? 17.734  -8.877  -3.961  1.00 46.08 ? 108 ASN A OD1   1 
ATOM   736  N ND2   . ASN A 1 89  ? 19.416  -7.412  -3.665  1.00 50.70 ? 108 ASN A ND2   1 
ATOM   737  N N     . ASP A 1 90  ? 16.888  -10.061 1.049   1.00 38.88 ? 109 ASP A N     1 
ATOM   738  C CA    . ASP A 1 90  ? 17.067  -10.703 2.358   1.00 38.89 ? 109 ASP A CA    1 
ATOM   739  C C     . ASP A 1 90  ? 17.803  -9.896  3.448   1.00 35.61 ? 109 ASP A C     1 
ATOM   740  O O     . ASP A 1 90  ? 18.127  -10.449 4.503   1.00 36.95 ? 109 ASP A O     1 
ATOM   741  C CB    . ASP A 1 90  ? 17.722  -12.084 2.194   1.00 40.80 ? 109 ASP A CB    1 
ATOM   742  N N     . LYS A 1 91  ? 18.041  -8.599  3.232   1.00 30.70 ? 110 LYS A N     1 
ATOM   743  C CA    . LYS A 1 91  ? 18.632  -7.741  4.241   1.00 30.92 ? 110 LYS A CA    1 
ATOM   744  C C     . LYS A 1 91  ? 17.638  -6.632  4.591   1.00 26.19 ? 110 LYS A C     1 
ATOM   745  O O     . LYS A 1 91  ? 17.099  -5.989  3.695   1.00 25.26 ? 110 LYS A O     1 
ATOM   746  C CB    . LYS A 1 91  ? 19.961  -7.174  3.742   1.00 37.15 ? 110 LYS A CB    1 
ATOM   747  C CG    . LYS A 1 91  ? 21.090  -8.188  3.844   1.00 42.52 ? 110 LYS A CG    1 
ATOM   748  C CD    . LYS A 1 91  ? 22.426  -7.598  3.463   1.00 48.74 ? 110 LYS A CD    1 
ATOM   749  C CE    . LYS A 1 91  ? 23.484  -8.678  3.368   1.00 52.57 ? 110 LYS A CE    1 
ATOM   750  N NZ    . LYS A 1 91  ? 24.832  -8.085  3.153   1.00 57.75 ? 110 LYS A NZ    1 
ATOM   751  N N     . LYS A 1 92  ? 17.364  -6.462  5.882   1.00 25.51 ? 111 LYS A N     1 
ATOM   752  C CA    . LYS A 1 92  ? 16.411  -5.464  6.372   1.00 25.09 ? 111 LYS A CA    1 
ATOM   753  C C     . LYS A 1 92  ? 17.077  -4.115  6.286   1.00 25.98 ? 111 LYS A C     1 
ATOM   754  O O     . LYS A 1 92  ? 18.136  -3.919  6.872   1.00 28.66 ? 111 LYS A O     1 
ATOM   755  C CB    . LYS A 1 92  ? 15.990  -5.738  7.818   1.00 28.09 ? 111 LYS A CB    1 
ATOM   756  C CG    . LYS A 1 92  ? 14.815  -4.900  8.296   1.00 30.66 ? 111 LYS A CG    1 
ATOM   757  C CD    . LYS A 1 92  ? 14.553  -4.986  9.803   1.00 31.50 ? 111 LYS A CD    1 
ATOM   758  C CE    . LYS A 1 92  ? 14.331  -6.414  10.246  1.00 34.84 ? 111 LYS A CE    1 
ATOM   759  N NZ    . LYS A 1 92  ? 13.677  -6.571  11.579  1.00 38.04 ? 111 LYS A NZ    1 
ATOM   760  N N     . VAL A 1 93  ? 16.451  -3.202  5.565   1.00 22.28 ? 112 VAL A N     1 
ATOM   761  C CA    . VAL A 1 93  ? 17.006  -1.873  5.270   1.00 22.21 ? 112 VAL A CA    1 
ATOM   762  C C     . VAL A 1 93  ? 16.326  -0.785  6.045   1.00 24.39 ? 112 VAL A C     1 
ATOM   763  O O     . VAL A 1 93  ? 16.945  0.257   6.296   1.00 24.32 ? 112 VAL A O     1 
ATOM   764  C CB    . VAL A 1 93  ? 17.032  -1.552  3.758   1.00 23.20 ? 112 VAL A CB    1 
ATOM   765  C CG1   . VAL A 1 93  ? 18.020  -2.484  3.053   1.00 24.15 ? 112 VAL A CG1   1 
ATOM   766  C CG2   . VAL A 1 93  ? 15.656  -1.622  3.100   1.00 23.60 ? 112 VAL A CG2   1 
ATOM   767  N N     . LYS A 1 94  ? 15.068  -0.983  6.438   1.00 21.42 ? 113 LYS A N     1 
ATOM   768  C CA    . LYS A 1 94  ? 14.391  0.001   7.258   1.00 22.92 ? 113 LYS A CA    1 
ATOM   769  C C     . LYS A 1 94  ? 13.117  -0.549  7.866   1.00 23.14 ? 113 LYS A C     1 
ATOM   770  O O     . LYS A 1 94  ? 12.663  -1.620  7.457   1.00 22.97 ? 113 LYS A O     1 
ATOM   771  C CB    . LYS A 1 94  ? 14.108  1.282   6.450   1.00 26.09 ? 113 LYS A CB    1 
ATOM   772  C CG    . LYS A 1 94  ? 13.186  1.110   5.292   1.00 26.67 ? 113 LYS A CG    1 
ATOM   773  C CD    . LYS A 1 94  ? 13.054  2.390   4.449   1.00 26.31 ? 113 LYS A CD    1 
ATOM   774  C CE    . LYS A 1 94  ? 14.299  2.675   3.609   1.00 28.34 ? 113 LYS A CE    1 
ATOM   775  N NZ    . LYS A 1 94  ? 14.050  3.336   2.321   1.00 30.45 ? 113 LYS A NZ    1 
ATOM   776  N N     . THR A 1 95  ? 12.577  0.197   8.841   1.00 21.49 ? 114 THR A N     1 
ATOM   777  C CA    . THR A 1 95  ? 11.307  -0.096  9.463   1.00 21.70 ? 114 THR A CA    1 
ATOM   778  C C     . THR A 1 95  ? 10.453  1.158   9.323   1.00 23.22 ? 114 THR A C     1 
ATOM   779  O O     . THR A 1 95  ? 10.913  2.264   9.616   1.00 22.69 ? 114 THR A O     1 
ATOM   780  C CB    . THR A 1 95  ? 11.489  -0.397  10.925  1.00 23.75 ? 114 THR A CB    1 
ATOM   781  O OG1   . THR A 1 95  ? 12.357  -1.517  11.030  1.00 25.09 ? 114 THR A OG1   1 
ATOM   782  C CG2   . THR A 1 95  ? 10.139  -0.708  11.612  1.00 25.40 ? 114 THR A CG2   1 
ATOM   783  N N     . MET A 1 96  ? 9.214   0.969   8.898   1.00 21.43 ? 115 MET A N     1 
ATOM   784  C CA    . MET A 1 96  ? 8.335   2.091   8.580   1.00 21.71 ? 115 MET A CA    1 
ATOM   785  C C     . MET A 1 96  ? 7.123   2.074   9.510   1.00 20.46 ? 115 MET A C     1 
ATOM   786  O O     . MET A 1 96  ? 6.550   1.003   9.808   1.00 21.06 ? 115 MET A O     1 
ATOM   787  C CB    . MET A 1 96  ? 7.910   1.979   7.131   1.00 21.76 ? 115 MET A CB    1 
ATOM   788  C CG    . MET A 1 96  ? 9.070   1.954   6.127   1.00 23.31 ? 115 MET A CG    1 
ATOM   789  S SD    . MET A 1 96  ? 8.559   1.869   4.395   1.00 27.82 ? 115 MET A SD    1 
ATOM   790  C CE    . MET A 1 96  ? 7.589   0.400   4.376   1.00 28.27 ? 115 MET A CE    1 
ATOM   791  N N     . GLY A 1 97  ? 6.711   3.259   9.949   1.00 19.56 ? 116 GLY A N     1 
ATOM   792  C CA    . GLY A 1 97  ? 5.496   3.399   10.737  1.00 20.20 ? 116 GLY A CA    1 
ATOM   793  C C     . GLY A 1 97  ? 4.466   4.338   10.147  1.00 19.43 ? 116 GLY A C     1 
ATOM   794  O O     . GLY A 1 97  ? 4.505   4.685   8.977   1.00 19.22 ? 116 GLY A O     1 
ATOM   795  N N     . LYS A 1 98  ? 3.533   4.733   10.997  1.00 19.32 ? 117 LYS A N     1 
ATOM   796  C CA    . LYS A 1 98  ? 2.337   5.445   10.564  1.00 20.04 ? 117 LYS A CA    1 
ATOM   797  C C     . LYS A 1 98  ? 2.697   6.683   9.733   1.00 20.18 ? 117 LYS A C     1 
ATOM   798  O O     . LYS A 1 98  ? 3.555   7.503   10.152  1.00 21.06 ? 117 LYS A O     1 
ATOM   799  C CB    . LYS A 1 98  ? 1.492   5.796   11.791  1.00 20.31 ? 117 LYS A CB    1 
ATOM   800  C CG    . LYS A 1 98  ? 0.237   6.586   11.487  1.00 21.35 ? 117 LYS A CG    1 
ATOM   801  C CD    . LYS A 1 98  ? -0.547  6.908   12.754  1.00 24.63 ? 117 LYS A CD    1 
ATOM   802  C CE    . LYS A 1 98  ? -1.853  7.578   12.362  1.00 26.79 ? 117 LYS A CE    1 
ATOM   803  N NZ    . LYS A 1 98  ? -2.726  7.840   13.542  1.00 29.75 ? 117 LYS A NZ    1 
ATOM   804  N N     . GLY A 1 99  ? 2.031   6.841   8.597   1.00 17.08 ? 118 GLY A N     1 
ATOM   805  C CA    . GLY A 1 99  ? 2.270   7.962   7.699   1.00 19.51 ? 118 GLY A CA    1 
ATOM   806  C C     . GLY A 1 99  ? 3.212   7.641   6.546   1.00 18.33 ? 118 GLY A C     1 
ATOM   807  O O     . GLY A 1 99  ? 3.143   8.282   5.504   1.00 20.08 ? 118 GLY A O     1 
ATOM   808  N N     . SER A 1 100 ? 4.069   6.656   6.723   1.00 18.03 ? 119 SER A N     1 
ATOM   809  C CA    . SER A 1 100 ? 4.928   6.193   5.635   1.00 17.66 ? 119 SER A CA    1 
ATOM   810  C C     . SER A 1 100 ? 4.056   5.523   4.600   1.00 18.24 ? 119 SER A C     1 
ATOM   811  O O     . SER A 1 100 ? 2.948   5.027   4.902   1.00 19.30 ? 119 SER A O     1 
ATOM   812  C CB    . SER A 1 100 ? 5.934   5.150   6.124   1.00 19.75 ? 119 SER A CB    1 
ATOM   813  O OG    . SER A 1 100 ? 6.885   5.717   7.021   1.00 25.36 ? 119 SER A OG    1 
ATOM   814  N N     . SER A 1 101 ? 4.570   5.491   3.395   1.00 18.42 ? 120 SER A N     1 
ATOM   815  C CA    . SER A 1 101 ? 3.895   4.804   2.313   1.00 18.25 ? 120 SER A CA    1 
ATOM   816  C C     . SER A 1 101 ? 4.904   3.983   1.533   1.00 17.55 ? 120 SER A C     1 
ATOM   817  O O     . SER A 1 101 ? 6.122   4.176   1.626   1.00 18.28 ? 120 SER A O     1 
ATOM   818  C CB    . SER A 1 101 ? 3.192   5.806   1.378   1.00 17.68 ? 120 SER A CB    1 
ATOM   819  O OG    . SER A 1 101 ? 4.123   6.761   0.843   1.00 19.64 ? 120 SER A OG    1 
ATOM   820  N N     . PHE A 1 102 ? 4.378   3.058   0.743   1.00 16.76 ? 121 PHE A N     1 
ATOM   821  C CA    . PHE A 1 102 ? 5.217   2.161   -0.042  1.00 16.78 ? 121 PHE A CA    1 
ATOM   822  C C     . PHE A 1 102 ? 4.428   1.464   -1.137  1.00 16.21 ? 121 PHE A C     1 
ATOM   823  O O     . PHE A 1 102 ? 3.200   1.349   -1.078  1.00 16.29 ? 121 PHE A O     1 
ATOM   824  C CB    . PHE A 1 102 ? 5.915   1.110   0.861   1.00 16.21 ? 121 PHE A CB    1 
ATOM   825  C CG    . PHE A 1 102 ? 4.959   0.176   1.591   1.00 16.34 ? 121 PHE A CG    1 
ATOM   826  C CD1   . PHE A 1 102 ? 4.543   -1.033  1.002   1.00 18.22 ? 121 PHE A CD1   1 
ATOM   827  C CD2   . PHE A 1 102 ? 4.503   0.482   2.861   1.00 16.80 ? 121 PHE A CD2   1 
ATOM   828  C CE1   . PHE A 1 102 ? 3.681   -1.888  1.664   1.00 17.92 ? 121 PHE A CE1   1 
ATOM   829  C CE2   . PHE A 1 102 ? 3.668   -0.379  3.557   1.00 17.98 ? 121 PHE A CE2   1 
ATOM   830  C CZ    . PHE A 1 102 ? 3.241   -1.572  2.966   1.00 18.08 ? 121 PHE A CZ    1 
ATOM   831  N N     . GLY A 1 103 ? 5.140   0.924   -2.115  1.00 15.47 ? 122 GLY A N     1 
ATOM   832  C CA    . GLY A 1 103 ? 4.480   0.168   -3.183  1.00 16.91 ? 122 GLY A CA    1 
ATOM   833  C C     . GLY A 1 103 ? 4.289   0.885   -4.499  1.00 16.44 ? 122 GLY A C     1 
ATOM   834  O O     . GLY A 1 103 ? 3.787   0.322   -5.437  1.00 18.62 ? 122 GLY A O     1 
ATOM   835  N N     . GLU A 1 104 ? 4.731   2.137   -4.558  1.00 17.12 ? 123 GLU A N     1 
ATOM   836  C CA    . GLU A 1 104 ? 4.603   2.950   -5.745  1.00 19.05 ? 123 GLU A CA    1 
ATOM   837  C C     . GLU A 1 104 ? 5.525   2.459   -6.874  1.00 18.92 ? 123 GLU A C     1 
ATOM   838  O O     . GLU A 1 104 ? 5.138   2.493   -8.019  1.00 21.73 ? 123 GLU A O     1 
ATOM   839  C CB    . GLU A 1 104 ? 4.859   4.437   -5.424  1.00 19.22 ? 123 GLU A CB    1 
ATOM   840  C CG    . GLU A 1 104 ? 6.317   4.797   -5.164  1.00 18.88 ? 123 GLU A CG    1 
ATOM   841  C CD    . GLU A 1 104 ? 6.809   4.126   -3.916  1.00 21.37 ? 123 GLU A CD    1 
ATOM   842  O OE1   . GLU A 1 104 ? 6.130   4.264   -2.870  1.00 19.33 ? 123 GLU A OE1   1 
ATOM   843  O OE2   . GLU A 1 104 ? 7.819   3.413   -3.947  1.00 22.29 ? 123 GLU A OE2   1 
ATOM   844  N N     . ALA A 1 105 ? 6.729   1.993   -6.544  1.00 20.32 ? 124 ALA A N     1 
ATOM   845  C CA    . ALA A 1 105 ? 7.744   1.798   -7.604  1.00 20.45 ? 124 ALA A CA    1 
ATOM   846  C C     . ALA A 1 105 ? 7.341   0.790   -8.684  1.00 22.87 ? 124 ALA A C     1 
ATOM   847  O O     . ALA A 1 105 ? 7.588   1.031   -9.865  1.00 23.90 ? 124 ALA A O     1 
ATOM   848  C CB    . ALA A 1 105 ? 9.074   1.383   -6.984  1.00 20.39 ? 124 ALA A CB    1 
ATOM   849  N N     . ALA A 1 106 ? 6.785   -0.358  -8.290  1.00 21.78 ? 125 ALA A N     1 
ATOM   850  C CA    . ALA A 1 106 ? 6.369   -1.386  -9.280  1.00 22.39 ? 125 ALA A CA    1 
ATOM   851  C C     . ALA A 1 106 ? 5.304   -0.817  -10.207 1.00 23.22 ? 125 ALA A C     1 
ATOM   852  O O     . ALA A 1 106 ? 5.276   -1.089  -11.403 1.00 24.46 ? 125 ALA A O     1 
ATOM   853  C CB    . ALA A 1 106 ? 5.866   -2.636  -8.564  1.00 22.58 ? 125 ALA A CB    1 
ATOM   854  N N     . LEU A 1 107 ? 4.411   -0.019  -9.629  1.00 21.84 ? 126 LEU A N     1 
ATOM   855  C CA    . LEU A 1 107 ? 3.276   0.532   -10.345 1.00 23.71 ? 126 LEU A CA    1 
ATOM   856  C C     . LEU A 1 107 ? 3.717   1.610   -11.359 1.00 26.61 ? 126 LEU A C     1 
ATOM   857  O O     . LEU A 1 107 ? 3.173   1.666   -12.447 1.00 28.36 ? 126 LEU A O     1 
ATOM   858  C CB    . LEU A 1 107 ? 2.264   1.085   -9.322  1.00 23.33 ? 126 LEU A CB    1 
ATOM   859  C CG    . LEU A 1 107 ? 1.301   0.077   -8.641  1.00 26.31 ? 126 LEU A CG    1 
ATOM   860  C CD1   . LEU A 1 107 ? 1.778   -1.368  -8.480  1.00 26.79 ? 126 LEU A CD1   1 
ATOM   861  C CD2   . LEU A 1 107 ? 0.766   0.646   -7.331  1.00 24.51 ? 126 LEU A CD2   1 
ATOM   862  N N     . ILE A 1 108 ? 4.661   2.463   -10.990 1.00 28.48 ? 127 ILE A N     1 
ATOM   863  C CA    . ILE A 1 108 ? 5.122   3.551   -11.872 1.00 34.23 ? 127 ILE A CA    1 
ATOM   864  C C     . ILE A 1 108 ? 5.971   2.979   -12.984 1.00 37.73 ? 127 ILE A C     1 
ATOM   865  O O     . ILE A 1 108 ? 5.773   3.310   -14.160 1.00 40.87 ? 127 ILE A O     1 
ATOM   866  C CB    . ILE A 1 108 ? 5.988   4.556   -11.118 1.00 38.04 ? 127 ILE A CB    1 
ATOM   867  C CG1   . ILE A 1 108 ? 5.182   5.202   -9.998  1.00 41.88 ? 127 ILE A CG1   1 
ATOM   868  C CG2   . ILE A 1 108 ? 6.546   5.645   -12.054 1.00 40.62 ? 127 ILE A CG2   1 
ATOM   869  C CD1   . ILE A 1 108 ? 6.096   5.617   -8.886  1.00 45.28 ? 127 ILE A CD1   1 
ATOM   870  N N     . HIS A 1 109 ? 6.913   2.124   -12.608 1.00 38.16 ? 128 HIS A N     1 
ATOM   871  C CA    . HIS A 1 109 ? 7.869   1.569   -13.564 1.00 40.25 ? 128 HIS A CA    1 
ATOM   872  C C     . HIS A 1 109 ? 7.321   0.397   -14.343 1.00 38.35 ? 128 HIS A C     1 
ATOM   873  O O     . HIS A 1 109 ? 7.954   -0.028  -15.312 1.00 38.13 ? 128 HIS A O     1 
ATOM   874  C CB    . HIS A 1 109 ? 9.180   1.198   -12.873 1.00 42.50 ? 128 HIS A CB    1 
ATOM   875  C CG    . HIS A 1 109 ? 9.890   2.378   -12.285 1.00 46.63 ? 128 HIS A CG    1 
ATOM   876  N ND1   . HIS A 1 109 ? 10.074  3.552   -12.986 1.00 49.45 ? 128 HIS A ND1   1 
ATOM   877  C CD2   . HIS A 1 109 ? 10.444  2.574   -11.067 1.00 49.91 ? 128 HIS A CD2   1 
ATOM   878  C CE1   . HIS A 1 109 ? 10.714  4.421   -12.224 1.00 51.19 ? 128 HIS A CE1   1 
ATOM   879  N NE2   . HIS A 1 109 ? 10.956  3.852   -11.057 1.00 51.53 ? 128 HIS A NE2   1 
ATOM   880  N N     . ASN A 1 110 ? 6.150   -0.109  -13.942 1.00 37.92 ? 129 ASN A N     1 
ATOM   881  C CA    . ASN A 1 110 ? 5.585   -1.318  -14.510 1.00 36.67 ? 129 ASN A CA    1 
ATOM   882  C C     . ASN A 1 110 ? 6.634   -2.449  -14.495 1.00 34.11 ? 129 ASN A C     1 
ATOM   883  O O     . ASN A 1 110 ? 7.052   -2.981  -15.544 1.00 35.75 ? 129 ASN A O     1 
ATOM   884  C CB    . ASN A 1 110 ? 5.014   -1.013  -15.910 1.00 38.81 ? 129 ASN A CB    1 
ATOM   885  C CG    . ASN A 1 110 ? 4.303   -2.196  -16.524 1.00 43.53 ? 129 ASN A CG    1 
ATOM   886  O OD1   . ASN A 1 110 ? 3.985   -3.174  -15.841 1.00 45.26 ? 129 ASN A OD1   1 
ATOM   887  N ND2   . ASN A 1 110 ? 4.081   -2.132  -17.834 1.00 45.51 ? 129 ASN A ND2   1 
ATOM   888  N N     A THR A 1 111 ? 7.097   -2.764  -13.285 0.50 32.54 ? 130 THR A N     1 
ATOM   889  N N     B THR A 1 111 ? 7.033   -2.835  -13.292 0.50 31.88 ? 130 THR A N     1 
ATOM   890  C CA    A THR A 1 111 ? 8.162   -3.754  -13.046 0.50 31.60 ? 130 THR A CA    1 
ATOM   891  C CA    B THR A 1 111 ? 8.063   -3.855  -13.121 0.50 30.49 ? 130 THR A CA    1 
ATOM   892  C C     A THR A 1 111 ? 7.799   -4.575  -11.820 0.50 29.39 ? 130 THR A C     1 
ATOM   893  C C     B THR A 1 111 ? 7.806   -4.570  -11.810 0.50 28.77 ? 130 THR A C     1 
ATOM   894  O O     A THR A 1 111 ? 6.837   -4.259  -11.147 0.50 28.71 ? 130 THR A O     1 
ATOM   895  O O     B THR A 1 111 ? 6.915   -4.187  -11.081 0.50 27.95 ? 130 THR A O     1 
ATOM   896  C CB    A THR A 1 111 ? 9.511   -3.073  -12.736 0.50 33.24 ? 130 THR A CB    1 
ATOM   897  C CB    B THR A 1 111 ? 9.462   -3.214  -13.128 0.50 31.77 ? 130 THR A CB    1 
ATOM   898  O OG1   A THR A 1 111 ? 9.354   -2.215  -11.603 0.50 32.41 ? 130 THR A OG1   1 
ATOM   899  O OG1   B THR A 1 111 ? 10.458  -4.225  -13.288 0.50 32.18 ? 130 THR A OG1   1 
ATOM   900  C CG2   A THR A 1 111 ? 10.018  -2.262  -13.925 0.50 34.33 ? 130 THR A CG2   1 
ATOM   901  C CG2   B THR A 1 111 ? 9.711   -2.445  -11.844 0.50 30.65 ? 130 THR A CG2   1 
ATOM   902  N N     . GLN A 1 112 ? 8.570   -5.620  -11.519 1.00 26.82 ? 131 GLN A N     1 
ATOM   903  C CA    . GLN A 1 112 ? 8.327   -6.422  -10.326 1.00 27.55 ? 131 GLN A CA    1 
ATOM   904  C C     . GLN A 1 112 ? 8.624   -5.648  -9.037  1.00 22.43 ? 131 GLN A C     1 
ATOM   905  O O     . GLN A 1 112 ? 9.443   -4.729  -9.026  1.00 24.79 ? 131 GLN A O     1 
ATOM   906  C CB    . GLN A 1 112 ? 9.219   -7.646  -10.303 1.00 30.87 ? 131 GLN A CB    1 
ATOM   907  C CG    . GLN A 1 112 ? 8.941   -8.668  -11.393 1.00 37.38 ? 131 GLN A CG    1 
ATOM   908  C CD    . GLN A 1 112 ? 10.153  -9.559  -11.555 1.00 43.93 ? 131 GLN A CD    1 
ATOM   909  O OE1   . GLN A 1 112 ? 11.223  -9.080  -11.941 1.00 51.40 ? 131 GLN A OE1   1 
ATOM   910  N NE2   . GLN A 1 112 ? 10.019  -10.840 -11.208 1.00 48.75 ? 131 GLN A NE2   1 
ATOM   911  N N     . ARG A 1 113 ? 7.961   -6.073  -7.976  1.00 21.93 ? 132 ARG A N     1 
ATOM   912  C CA    . ARG A 1 113 ? 8.225   -5.583  -6.651  1.00 21.50 ? 132 ARG A CA    1 
ATOM   913  C C     . ARG A 1 113 ? 9.726   -5.697  -6.369  1.00 23.91 ? 132 ARG A C     1 
ATOM   914  O O     . ARG A 1 113 ? 10.324  -6.754  -6.609  1.00 24.83 ? 132 ARG A O     1 
ATOM   915  C CB    . ARG A 1 113 ? 7.461   -6.427  -5.647  1.00 20.63 ? 132 ARG A CB    1 
ATOM   916  C CG    . ARG A 1 113 ? 5.948   -6.276  -5.696  1.00 20.24 ? 132 ARG A CG    1 
ATOM   917  C CD    . ARG A 1 113 ? 5.496   -4.846  -5.460  1.00 18.78 ? 132 ARG A CD    1 
ATOM   918  N NE    . ARG A 1 113 ? 4.102   -4.778  -5.016  1.00 16.78 ? 132 ARG A NE    1 
ATOM   919  C CZ    . ARG A 1 113 ? 3.403   -3.632  -4.908  1.00 18.20 ? 132 ARG A CZ    1 
ATOM   920  N NH1   . ARG A 1 113 ? 3.984   -2.477  -5.171  1.00 19.23 ? 132 ARG A NH1   1 
ATOM   921  N NH2   . ARG A 1 113 ? 2.141   -3.632  -4.500  1.00 17.26 ? 132 ARG A NH2   1 
ATOM   922  N N     . SER A 1 114 ? 10.310  -4.623  -5.862  1.00 21.47 ? 133 SER A N     1 
ATOM   923  C CA    . SER A 1 114 ? 11.774  -4.546  -5.689  1.00 22.08 ? 133 SER A CA    1 
ATOM   924  C C     . SER A 1 114 ? 12.234  -4.780  -4.225  1.00 21.82 ? 133 SER A C     1 
ATOM   925  O O     . SER A 1 114 ? 13.455  -4.694  -3.915  1.00 22.12 ? 133 SER A O     1 
ATOM   926  C CB    . SER A 1 114 ? 12.258  -3.186  -6.189  1.00 20.76 ? 133 SER A CB    1 
ATOM   927  O OG    . SER A 1 114 ? 11.814  -2.147  -5.332  1.00 22.08 ? 133 SER A OG    1 
ATOM   928  N N     . ALA A 1 115 ? 11.293  -5.070  -3.336  1.00 20.37 ? 134 ALA A N     1 
ATOM   929  C CA    . ALA A 1 115 ? 11.596  -5.361  -1.962  1.00 20.99 ? 134 ALA A CA    1 
ATOM   930  C C     . ALA A 1 115 ? 10.452  -6.151  -1.372  1.00 20.61 ? 134 ALA A C     1 
ATOM   931  O O     . ALA A 1 115 ? 9.347   -6.157  -1.931  1.00 22.00 ? 134 ALA A O     1 
ATOM   932  C CB    . ALA A 1 115 ? 11.833  -4.068  -1.187  1.00 20.55 ? 134 ALA A CB    1 
ATOM   933  N N     . THR A 1 116 ? 10.729  -6.819  -0.249  1.00 19.84 ? 135 THR A N     1 
ATOM   934  C CA    . THR A 1 116 ? 9.739   -7.524  0.511   1.00 19.18 ? 135 THR A CA    1 
ATOM   935  C C     . THR A 1 116 ? 9.370   -6.693  1.711   1.00 19.42 ? 135 THR A C     1 
ATOM   936  O O     . THR A 1 116 ? 10.253  -6.157  2.405   1.00 20.58 ? 135 THR A O     1 
ATOM   937  C CB    . THR A 1 116 ? 10.306  -8.901  0.960   1.00 19.92 ? 135 THR A CB    1 
ATOM   938  O OG1   . THR A 1 116 ? 10.466  -9.717  -0.204  1.00 21.44 ? 135 THR A OG1   1 
ATOM   939  C CG2   . THR A 1 116 ? 9.410   -9.560  1.952   1.00 20.77 ? 135 THR A CG2   1 
ATOM   940  N N     . ILE A 1 117 ? 8.072   -6.602  1.984   1.00 20.88 ? 136 ILE A N     1 
ATOM   941  C CA    . ILE A 1 117 ? 7.558   -5.843  3.114   1.00 19.86 ? 136 ILE A CA    1 
ATOM   942  C C     . ILE A 1 117 ? 6.777   -6.772  4.004   1.00 21.25 ? 136 ILE A C     1 
ATOM   943  O O     . ILE A 1 117 ? 5.832   -7.432  3.521   1.00 19.35 ? 136 ILE A O     1 
ATOM   944  C CB    . ILE A 1 117 ? 6.599   -4.703  2.653   1.00 21.13 ? 136 ILE A CB    1 
ATOM   945  C CG1   . ILE A 1 117 ? 7.247   -3.834  1.576   1.00 24.35 ? 136 ILE A CG1   1 
ATOM   946  C CG2   . ILE A 1 117 ? 6.034   -3.951  3.859   1.00 20.49 ? 136 ILE A CG2   1 
ATOM   947  C CD1   . ILE A 1 117 ? 8.328   -2.963  2.073   1.00 25.52 ? 136 ILE A CD1   1 
ATOM   948  N N     . ILE A 1 118 ? 7.146   -6.817  5.291   1.00 21.14 ? 137 ILE A N     1 
ATOM   949  C CA    . ILE A 1 118 ? 6.554   -7.691  6.276   1.00 21.16 ? 137 ILE A CA    1 
ATOM   950  C C     . ILE A 1 118 ? 6.010   -6.843  7.418   1.00 20.54 ? 137 ILE A C     1 
ATOM   951  O O     . ILE A 1 118 ? 6.661   -5.867  7.869   1.00 22.02 ? 137 ILE A O     1 
ATOM   952  C CB    . ILE A 1 118 ? 7.629   -8.646  6.923   1.00 21.03 ? 137 ILE A CB    1 
ATOM   953  C CG1   . ILE A 1 118 ? 8.424   -9.411  5.888   1.00 21.49 ? 137 ILE A CG1   1 
ATOM   954  C CG2   . ILE A 1 118 ? 7.018   -9.586  7.959   1.00 21.45 ? 137 ILE A CG2   1 
ATOM   955  C CD1   . ILE A 1 118 ? 7.618   -10.224 4.947   1.00 21.45 ? 137 ILE A CD1   1 
ATOM   956  N N     . ALA A 1 119 ? 4.873   -7.254  7.959   1.00 19.61 ? 138 ALA A N     1 
ATOM   957  C CA    . ALA A 1 119 ? 4.329   -6.668  9.161   1.00 21.30 ? 138 ALA A CA    1 
ATOM   958  C C     . ALA A 1 119 ? 5.171   -7.159  10.332  1.00 24.92 ? 138 ALA A C     1 
ATOM   959  O O     . ALA A 1 119 ? 5.089   -8.340  10.732  1.00 25.35 ? 138 ALA A O     1 
ATOM   960  C CB    . ALA A 1 119 ? 2.855   -7.027  9.352   1.00 21.74 ? 138 ALA A CB    1 
ATOM   961  N N     . GLU A 1 120 ? 6.001   -6.269  10.875  1.00 23.53 ? 139 GLU A N     1 
ATOM   962  C CA    . GLU A 1 120 ? 6.855   -6.672  11.979  1.00 25.26 ? 139 GLU A CA    1 
ATOM   963  C C     . GLU A 1 120 ? 6.036   -6.846  13.250  1.00 25.76 ? 139 GLU A C     1 
ATOM   964  O O     . GLU A 1 120 ? 6.232   -7.823  13.997  1.00 25.23 ? 139 GLU A O     1 
ATOM   965  C CB    . GLU A 1 120 ? 7.976   -5.696  12.175  1.00 25.38 ? 139 GLU A CB    1 
ATOM   966  C CG    . GLU A 1 120 ? 9.072   -6.280  13.071  1.00 29.13 ? 139 GLU A CG    1 
ATOM   967  C CD    . GLU A 1 120 ? 8.886   -5.960  14.525  1.00 32.90 ? 139 GLU A CD    1 
ATOM   968  O OE1   . GLU A 1 120 ? 8.391   -4.856  14.840  1.00 34.22 ? 139 GLU A OE1   1 
ATOM   969  O OE2   . GLU A 1 120 ? 9.284   -6.811  15.360  1.00 35.72 ? 139 GLU A OE2   1 
ATOM   970  N N     . THR A 1 121 ? 5.109   -5.928  13.474  1.00 23.87 ? 140 THR A N     1 
ATOM   971  C CA    . THR A 1 121 ? 4.052   -6.047  14.473  1.00 25.04 ? 140 THR A CA    1 
ATOM   972  C C     . THR A 1 121 ? 2.681   -6.248  13.804  1.00 26.26 ? 140 THR A C     1 
ATOM   973  O O     . THR A 1 121 ? 2.571   -6.145  12.586  1.00 25.29 ? 140 THR A O     1 
ATOM   974  C CB    . THR A 1 121 ? 3.976   -4.783  15.356  1.00 25.97 ? 140 THR A CB    1 
ATOM   975  O OG1   . THR A 1 121 ? 3.502   -3.669  14.586  1.00 23.75 ? 140 THR A OG1   1 
ATOM   976  C CG2   . THR A 1 121 ? 5.333   -4.406  15.916  1.00 25.97 ? 140 THR A CG2   1 
ATOM   977  N N     . ASP A 1 122 ? 1.634   -6.535  14.588  1.00 26.45 ? 141 ASP A N     1 
ATOM   978  C CA    . ASP A 1 122 ? 0.275   -6.300  14.082  1.00 24.93 ? 141 ASP A CA    1 
ATOM   979  C C     . ASP A 1 122 ? 0.217   -4.864  13.541  1.00 24.46 ? 141 ASP A C     1 
ATOM   980  O O     . ASP A 1 122 ? 0.811   -3.931  14.112  1.00 22.89 ? 141 ASP A O     1 
ATOM   981  C CB    . ASP A 1 122 ? -0.776  -6.398  15.178  1.00 27.19 ? 141 ASP A CB    1 
ATOM   982  C CG    . ASP A 1 122 ? -0.951  -7.786  15.704  1.00 27.70 ? 141 ASP A CG    1 
ATOM   983  O OD1   . ASP A 1 122 ? -0.244  -8.721  15.272  1.00 26.92 ? 141 ASP A OD1   1 
ATOM   984  O OD2   . ASP A 1 122 ? -1.852  -7.885  16.575  1.00 33.06 ? 141 ASP A OD2   1 
ATOM   985  N N     . GLY A 1 123 ? -0.486  -4.667  12.430  1.00 20.83 ? 142 GLY A N     1 
ATOM   986  C CA    . GLY A 1 123 ? -0.601  -3.332  11.912  1.00 22.19 ? 142 GLY A CA    1 
ATOM   987  C C     . GLY A 1 123 ? -1.694  -3.242  10.878  1.00 21.43 ? 142 GLY A C     1 
ATOM   988  O O     . GLY A 1 123 ? -2.317  -4.236  10.532  1.00 20.41 ? 142 GLY A O     1 
ATOM   989  N N     . THR A 1 124 ? -1.919  -2.027  10.423  1.00 21.04 ? 143 THR A N     1 
ATOM   990  C CA    . THR A 1 124 ? -2.994  -1.767  9.466   1.00 22.18 ? 143 THR A CA    1 
ATOM   991  C C     . THR A 1 124 ? -2.489  -0.816  8.383   1.00 21.33 ? 143 THR A C     1 
ATOM   992  O O     . THR A 1 124 ? -1.659  0.051   8.645   1.00 21.11 ? 143 THR A O     1 
ATOM   993  C CB    . THR A 1 124 ? -4.260  -1.201  10.117  1.00 22.64 ? 143 THR A CB    1 
ATOM   994  O OG1   . THR A 1 124 ? -4.022  0.082   10.732  1.00 22.13 ? 143 THR A OG1   1 
ATOM   995  C CG2   . THR A 1 124 ? -4.814  -2.183  11.193  1.00 22.46 ? 143 THR A CG2   1 
ATOM   996  N N     . LEU A 1 125 ? -3.018  -1.002  7.173   1.00 19.08 ? 144 LEU A N     1 
ATOM   997  C CA    . LEU A 1 125 ? -2.641  -0.233  5.998   1.00 17.75 ? 144 LEU A CA    1 
ATOM   998  C C     . LEU A 1 125 ? -3.885  0.306   5.316   1.00 18.15 ? 144 LEU A C     1 
ATOM   999  O O     . LEU A 1 125 ? -4.951  -0.315  5.341   1.00 18.43 ? 144 LEU A O     1 
ATOM   1000 C CB    . LEU A 1 125 ? -1.917  -1.108  4.977   1.00 17.68 ? 144 LEU A CB    1 
ATOM   1001 C CG    . LEU A 1 125 ? -0.695  -1.913  5.426   1.00 17.52 ? 144 LEU A CG    1 
ATOM   1002 C CD1   . LEU A 1 125 ? -0.173  -2.717  4.253   1.00 18.99 ? 144 LEU A CD1   1 
ATOM   1003 C CD2   . LEU A 1 125 ? 0.389   -0.981  5.957   1.00 17.66 ? 144 LEU A CD2   1 
ATOM   1004 N N     . TRP A 1 126 ? -3.747  1.460   4.674   1.00 16.56 ? 145 TRP A N     1 
ATOM   1005 C CA    . TRP A 1 126 ? -4.682  1.887   3.669   1.00 17.32 ? 145 TRP A CA    1 
ATOM   1006 C C     . TRP A 1 126 ? -4.079  1.492   2.318   1.00 16.45 ? 145 TRP A C     1 
ATOM   1007 O O     . TRP A 1 126 ? -2.907  1.766   2.079   1.00 19.08 ? 145 TRP A O     1 
ATOM   1008 C CB    . TRP A 1 126 ? -4.865  3.402   3.694   1.00 16.75 ? 145 TRP A CB    1 
ATOM   1009 C CG    . TRP A 1 126 ? -5.445  3.891   4.984   1.00 18.62 ? 145 TRP A CG    1 
ATOM   1010 C CD1   . TRP A 1 126 ? -4.778  4.520   5.983   1.00 20.69 ? 145 TRP A CD1   1 
ATOM   1011 C CD2   . TRP A 1 126 ? -6.791  3.736   5.421   1.00 21.08 ? 145 TRP A CD2   1 
ATOM   1012 N NE1   . TRP A 1 126 ? -5.635  4.803   7.018   1.00 22.07 ? 145 TRP A NE1   1 
ATOM   1013 C CE2   . TRP A 1 126 ? -6.879  4.313   6.709   1.00 22.03 ? 145 TRP A CE2   1 
ATOM   1014 C CE3   . TRP A 1 126 ? -7.949  3.185   4.846   1.00 21.44 ? 145 TRP A CE3   1 
ATOM   1015 C CZ2   . TRP A 1 126 ? -8.075  4.352   7.418   1.00 22.59 ? 145 TRP A CZ2   1 
ATOM   1016 C CZ3   . TRP A 1 126 ? -9.139  3.213   5.554   1.00 24.10 ? 145 TRP A CZ3   1 
ATOM   1017 C CH2   . TRP A 1 126 ? -9.192  3.813   6.842   1.00 23.32 ? 145 TRP A CH2   1 
ATOM   1018 N N     . GLY A 1 127 ? -4.846  0.873   1.456   1.00 15.39 ? 146 GLY A N     1 
ATOM   1019 C CA    . GLY A 1 127 ? -4.310  0.401   0.158   1.00 16.44 ? 146 GLY A CA    1 
ATOM   1020 C C     . GLY A 1 127 ? -5.245  0.783   -0.985  1.00 17.34 ? 146 GLY A C     1 
ATOM   1021 O O     . GLY A 1 127 ? -6.474  0.656   -0.829  1.00 17.42 ? 146 GLY A O     1 
ATOM   1022 N N     . VAL A 1 128 ? -4.664  1.182   -2.128  1.00 17.41 ? 147 VAL A N     1 
ATOM   1023 C CA    . VAL A 1 128 ? -5.430  1.526   -3.312  1.00 16.55 ? 147 VAL A CA    1 
ATOM   1024 C C     . VAL A 1 128 ? -4.938  0.654   -4.460  1.00 17.56 ? 147 VAL A C     1 
ATOM   1025 O O     . VAL A 1 128 ? -3.749  0.395   -4.589  1.00 16.72 ? 147 VAL A O     1 
ATOM   1026 C CB    . VAL A 1 128 ? -5.365  3.048   -3.624  1.00 17.42 ? 147 VAL A CB    1 
ATOM   1027 C CG1   . VAL A 1 128 ? -3.941  3.513   -3.885  1.00 16.84 ? 147 VAL A CG1   1 
ATOM   1028 C CG2   . VAL A 1 128 ? -6.288  3.405   -4.776  1.00 17.39 ? 147 VAL A CG2   1 
ATOM   1029 N N     . GLN A 1 129 ? -5.862  0.200   -5.300  1.00 19.64 ? 148 GLN A N     1 
ATOM   1030 C CA    A GLN A 1 129 ? -5.426  -0.665  -6.383  0.50 21.02 ? 148 GLN A CA    1 
ATOM   1031 C CA    B GLN A 1 129 ? -5.526  -0.658  -6.421  0.50 20.74 ? 148 GLN A CA    1 
ATOM   1032 C C     . GLN A 1 129 ? -4.626  0.061   -7.450  1.00 19.84 ? 148 GLN A C     1 
ATOM   1033 O O     . GLN A 1 129 ? -4.738  1.314   -7.636  1.00 19.33 ? 148 GLN A O     1 
ATOM   1034 C CB    A GLN A 1 129 ? -6.546  -1.523  -6.958  0.50 23.79 ? 148 GLN A CB    1 
ATOM   1035 C CB    B GLN A 1 129 ? -6.832  -1.222  -7.015  0.50 22.93 ? 148 GLN A CB    1 
ATOM   1036 C CG    A GLN A 1 129 ? -7.614  -0.830  -7.719  0.50 26.19 ? 148 GLN A CG    1 
ATOM   1037 C CG    B GLN A 1 129 ? -6.678  -2.324  -8.049  0.50 25.90 ? 148 GLN A CG    1 
ATOM   1038 C CD    A GLN A 1 129 ? -8.754  -1.803  -7.986  0.50 24.95 ? 148 GLN A CD    1 
ATOM   1039 C CD    B GLN A 1 129 ? -5.943  -3.601  -7.590  0.50 24.46 ? 148 GLN A CD    1 
ATOM   1040 O OE1   A GLN A 1 129 ? -8.581  -3.041  -7.966  0.50 30.39 ? 148 GLN A OE1   1 
ATOM   1041 O OE1   B GLN A 1 129 ? -6.212  -4.119  -6.533  0.50 29.19 ? 148 GLN A OE1   1 
ATOM   1042 N NE2   A GLN A 1 129 ? -9.900  -1.264  -8.235  0.50 21.85 ? 148 GLN A NE2   1 
ATOM   1043 N NE2   B GLN A 1 129 ? -5.078  -4.147  -8.445  0.50 23.16 ? 148 GLN A NE2   1 
ATOM   1044 N N     . ARG A 1 130 ? -3.769  -0.725  -8.127  1.00 17.89 ? 149 ARG A N     1 
ATOM   1045 C CA    . ARG A 1 130 ? -2.860  -0.269  -9.162  1.00 19.24 ? 149 ARG A CA    1 
ATOM   1046 C C     . ARG A 1 130 ? -3.589  0.550   -10.245 1.00 17.77 ? 149 ARG A C     1 
ATOM   1047 O O     . ARG A 1 130 ? -3.050  1.555   -10.708 1.00 18.48 ? 149 ARG A O     1 
ATOM   1048 C CB    . ARG A 1 130 ? -2.141  -1.489  -9.803  1.00 20.88 ? 149 ARG A CB    1 
ATOM   1049 C CG    . ARG A 1 130 ? -1.395  -1.317  -11.120 1.00 25.28 ? 149 ARG A CG    1 
ATOM   1050 C CD    . ARG A 1 130 ? -1.164  -2.656  -11.831 1.00 27.36 ? 149 ARG A CD    1 
ATOM   1051 N NE    . ARG A 1 130 ? -0.330  -2.475  -13.029 1.00 32.48 ? 149 ARG A NE    1 
ATOM   1052 C CZ    . ARG A 1 130 ? 0.994   -2.648  -13.092 1.00 39.42 ? 149 ARG A CZ    1 
ATOM   1053 N NH1   . ARG A 1 130 ? 1.709   -3.090  -12.041 1.00 43.53 ? 149 ARG A NH1   1 
ATOM   1054 N NH2   . ARG A 1 130 ? 1.628   -2.417  -14.242 1.00 45.05 ? 149 ARG A NH2   1 
ATOM   1055 N N     . SER A 1 131 ? -4.776  0.100   -10.687 1.00 18.39 ? 150 SER A N     1 
ATOM   1056 C CA    . SER A 1 131 ? -5.500  0.795   -11.752 1.00 18.50 ? 150 SER A CA    1 
ATOM   1057 C C     . SER A 1 131 ? -5.720  2.270   -11.435 1.00 17.69 ? 150 SER A C     1 
ATOM   1058 O O     . SER A 1 131 ? -5.325  3.160   -12.204 1.00 20.11 ? 150 SER A O     1 
ATOM   1059 C CB    . SER A 1 131 ? -6.826  0.115   -12.085 1.00 18.96 ? 150 SER A CB    1 
ATOM   1060 O OG    . SER A 1 131 ? -7.769  0.193   -11.036 1.00 19.08 ? 150 SER A OG    1 
ATOM   1061 N N     . THR A 1 132 ? -6.296  2.532   -10.274 1.00 16.03 ? 151 THR A N     1 
ATOM   1062 C CA    . THR A 1 132 ? -6.579  3.920   -9.826  1.00 17.09 ? 151 THR A CA    1 
ATOM   1063 C C     . THR A 1 132 ? -5.289  4.712   -9.650  1.00 15.32 ? 151 THR A C     1 
ATOM   1064 O O     . THR A 1 132 ? -5.196  5.858   -10.057 1.00 16.93 ? 151 THR A O     1 
ATOM   1065 C CB    . THR A 1 132 ? -7.357  3.863   -8.512  1.00 17.48 ? 151 THR A CB    1 
ATOM   1066 O OG1   . THR A 1 132 ? -8.415  2.898   -8.657  1.00 18.48 ? 151 THR A OG1   1 
ATOM   1067 C CG2   . THR A 1 132 ? -7.903  5.256   -8.089  1.00 18.74 ? 151 THR A CG2   1 
ATOM   1068 N N     . PHE A 1 133 ? -4.273  4.067   -9.067  1.00 14.96 ? 152 PHE A N     1 
ATOM   1069 C CA    . PHE A 1 133 ? -3.001  4.728   -8.773  1.00 16.60 ? 152 PHE A CA    1 
ATOM   1070 C C     . PHE A 1 133 ? -2.322  5.114   -10.053 1.00 17.77 ? 152 PHE A C     1 
ATOM   1071 O O     . PHE A 1 133 ? -1.996  6.281   -10.242 1.00 18.25 ? 152 PHE A O     1 
ATOM   1072 C CB    . PHE A 1 133 ? -2.116  3.843   -7.902  1.00 17.03 ? 152 PHE A CB    1 
ATOM   1073 C CG    . PHE A 1 133 ? -0.858  4.524   -7.421  1.00 17.68 ? 152 PHE A CG    1 
ATOM   1074 C CD1   . PHE A 1 133 ? -0.880  5.316   -6.280  1.00 20.09 ? 152 PHE A CD1   1 
ATOM   1075 C CD2   . PHE A 1 133 ? 0.328   4.349   -8.078  1.00 18.26 ? 152 PHE A CD2   1 
ATOM   1076 C CE1   . PHE A 1 133 ? 0.275   5.946   -5.830  1.00 19.92 ? 152 PHE A CE1   1 
ATOM   1077 C CE2   . PHE A 1 133 ? 1.492   4.984   -7.652  1.00 19.22 ? 152 PHE A CE2   1 
ATOM   1078 C CZ    . PHE A 1 133 ? 1.467   5.767   -6.521  1.00 18.76 ? 152 PHE A CZ    1 
ATOM   1079 N N     . ARG A 1 134 ? -2.207  4.172   -10.976 1.00 18.88 ? 153 ARG A N     1 
ATOM   1080 C CA    . ARG A 1 134 ? -1.484  4.447   -12.210 1.00 21.25 ? 153 ARG A CA    1 
ATOM   1081 C C     . ARG A 1 134 ? -2.232  5.490   -13.033 1.00 21.77 ? 153 ARG A C     1 
ATOM   1082 O O     . ARG A 1 134 ? -1.597  6.346   -13.648 1.00 25.18 ? 153 ARG A O     1 
ATOM   1083 C CB    . ARG A 1 134 ? -1.266  3.160   -13.014 1.00 25.73 ? 153 ARG A CB    1 
ATOM   1084 C CG    . ARG A 1 134 ? -0.202  2.255   -12.417 1.00 27.51 ? 153 ARG A CG    1 
ATOM   1085 C CD    . ARG A 1 134 ? 0.040   0.981   -13.232 1.00 33.94 ? 153 ARG A CD    1 
ATOM   1086 N NE    . ARG A 1 134 ? 0.125   1.145   -14.698 1.00 39.54 ? 153 ARG A NE    1 
ATOM   1087 C CZ    . ARG A 1 134 ? 1.184   1.588   -15.374 1.00 42.23 ? 153 ARG A CZ    1 
ATOM   1088 N NH1   . ARG A 1 134 ? 2.296   1.975   -14.753 1.00 44.19 ? 153 ARG A NH1   1 
ATOM   1089 N NH2   . ARG A 1 134 ? 1.133   1.672   -16.690 1.00 43.79 ? 153 ARG A NH2   1 
ATOM   1090 N N     . ALA A 1 135 ? -3.567  5.408   -13.055 1.00 21.82 ? 154 ALA A N     1 
ATOM   1091 C CA    . ALA A 1 135 ? -4.392  6.371   -13.787 1.00 22.84 ? 154 ALA A CA    1 
ATOM   1092 C C     . ALA A 1 135 ? -4.194  7.780   -13.266 1.00 25.59 ? 154 ALA A C     1 
ATOM   1093 O O     . ALA A 1 135 ? -4.141  8.741   -14.059 1.00 25.03 ? 154 ALA A O     1 
ATOM   1094 C CB    . ALA A 1 135 ? -5.849  5.956   -13.763 1.00 23.65 ? 154 ALA A CB    1 
ATOM   1095 N N     . THR A 1 136 ? -4.043  7.905   -11.949 1.00 23.14 ? 155 THR A N     1 
ATOM   1096 C CA    . THR A 1 136 ? -3.859  9.210   -11.287 1.00 25.01 ? 155 THR A CA    1 
ATOM   1097 C C     . THR A 1 136 ? -2.503  9.818   -11.657 1.00 29.77 ? 155 THR A C     1 
ATOM   1098 O O     . THR A 1 136 ? -2.389  11.035  -11.850 1.00 29.89 ? 155 THR A O     1 
ATOM   1099 C CB    . THR A 1 136 ? -4.076  9.071   -9.772  1.00 25.27 ? 155 THR A CB    1 
ATOM   1100 O OG1   . THR A 1 136 ? -5.408  8.614   -9.527  1.00 25.87 ? 155 THR A OG1   1 
ATOM   1101 C CG2   . THR A 1 136 ? -3.902  10.421  -9.047  1.00 24.50 ? 155 THR A CG2   1 
ATOM   1102 N N     . LEU A 1 137 ? -1.485  8.973   -11.796 1.00 31.44 ? 156 LEU A N     1 
ATOM   1103 C CA    . LEU A 1 137 ? -0.162  9.422   -12.287 1.00 39.05 ? 156 LEU A CA    1 
ATOM   1104 C C     . LEU A 1 137 ? -0.023  9.512   -13.807 1.00 43.43 ? 156 LEU A C     1 
ATOM   1105 O O     . LEU A 1 137 ? 0.772   10.312  -14.289 1.00 49.60 ? 156 LEU A O     1 
ATOM   1106 C CB    . LEU A 1 137 ? 0.924   8.483   -11.771 1.00 41.08 ? 156 LEU A CB    1 
ATOM   1107 C CG    . LEU A 1 137 ? 0.984   8.317   -10.261 1.00 39.75 ? 156 LEU A CG    1 
ATOM   1108 C CD1   . LEU A 1 137 ? 1.969   7.210   -9.950  1.00 43.36 ? 156 LEU A CD1   1 
ATOM   1109 C CD2   . LEU A 1 137 ? 1.355   9.601   -9.532  1.00 40.40 ? 156 LEU A CD2   1 
ATOM   1110 N N     . LYS A 1 138 ? -0.753  8.694   -14.568 1.00 49.96 ? 157 LYS A N     1 
ATOM   1111 C CA    . LYS A 1 138 ? -0.609  8.653   -16.045 1.00 53.69 ? 157 LYS A CA    1 
ATOM   1112 C C     . LYS A 1 138 ? -1.007  9.967   -16.718 1.00 64.79 ? 157 LYS A C     1 
ATOM   1113 O O     . LYS A 1 138 ? -0.714  10.178  -17.897 1.00 71.17 ? 157 LYS A O     1 
ATOM   1114 C CB    . LYS A 1 138 ? -1.414  7.502   -16.660 1.00 51.03 ? 157 LYS A CB    1 
ATOM   1115 N N     . GLN A 1 139 ? -1.699  10.825  -15.972 1.00 69.58 ? 158 GLN A N     1 
ATOM   1116 C CA    . GLN A 1 139 ? -1.934  12.203  -16.360 1.00 74.48 ? 158 GLN A CA    1 
ATOM   1117 C C     . GLN A 1 139 ? -0.772  13.094  -15.913 1.00 74.59 ? 158 GLN A C     1 
ATOM   1118 O O     . GLN A 1 139 ? -0.382  13.085  -14.743 1.00 68.94 ? 158 GLN A O     1 
ATOM   1119 C CB    . GLN A 1 139 ? -3.223  12.655  -15.709 1.00 78.58 ? 158 GLN A CB    1 
ATOM   1120 C CG    . GLN A 1 139 ? -3.682  14.051  -16.056 1.00 82.80 ? 158 GLN A CG    1 
ATOM   1121 C CD    . GLN A 1 139 ? -4.829  14.444  -15.166 1.00 86.41 ? 158 GLN A CD    1 
ATOM   1122 O OE1   . GLN A 1 139 ? -5.778  13.672  -15.002 1.00 84.01 ? 158 GLN A OE1   1 
ATOM   1123 N NE2   . GLN A 1 139 ? -4.740  15.621  -14.548 1.00 88.65 ? 158 GLN A NE2   1 
HETATM 1124 P PA    . PCG B 2 .   ? 7.856   -1.647  -4.785  1.00 19.78 ? 601 PCG A PA    1 
HETATM 1125 O O1A   . PCG B 2 .   ? 6.595   -1.462  -5.614  1.00 19.23 ? 601 PCG A O1A   1 
HETATM 1126 O O2A   . PCG B 2 .   ? 9.146   -2.054  -5.492  1.00 20.60 ? 601 PCG A O2A   1 
HETATM 1127 O "O5'" . PCG B 2 .   ? 7.535   -2.676  -3.593  1.00 19.23 ? 601 PCG A "O5'" 1 
HETATM 1128 C "C5'" . PCG B 2 .   ? 8.389   -2.696  -2.435  1.00 18.75 ? 601 PCG A "C5'" 1 
HETATM 1129 C "C4'" . PCG B 2 .   ? 8.428   -1.281  -1.890  1.00 19.18 ? 601 PCG A "C4'" 1 
HETATM 1130 O "O4'" . PCG B 2 .   ? 9.269   -1.069  -0.772  1.00 20.22 ? 601 PCG A "O4'" 1 
HETATM 1131 C "C3'" . PCG B 2 .   ? 8.989   -0.337  -2.934  1.00 19.13 ? 601 PCG A "C3'" 1 
HETATM 1132 O "O3'" . PCG B 2 .   ? 8.116   -0.298  -4.057  1.00 19.00 ? 601 PCG A "O3'" 1 
HETATM 1133 C "C2'" . PCG B 2 .   ? 9.144   0.917   -2.104  1.00 18.80 ? 601 PCG A "C2'" 1 
HETATM 1134 O "O2'" . PCG B 2 .   ? 7.922   1.620   -2.056  1.00 18.04 ? 601 PCG A "O2'" 1 
HETATM 1135 C "C1'" . PCG B 2 .   ? 9.434   0.340   -0.717  1.00 19.18 ? 601 PCG A "C1'" 1 
HETATM 1136 N N9    . PCG B 2 .   ? 10.794  0.624   -0.237  1.00 18.30 ? 601 PCG A N9    1 
HETATM 1137 C C8    . PCG B 2 .   ? 11.094  1.273   0.891   1.00 18.66 ? 601 PCG A C8    1 
HETATM 1138 N N7    . PCG B 2 .   ? 12.436  1.365   1.062   1.00 19.84 ? 601 PCG A N7    1 
HETATM 1139 C C5    . PCG B 2 .   ? 12.994  0.774   0.019   1.00 19.50 ? 601 PCG A C5    1 
HETATM 1140 C C6    . PCG B 2 .   ? 14.362  0.521   -0.377  1.00 21.33 ? 601 PCG A C6    1 
HETATM 1141 O O6    . PCG B 2 .   ? 15.315  0.953   0.338   1.00 24.38 ? 601 PCG A O6    1 
HETATM 1142 N N1    . PCG B 2 .   ? 14.505  -0.156  -1.519  1.00 20.72 ? 601 PCG A N1    1 
HETATM 1143 C C2    . PCG B 2 .   ? 13.510  -0.596  -2.294  1.00 19.72 ? 601 PCG A C2    1 
HETATM 1144 N N2    . PCG B 2 .   ? 13.795  -1.279  -3.419  1.00 20.87 ? 601 PCG A N2    1 
HETATM 1145 N N3    . PCG B 2 .   ? 12.222  -0.409  -1.969  1.00 18.19 ? 601 PCG A N3    1 
HETATM 1146 C C4    . PCG B 2 .   ? 11.921  0.260   -0.833  1.00 18.60 ? 601 PCG A C4    1 
HETATM 1147 O O     . HOH C 3 .   ? 4.997   10.411  5.967   1.00 34.13 ? 701 HOH A O     1 
HETATM 1148 O O     . HOH C 3 .   ? -4.228  -13.275 -7.322  1.00 44.30 ? 702 HOH A O     1 
HETATM 1149 O O     . HOH C 3 .   ? -8.709  -9.945  -8.794  1.00 37.66 ? 703 HOH A O     1 
HETATM 1150 O O     . HOH C 3 .   ? -2.872  -1.409  14.905  1.00 35.68 ? 704 HOH A O     1 
HETATM 1151 O O     . HOH C 3 .   ? -15.815 14.154  11.820  1.00 45.35 ? 705 HOH A O     1 
HETATM 1152 O O     . HOH C 3 .   ? -8.125  15.136  -10.753 1.00 42.18 ? 706 HOH A O     1 
HETATM 1153 O O     . HOH C 3 .   ? -5.815  -2.743  -10.369 1.00 25.86 ? 707 HOH A O     1 
HETATM 1154 O O     . HOH C 3 .   ? -9.862  0.965   -7.006  1.00 35.11 ? 708 HOH A O     1 
HETATM 1155 O O     . HOH C 3 .   ? 1.539   -13.718 13.980  1.00 36.76 ? 709 HOH A O     1 
HETATM 1156 O O     . HOH C 3 .   ? -8.964  -5.280  -4.145  1.00 37.60 ? 710 HOH A O     1 
HETATM 1157 O O     . HOH C 3 .   ? 10.465  -6.739  -13.817 1.00 43.65 ? 711 HOH A O     1 
HETATM 1158 O O     . HOH C 3 .   ? -3.028  -10.113 17.080  1.00 46.94 ? 712 HOH A O     1 
HETATM 1159 O O     . HOH C 3 .   ? 11.059  -12.214 -0.048  1.00 30.90 ? 713 HOH A O     1 
HETATM 1160 O O     . HOH C 3 .   ? 3.916   14.695  4.082   1.00 31.59 ? 714 HOH A O     1 
HETATM 1161 O O     . HOH C 3 .   ? -14.652 13.176  8.243   1.00 46.87 ? 715 HOH A O     1 
HETATM 1162 O O     . HOH C 3 .   ? 20.338  -2.560  7.024   1.00 31.29 ? 716 HOH A O     1 
HETATM 1163 O O     . HOH C 3 .   ? -16.780 1.361   9.580   1.00 36.01 ? 717 HOH A O     1 
HETATM 1164 O O     . HOH C 3 .   ? -5.426  21.532  1.047   1.00 34.95 ? 718 HOH A O     1 
HETATM 1165 O O     . HOH C 3 .   ? 10.084  -8.098  9.813   1.00 28.08 ? 719 HOH A O     1 
HETATM 1166 O O     . HOH C 3 .   ? 4.390   -5.210  -11.293 1.00 30.97 ? 720 HOH A O     1 
HETATM 1167 O O     . HOH C 3 .   ? -8.711  -13.789 -1.375  1.00 30.35 ? 721 HOH A O     1 
HETATM 1168 O O     . HOH C 3 .   ? 5.610   -16.268 -5.230  1.00 53.20 ? 722 HOH A O     1 
HETATM 1169 O O     . HOH C 3 .   ? -7.534  11.983  2.161   1.00 24.97 ? 723 HOH A O     1 
HETATM 1170 O O     . HOH C 3 .   ? -14.676 5.624   -0.168  1.00 37.34 ? 724 HOH A O     1 
HETATM 1171 O O     . HOH C 3 .   ? -11.796 10.193  0.967   1.00 30.28 ? 725 HOH A O     1 
HETATM 1172 O O     . HOH C 3 .   ? -10.971 15.182  7.252   1.00 43.04 ? 726 HOH A O     1 
HETATM 1173 O O     . HOH C 3 .   ? 0.741   11.336  7.308   1.00 27.32 ? 727 HOH A O     1 
HETATM 1174 O O     . HOH C 3 .   ? 17.586  -6.437  -5.355  1.00 39.81 ? 728 HOH A O     1 
HETATM 1175 O O     . HOH C 3 .   ? -0.085  -2.488  16.179  1.00 46.01 ? 729 HOH A O     1 
HETATM 1176 O O     . HOH C 3 .   ? -0.519  16.947  -9.996  1.00 32.24 ? 730 HOH A O     1 
HETATM 1177 O O     . HOH C 3 .   ? 14.525  -9.311  10.229  1.00 43.87 ? 731 HOH A O     1 
HETATM 1178 O O     . HOH C 3 .   ? -5.876  7.005   10.852  1.00 29.55 ? 732 HOH A O     1 
HETATM 1179 O O     . HOH C 3 .   ? -12.228 -10.227 2.391   1.00 35.85 ? 733 HOH A O     1 
HETATM 1180 O O     . HOH C 3 .   ? -1.290  -15.262 -10.305 1.00 40.72 ? 734 HOH A O     1 
HETATM 1181 O O     . HOH C 3 .   ? -0.253  -11.824 4.671   1.00 41.87 ? 735 HOH A O     1 
HETATM 1182 O O     . HOH C 3 .   ? -2.266  -4.970  -14.431 1.00 51.84 ? 736 HOH A O     1 
HETATM 1183 O O     . HOH C 3 .   ? -2.546  16.951  -12.950 1.00 36.48 ? 737 HOH A O     1 
HETATM 1184 O O     . HOH C 3 .   ? 15.799  -4.110  -5.174  1.00 37.78 ? 738 HOH A O     1 
HETATM 1185 O O     . HOH C 3 .   ? 3.868   -9.355  -3.481  1.00 21.29 ? 739 HOH A O     1 
HETATM 1186 O O     . HOH C 3 .   ? -7.546  16.907  5.902   1.00 34.55 ? 740 HOH A O     1 
HETATM 1187 O O     . HOH C 3 .   ? -8.764  0.547   -4.430  1.00 22.47 ? 741 HOH A O     1 
HETATM 1188 O O     . HOH C 3 .   ? -11.938 -0.766  3.902   1.00 23.86 ? 742 HOH A O     1 
HETATM 1189 O O     . HOH C 3 .   ? -13.712 9.468   -6.008  1.00 42.03 ? 743 HOH A O     1 
HETATM 1190 O O     . HOH C 3 .   ? -13.384 11.254  14.446  1.00 35.52 ? 744 HOH A O     1 
HETATM 1191 O O     . HOH C 3 .   ? -2.088  14.164  9.255   1.00 40.86 ? 745 HOH A O     1 
HETATM 1192 O O     . HOH C 3 .   ? 13.742  -9.422  -0.115  1.00 34.04 ? 746 HOH A O     1 
HETATM 1193 O O     . HOH C 3 .   ? 0.981   -10.449 -7.158  1.00 35.33 ? 747 HOH A O     1 
HETATM 1194 O O     . HOH C 3 .   ? 7.377   -10.148 13.030  1.00 29.80 ? 748 HOH A O     1 
HETATM 1195 O O     . HOH C 3 .   ? -3.258  4.838   13.953  1.00 31.16 ? 749 HOH A O     1 
HETATM 1196 O O     . HOH C 3 .   ? 8.642   3.334   0.815   1.00 25.75 ? 750 HOH A O     1 
HETATM 1197 O O     . HOH C 3 .   ? 10.618  -3.431  13.170  1.00 36.73 ? 751 HOH A O     1 
HETATM 1198 O O     . HOH C 3 .   ? -1.714  18.820  -2.988  1.00 35.76 ? 752 HOH A O     1 
HETATM 1199 O O     . HOH C 3 .   ? -2.343  -9.433  -8.110  1.00 32.54 ? 753 HOH A O     1 
HETATM 1200 O O     . HOH C 3 .   ? -4.584  12.885  -12.548 1.00 34.49 ? 754 HOH A O     1 
HETATM 1201 O O     . HOH C 3 .   ? 8.832   -2.860  -17.693 1.00 47.73 ? 755 HOH A O     1 
HETATM 1202 O O     . HOH C 3 .   ? 9.087   -13.709 -5.978  1.00 34.36 ? 756 HOH A O     1 
HETATM 1203 O O     . HOH C 3 .   ? -4.973  9.113   12.441  1.00 37.29 ? 757 HOH A O     1 
HETATM 1204 O O     . HOH C 3 .   ? -12.192 2.110   4.116   1.00 43.36 ? 758 HOH A O     1 
HETATM 1205 O O     . HOH C 3 .   ? 11.292  -12.775 -2.815  1.00 29.02 ? 759 HOH A O     1 
HETATM 1206 O O     . HOH C 3 .   ? 9.440   -1.991  -8.355  1.00 24.02 ? 760 HOH A O     1 
HETATM 1207 O O     . HOH C 3 .   ? 4.156   8.782   2.810   1.00 30.95 ? 761 HOH A O     1 
HETATM 1208 O O     . HOH C 3 .   ? -13.643 -1.006  1.783   1.00 28.71 ? 762 HOH A O     1 
HETATM 1209 O O     . HOH C 3 .   ? -15.225 5.684   4.022   1.00 38.83 ? 763 HOH A O     1 
HETATM 1210 O O     . HOH C 3 .   ? -9.209  -9.746  -5.083  1.00 43.80 ? 764 HOH A O     1 
HETATM 1211 O O     . HOH C 3 .   ? 3.295   3.189   13.407  1.00 25.89 ? 765 HOH A O     1 
HETATM 1212 O O     . HOH C 3 .   ? -2.265  19.588  -10.959 1.00 31.24 ? 766 HOH A O     1 
HETATM 1213 O O     . HOH C 3 .   ? 16.192  3.898   0.531   1.00 24.11 ? 767 HOH A O     1 
HETATM 1214 O O     . HOH C 3 .   ? -10.068 15.537  12.096  1.00 46.86 ? 768 HOH A O     1 
HETATM 1215 O O     . HOH C 3 .   ? -7.217  16.278  -0.736  1.00 24.78 ? 769 HOH A O     1 
HETATM 1216 O O     . HOH C 3 .   ? -6.140  16.866  -11.699 1.00 30.63 ? 770 HOH A O     1 
HETATM 1217 O O     . HOH C 3 .   ? 2.744   10.208  10.778  1.00 35.98 ? 771 HOH A O     1 
HETATM 1218 O O     . HOH C 3 .   ? -4.187  2.725   -14.851 1.00 30.79 ? 772 HOH A O     1 
HETATM 1219 O O     . HOH C 3 .   ? -4.839  16.518  6.326   1.00 35.45 ? 773 HOH A O     1 
HETATM 1220 O O     . HOH C 3 .   ? -2.500  -24.178 -14.091 1.00 41.00 ? 774 HOH A O     1 
HETATM 1221 O O     . HOH C 3 .   ? -15.724 -0.030  3.541   1.00 33.36 ? 775 HOH A O     1 
HETATM 1222 O O     . HOH C 3 .   ? 2.855   -12.050 -9.029  1.00 40.82 ? 776 HOH A O     1 
HETATM 1223 O O     . HOH C 3 .   ? -15.535 2.812   2.881   1.00 45.10 ? 777 HOH A O     1 
HETATM 1224 O O     . HOH C 3 .   ? -0.503  13.385  -11.786 1.00 39.50 ? 778 HOH A O     1 
HETATM 1225 O O     . HOH C 3 .   ? 12.727  5.966   2.768   1.00 32.84 ? 779 HOH A O     1 
HETATM 1226 O O     . HOH C 3 .   ? -8.108  -1.302  -2.393  1.00 23.03 ? 780 HOH A O     1 
HETATM 1227 O O     . HOH C 3 .   ? -12.228 14.282  -10.348 1.00 46.85 ? 781 HOH A O     1 
HETATM 1228 O O     . HOH C 3 .   ? -15.090 -6.666  6.437   1.00 35.48 ? 782 HOH A O     1 
HETATM 1229 O O     . HOH C 3 .   ? -5.925  14.525  12.286  1.00 44.57 ? 783 HOH A O     1 
HETATM 1230 O O     . HOH C 3 .   ? -13.826 15.614  -5.966  1.00 35.34 ? 784 HOH A O     1 
HETATM 1231 O O     . HOH C 3 .   ? 7.493   7.228   0.137   1.00 31.56 ? 785 HOH A O     1 
HETATM 1232 O O     . HOH C 3 .   ? 1.054   -24.804 -11.874 1.00 44.65 ? 786 HOH A O     1 
HETATM 1233 O O     . HOH C 3 .   ? -4.546  11.979  11.710  1.00 34.99 ? 787 HOH A O     1 
HETATM 1234 O O     . HOH C 3 .   ? -2.724  -15.395 -2.284  1.00 34.93 ? 788 HOH A O     1 
HETATM 1235 O O     . HOH C 3 .   ? -6.985  -9.892  8.187   1.00 42.10 ? 789 HOH A O     1 
HETATM 1236 O O     . HOH C 3 .   ? 1.504   -13.994 4.929   1.00 42.06 ? 790 HOH A O     1 
HETATM 1237 O O     . HOH C 3 .   ? -14.131 14.226  14.389  1.00 48.74 ? 791 HOH A O     1 
HETATM 1238 O O     . HOH C 3 .   ? 0.511   -11.766 15.888  1.00 43.65 ? 792 HOH A O     1 
HETATM 1239 O O     . HOH C 3 .   ? -9.063  18.073  0.256   1.00 30.55 ? 793 HOH A O     1 
HETATM 1240 O O     . HOH C 3 .   ? 1.078   3.041   15.183  1.00 30.95 ? 794 HOH A O     1 
HETATM 1241 O O     . HOH C 3 .   ? -5.935  -12.388 6.873   1.00 48.12 ? 795 HOH A O     1 
HETATM 1242 O O     . HOH C 3 .   ? -17.885 -0.702  7.806   1.00 40.75 ? 796 HOH A O     1 
HETATM 1243 O O     . HOH C 3 .   ? 5.376   -7.234  -12.827 1.00 41.54 ? 797 HOH A O     1 
HETATM 1244 O O     . HOH C 3 .   ? 11.479  -0.355  -9.077  1.00 36.38 ? 798 HOH A O     1 
HETATM 1245 O O     . HOH C 3 .   ? -1.039  -3.719  -16.734 1.00 42.70 ? 799 HOH A O     1 
HETATM 1246 O O     . HOH C 3 .   ? -13.289 12.582  1.730   1.00 36.55 ? 800 HOH A O     1 
HETATM 1247 O O     . HOH C 3 .   ? 3.340   11.989  7.695   1.00 32.49 ? 801 HOH A O     1 
HETATM 1248 O O     . HOH C 3 .   ? -8.331  14.200  0.863   1.00 26.26 ? 802 HOH A O     1 
HETATM 1249 O O     . HOH C 3 .   ? 0.041   10.411  9.920   1.00 38.27 ? 803 HOH A O     1 
HETATM 1250 O O     . HOH C 3 .   ? -9.512  16.344  3.967   1.00 49.37 ? 804 HOH A O     1 
# 
loop_
_pdbx_poly_seq_scheme.asym_id 
_pdbx_poly_seq_scheme.entity_id 
_pdbx_poly_seq_scheme.seq_id 
_pdbx_poly_seq_scheme.mon_id 
_pdbx_poly_seq_scheme.ndb_seq_num 
_pdbx_poly_seq_scheme.pdb_seq_num 
_pdbx_poly_seq_scheme.auth_seq_num 
_pdbx_poly_seq_scheme.pdb_mon_id 
_pdbx_poly_seq_scheme.auth_mon_id 
_pdbx_poly_seq_scheme.pdb_strand_id 
_pdbx_poly_seq_scheme.pdb_ins_code 
_pdbx_poly_seq_scheme.hetero 
A 1 1   GLY 1   20  ?   ?   ?   A . n 
A 1 2   SER 2   21  21  SER SER A . n 
A 1 3   ASN 3   22  22  ASN ASN A . n 
A 1 4   ASP 4   23  23  ASP ASP A . n 
A 1 5   ASP 5   24  24  ASP ASP A . n 
A 1 6   PHE 6   25  25  PHE PHE A . n 
A 1 7   THR 7   26  26  THR THR A . n 
A 1 8   GLY 8   27  27  GLY GLY A . n 
A 1 9   GLU 9   28  28  GLU GLU A . n 
A 1 10  ASP 10  29  29  ASP ASP A . n 
A 1 11  SER 11  30  30  SER SER A . n 
A 1 12  LEU 12  31  31  LEU LEU A . n 
A 1 13  MET 13  32  32  MET MET A . n 
A 1 14  GLU 14  33  33  GLU GLU A . n 
A 1 15  ASP 15  34  34  ASP ASP A . n 
A 1 16  HIS 16  35  35  HIS HIS A . n 
A 1 17  LEU 17  36  36  LEU LEU A . n 
A 1 18  GLU 18  37  37  GLU GLU A . n 
A 1 19  LEU 19  38  38  LEU LEU A . n 
A 1 20  ARG 20  39  39  ARG ARG A . n 
A 1 21  GLU 21  40  40  GLU GLU A . n 
A 1 22  LYS 22  41  41  LYS LYS A . n 
A 1 23  LEU 23  42  42  LEU LEU A . n 
A 1 24  SER 24  43  43  SER SER A . n 
A 1 25  GLU 25  44  44  GLU GLU A . n 
A 1 26  ASP 26  45  45  ASP ASP A . n 
A 1 27  ILE 27  46  46  ILE ILE A . n 
A 1 28  ASP 28  47  47  ASP ASP A . n 
A 1 29  MET 29  48  48  MET MET A . n 
A 1 30  ILE 30  49  49  ILE ILE A . n 
A 1 31  LYS 31  50  50  LYS LYS A . n 
A 1 32  THR 32  51  51  THR THR A . n 
A 1 33  SER 33  52  52  SER SER A . n 
A 1 34  LEU 34  53  53  LEU LEU A . n 
A 1 35  LYS 35  54  54  LYS LYS A . n 
A 1 36  ASN 36  55  55  ASN ASN A . n 
A 1 37  ASN 37  56  56  ASN ASN A . n 
A 1 38  LEU 38  57  57  LEU LEU A . n 
A 1 39  VAL 39  58  58  VAL VAL A . n 
A 1 40  CYS 40  59  59  CYS CYS A . n 
A 1 41  SER 41  60  60  SER SER A . n 
A 1 42  THR 42  61  61  THR THR A . n 
A 1 43  LEU 43  62  62  LEU LEU A . n 
A 1 44  ASN 44  63  63  ASN ASN A . n 
A 1 45  ASP 45  64  64  ASP ASP A . n 
A 1 46  ASN 46  65  65  ASN ASN A . n 
A 1 47  GLU 47  66  66  GLU GLU A . n 
A 1 48  ILE 48  67  67  ILE ILE A . n 
A 1 49  LEU 49  68  68  LEU LEU A . n 
A 1 50  THR 50  69  69  THR THR A . n 
A 1 51  LEU 51  70  70  LEU LEU A . n 
A 1 52  SER 52  71  71  SER SER A . n 
A 1 53  ASN 53  72  72  ASN ASN A . n 
A 1 54  TYR 54  73  73  TYR TYR A . n 
A 1 55  MET 55  74  74  MET MET A . n 
A 1 56  GLN 56  75  75  GLN GLN A . n 
A 1 57  PHE 57  76  76  PHE PHE A . n 
A 1 58  PHE 58  77  77  PHE PHE A . n 
A 1 59  VAL 59  78  78  VAL VAL A . n 
A 1 60  PHE 60  79  79  PHE PHE A . n 
A 1 61  LYS 61  80  80  LYS LYS A . n 
A 1 62  SER 62  81  81  SER SER A . n 
A 1 63  GLY 63  82  82  GLY GLY A . n 
A 1 64  ASN 64  83  83  ASN ASN A . n 
A 1 65  LEU 65  84  84  LEU LEU A . n 
A 1 66  VAL 66  85  85  VAL VAL A . n 
A 1 67  ILE 67  86  86  ILE ILE A . n 
A 1 68  LYS 68  87  87  LYS LYS A . n 
A 1 69  GLN 69  88  88  GLN GLN A . n 
A 1 70  GLY 70  89  89  GLY GLY A . n 
A 1 71  GLU 71  90  90  GLU GLU A . n 
A 1 72  LYS 72  91  91  LYS LYS A . n 
A 1 73  GLY 73  92  92  GLY GLY A . n 
A 1 74  SER 74  93  93  SER SER A . n 
A 1 75  TYR 75  94  94  TYR TYR A . n 
A 1 76  PHE 76  95  95  PHE PHE A . n 
A 1 77  PHE 77  96  96  PHE PHE A . n 
A 1 78  ILE 78  97  97  ILE ILE A . n 
A 1 79  ILE 79  98  98  ILE ILE A . n 
A 1 80  ASN 80  99  99  ASN ASN A . n 
A 1 81  SER 81  100 100 SER SER A . n 
A 1 82  GLY 82  101 101 GLY GLY A . n 
A 1 83  LYS 83  102 102 LYS LYS A . n 
A 1 84  PHE 84  103 103 PHE PHE A . n 
A 1 85  ASP 85  104 104 ASP ASP A . n 
A 1 86  VAL 86  105 105 VAL VAL A . n 
A 1 87  TYR 87  106 106 TYR TYR A . n 
A 1 88  VAL 88  107 107 VAL VAL A . n 
A 1 89  ASN 89  108 108 ASN ASN A . n 
A 1 90  ASP 90  109 109 ASP ASP A . n 
A 1 91  LYS 91  110 110 LYS LYS A . n 
A 1 92  LYS 92  111 111 LYS LYS A . n 
A 1 93  VAL 93  112 112 VAL VAL A . n 
A 1 94  LYS 94  113 113 LYS LYS A . n 
A 1 95  THR 95  114 114 THR THR A . n 
A 1 96  MET 96  115 115 MET MET A . n 
A 1 97  GLY 97  116 116 GLY GLY A . n 
A 1 98  LYS 98  117 117 LYS LYS A . n 
A 1 99  GLY 99  118 118 GLY GLY A . n 
A 1 100 SER 100 119 119 SER SER A . n 
A 1 101 SER 101 120 120 SER SER A . n 
A 1 102 PHE 102 121 121 PHE PHE A . n 
A 1 103 GLY 103 122 122 GLY GLY A . n 
A 1 104 GLU 104 123 123 GLU GLU A . n 
A 1 105 ALA 105 124 124 ALA ALA A . n 
A 1 106 ALA 106 125 125 ALA ALA A . n 
A 1 107 LEU 107 126 126 LEU LEU A . n 
A 1 108 ILE 108 127 127 ILE ILE A . n 
A 1 109 HIS 109 128 128 HIS HIS A . n 
A 1 110 ASN 110 129 129 ASN ASN A . n 
A 1 111 THR 111 130 130 THR THR A . n 
A 1 112 GLN 112 131 131 GLN GLN A . n 
A 1 113 ARG 113 132 132 ARG ARG A . n 
A 1 114 SER 114 133 133 SER SER A . n 
A 1 115 ALA 115 134 134 ALA ALA A . n 
A 1 116 THR 116 135 135 THR THR A . n 
A 1 117 ILE 117 136 136 ILE ILE A . n 
A 1 118 ILE 118 137 137 ILE ILE A . n 
A 1 119 ALA 119 138 138 ALA ALA A . n 
A 1 120 GLU 120 139 139 GLU GLU A . n 
A 1 121 THR 121 140 140 THR THR A . n 
A 1 122 ASP 122 141 141 ASP ASP A . n 
A 1 123 GLY 123 142 142 GLY GLY A . n 
A 1 124 THR 124 143 143 THR THR A . n 
A 1 125 LEU 125 144 144 LEU LEU A . n 
A 1 126 TRP 126 145 145 TRP TRP A . n 
A 1 127 GLY 127 146 146 GLY GLY A . n 
A 1 128 VAL 128 147 147 VAL VAL A . n 
A 1 129 GLN 129 148 148 GLN GLN A . n 
A 1 130 ARG 130 149 149 ARG ARG A . n 
A 1 131 SER 131 150 150 SER SER A . n 
A 1 132 THR 132 151 151 THR THR A . n 
A 1 133 PHE 133 152 152 PHE PHE A . n 
A 1 134 ARG 134 153 153 ARG ARG A . n 
A 1 135 ALA 135 154 154 ALA ALA A . n 
A 1 136 THR 136 155 155 THR THR A . n 
A 1 137 LEU 137 156 156 LEU LEU A . n 
A 1 138 LYS 138 157 157 LYS LYS A . n 
A 1 139 GLN 139 158 158 GLN GLN A . n 
A 1 140 LEU 140 159 ?   ?   ?   A . n 
A 1 141 SER 141 160 ?   ?   ?   A . n 
A 1 142 ASN 142 161 ?   ?   ?   A . n 
A 1 143 ARG 143 162 ?   ?   ?   A . n 
# 
_pdbx_SG_project.id                    1 
_pdbx_SG_project.project_name          ? 
_pdbx_SG_project.full_name_of_center   'Structural Genomics Consortium' 
_pdbx_SG_project.initial_of_center     SGC 
# 
loop_
_pdbx_nonpoly_scheme.asym_id 
_pdbx_nonpoly_scheme.entity_id 
_pdbx_nonpoly_scheme.mon_id 
_pdbx_nonpoly_scheme.ndb_seq_num 
_pdbx_nonpoly_scheme.pdb_seq_num 
_pdbx_nonpoly_scheme.auth_seq_num 
_pdbx_nonpoly_scheme.pdb_mon_id 
_pdbx_nonpoly_scheme.auth_mon_id 
_pdbx_nonpoly_scheme.pdb_strand_id 
_pdbx_nonpoly_scheme.pdb_ins_code 
B 2 PCG 1   601 601 PCG PCG A . 
C 3 HOH 1   701 174 HOH HOH A . 
C 3 HOH 2   702 244 HOH HOH A . 
C 3 HOH 3   703 90  HOH HOH A . 
C 3 HOH 4   704 66  HOH HOH A . 
C 3 HOH 5   705 69  HOH HOH A . 
C 3 HOH 6   706 226 HOH HOH A . 
C 3 HOH 7   707 36  HOH HOH A . 
C 3 HOH 8   708 243 HOH HOH A . 
C 3 HOH 9   709 67  HOH HOH A . 
C 3 HOH 10  710 64  HOH HOH A . 
C 3 HOH 11  711 100 HOH HOH A . 
C 3 HOH 12  712 237 HOH HOH A . 
C 3 HOH 13  713 118 HOH HOH A . 
C 3 HOH 14  714 13  HOH HOH A . 
C 3 HOH 15  715 224 HOH HOH A . 
C 3 HOH 16  716 30  HOH HOH A . 
C 3 HOH 17  717 150 HOH HOH A . 
C 3 HOH 18  718 32  HOH HOH A . 
C 3 HOH 19  719 15  HOH HOH A . 
C 3 HOH 20  720 111 HOH HOH A . 
C 3 HOH 21  721 25  HOH HOH A . 
C 3 HOH 22  722 241 HOH HOH A . 
C 3 HOH 23  723 18  HOH HOH A . 
C 3 HOH 24  724 221 HOH HOH A . 
C 3 HOH 25  725 50  HOH HOH A . 
C 3 HOH 26  726 94  HOH HOH A . 
C 3 HOH 27  727 21  HOH HOH A . 
C 3 HOH 28  728 76  HOH HOH A . 
C 3 HOH 29  729 238 HOH HOH A . 
C 3 HOH 30  730 116 HOH HOH A . 
C 3 HOH 31  731 229 HOH HOH A . 
C 3 HOH 32  732 83  HOH HOH A . 
C 3 HOH 33  733 136 HOH HOH A . 
C 3 HOH 34  734 131 HOH HOH A . 
C 3 HOH 35  735 239 HOH HOH A . 
C 3 HOH 36  736 234 HOH HOH A . 
C 3 HOH 37  737 47  HOH HOH A . 
C 3 HOH 38  738 232 HOH HOH A . 
C 3 HOH 39  739 10  HOH HOH A . 
C 3 HOH 40  740 44  HOH HOH A . 
C 3 HOH 41  741 7   HOH HOH A . 
C 3 HOH 42  742 11  HOH HOH A . 
C 3 HOH 43  743 128 HOH HOH A . 
C 3 HOH 44  744 92  HOH HOH A . 
C 3 HOH 45  745 119 HOH HOH A . 
C 3 HOH 46  746 78  HOH HOH A . 
C 3 HOH 47  747 35  HOH HOH A . 
C 3 HOH 48  748 58  HOH HOH A . 
C 3 HOH 49  749 16  HOH HOH A . 
C 3 HOH 50  750 26  HOH HOH A . 
C 3 HOH 51  751 222 HOH HOH A . 
C 3 HOH 52  752 141 HOH HOH A . 
C 3 HOH 53  753 89  HOH HOH A . 
C 3 HOH 54  754 247 HOH HOH A . 
C 3 HOH 55  755 242 HOH HOH A . 
C 3 HOH 56  756 28  HOH HOH A . 
C 3 HOH 57  757 96  HOH HOH A . 
C 3 HOH 58  758 104 HOH HOH A . 
C 3 HOH 59  759 82  HOH HOH A . 
C 3 HOH 60  760 20  HOH HOH A . 
C 3 HOH 61  761 37  HOH HOH A . 
C 3 HOH 62  762 81  HOH HOH A . 
C 3 HOH 63  763 223 HOH HOH A . 
C 3 HOH 64  764 233 HOH HOH A . 
C 3 HOH 65  765 24  HOH HOH A . 
C 3 HOH 66  766 208 HOH HOH A . 
C 3 HOH 67  767 12  HOH HOH A . 
C 3 HOH 68  768 236 HOH HOH A . 
C 3 HOH 69  769 8   HOH HOH A . 
C 3 HOH 70  770 34  HOH HOH A . 
C 3 HOH 71  771 77  HOH HOH A . 
C 3 HOH 72  772 93  HOH HOH A . 
C 3 HOH 73  773 107 HOH HOH A . 
C 3 HOH 74  774 133 HOH HOH A . 
C 3 HOH 75  775 17  HOH HOH A . 
C 3 HOH 76  776 106 HOH HOH A . 
C 3 HOH 77  777 230 HOH HOH A . 
C 3 HOH 78  778 245 HOH HOH A . 
C 3 HOH 79  779 209 HOH HOH A . 
C 3 HOH 80  780 5   HOH HOH A . 
C 3 HOH 81  781 227 HOH HOH A . 
C 3 HOH 82  782 235 HOH HOH A . 
C 3 HOH 83  783 132 HOH HOH A . 
C 3 HOH 84  784 51  HOH HOH A . 
C 3 HOH 85  785 62  HOH HOH A . 
C 3 HOH 86  786 71  HOH HOH A . 
C 3 HOH 87  787 55  HOH HOH A . 
C 3 HOH 88  788 91  HOH HOH A . 
C 3 HOH 89  789 219 HOH HOH A . 
C 3 HOH 90  790 240 HOH HOH A . 
C 3 HOH 91  791 217 HOH HOH A . 
C 3 HOH 92  792 60  HOH HOH A . 
C 3 HOH 93  793 54  HOH HOH A . 
C 3 HOH 94  794 27  HOH HOH A . 
C 3 HOH 95  795 220 HOH HOH A . 
C 3 HOH 96  796 200 HOH HOH A . 
C 3 HOH 97  797 228 HOH HOH A . 
C 3 HOH 98  798 72  HOH HOH A . 
C 3 HOH 99  799 212 HOH HOH A . 
C 3 HOH 100 800 199 HOH HOH A . 
C 3 HOH 101 801 84  HOH HOH A . 
C 3 HOH 102 802 75  HOH HOH A . 
C 3 HOH 103 803 59  HOH HOH A . 
C 3 HOH 104 804 213 HOH HOH A . 
# 
_pdbx_struct_assembly.id                   1 
_pdbx_struct_assembly.details              author_and_software_defined_assembly 
_pdbx_struct_assembly.method_details       PISA 
_pdbx_struct_assembly.oligomeric_details   monomeric 
_pdbx_struct_assembly.oligomeric_count     1 
# 
_pdbx_struct_assembly_gen.assembly_id       1 
_pdbx_struct_assembly_gen.oper_expression   1 
_pdbx_struct_assembly_gen.asym_id_list      A,B,C 
# 
_pdbx_struct_oper_list.id                   1 
_pdbx_struct_oper_list.type                 'identity operation' 
_pdbx_struct_oper_list.name                 1_555 
_pdbx_struct_oper_list.symmetry_operation   x,y,z 
_pdbx_struct_oper_list.matrix[1][1]         1.0000000000 
_pdbx_struct_oper_list.matrix[1][2]         0.0000000000 
_pdbx_struct_oper_list.matrix[1][3]         0.0000000000 
_pdbx_struct_oper_list.vector[1]            0.0000000000 
_pdbx_struct_oper_list.matrix[2][1]         0.0000000000 
_pdbx_struct_oper_list.matrix[2][2]         1.0000000000 
_pdbx_struct_oper_list.matrix[2][3]         0.0000000000 
_pdbx_struct_oper_list.vector[2]            0.0000000000 
_pdbx_struct_oper_list.matrix[3][1]         0.0000000000 
_pdbx_struct_oper_list.matrix[3][2]         0.0000000000 
_pdbx_struct_oper_list.matrix[3][3]         1.0000000000 
_pdbx_struct_oper_list.vector[3]            0.0000000000 
# 
loop_
_pdbx_audit_revision_history.ordinal 
_pdbx_audit_revision_history.data_content_type 
_pdbx_audit_revision_history.major_revision 
_pdbx_audit_revision_history.minor_revision 
_pdbx_audit_revision_history.revision_date 
1 'Structure model' 1 0 2015-11-04 
2 'Structure model' 1 1 2015-11-11 
3 'Structure model' 1 2 2019-07-03 
4 'Structure model' 1 3 2019-11-13 
5 'Structure model' 1 4 2023-09-27 
# 
_pdbx_audit_revision_details.ordinal             1 
_pdbx_audit_revision_details.revision_ordinal    1 
_pdbx_audit_revision_details.data_content_type   'Structure model' 
_pdbx_audit_revision_details.provider            repository 
_pdbx_audit_revision_details.type                'Initial release' 
_pdbx_audit_revision_details.description         ? 
_pdbx_audit_revision_details.details             ? 
# 
loop_
_pdbx_audit_revision_group.ordinal 
_pdbx_audit_revision_group.revision_ordinal 
_pdbx_audit_revision_group.data_content_type 
_pdbx_audit_revision_group.group 
1 2 'Structure model' 'Data collection'        
2 3 'Structure model' 'Data collection'        
3 3 'Structure model' 'Database references'    
4 3 'Structure model' 'Derived calculations'   
5 4 'Structure model' 'Database references'    
6 5 'Structure model' 'Data collection'        
7 5 'Structure model' 'Database references'    
8 5 'Structure model' 'Refinement description' 
# 
loop_
_pdbx_audit_revision_category.ordinal 
_pdbx_audit_revision_category.revision_ordinal 
_pdbx_audit_revision_category.data_content_type 
_pdbx_audit_revision_category.category 
1 3 'Structure model' citation                      
2 3 'Structure model' citation_author               
3 3 'Structure model' pdbx_struct_oper_list         
4 4 'Structure model' citation                      
5 4 'Structure model' citation_author               
6 5 'Structure model' chem_comp_atom                
7 5 'Structure model' chem_comp_bond                
8 5 'Structure model' database_2                    
9 5 'Structure model' pdbx_initial_refinement_model 
# 
loop_
_pdbx_audit_revision_item.ordinal 
_pdbx_audit_revision_item.revision_ordinal 
_pdbx_audit_revision_item.data_content_type 
_pdbx_audit_revision_item.item 
1  3 'Structure model' '_citation.country'                         
2  3 'Structure model' '_citation.journal_abbrev'                  
3  3 'Structure model' '_citation.journal_id_ASTM'                 
4  3 'Structure model' '_citation.journal_id_CSD'                  
5  3 'Structure model' '_citation.journal_id_ISSN'                 
6  3 'Structure model' '_citation.pdbx_database_id_DOI'            
7  3 'Structure model' '_citation.title'                           
8  3 'Structure model' '_citation.year'                            
9  3 'Structure model' '_pdbx_struct_oper_list.symmetry_operation' 
10 4 'Structure model' '_citation.journal_volume'                  
11 4 'Structure model' '_citation.page_first'                      
12 4 'Structure model' '_citation.page_last'                       
13 4 'Structure model' '_citation.pdbx_database_id_PubMed'         
14 4 'Structure model' '_citation.title'                           
15 4 'Structure model' '_citation_author.identifier_ORCID'         
16 4 'Structure model' '_citation_author.name'                     
17 5 'Structure model' '_database_2.pdbx_DOI'                      
18 5 'Structure model' '_database_2.pdbx_database_accession'       
# 
loop_
_software.citation_id 
_software.classification 
_software.compiler_name 
_software.compiler_version 
_software.contact_author 
_software.contact_author_email 
_software.date 
_software.description 
_software.dependencies 
_software.hardware 
_software.language 
_software.location 
_software.mods 
_software.name 
_software.os 
_software.os_version 
_software.type 
_software.version 
_software.pdbx_ordinal 
? 'data collection' ? ? ? ? ? ? ? ? ? ? ? HKL-2000    ? ? ? .        1 
? 'data scaling'    ? ? ? ? ? ? ? ? ? ? ? SCALEPACK   ? ? ? .        2 
? refinement        ? ? ? ? ? ? ? ? ? ? ? REFMAC      ? ? ? 5.8.0131 3 
? 'data extraction' ? ? ? ? ? ? ? ? ? ? ? PDB_EXTRACT ? ? ? 3.15     4 
? 'data reduction'  ? ? ? ? ? ? ? ? ? ? ? HKL-2000    ? ? ? .        5 
? phasing           ? ? ? ? ? ? ? ? ? ? ? PHASER      ? ? ? .        6 
# 
loop_
_pdbx_validate_close_contact.id 
_pdbx_validate_close_contact.PDB_model_num 
_pdbx_validate_close_contact.auth_atom_id_1 
_pdbx_validate_close_contact.auth_asym_id_1 
_pdbx_validate_close_contact.auth_comp_id_1 
_pdbx_validate_close_contact.auth_seq_id_1 
_pdbx_validate_close_contact.PDB_ins_code_1 
_pdbx_validate_close_contact.label_alt_id_1 
_pdbx_validate_close_contact.auth_atom_id_2 
_pdbx_validate_close_contact.auth_asym_id_2 
_pdbx_validate_close_contact.auth_comp_id_2 
_pdbx_validate_close_contact.auth_seq_id_2 
_pdbx_validate_close_contact.PDB_ins_code_2 
_pdbx_validate_close_contact.label_alt_id_2 
_pdbx_validate_close_contact.dist 
1 1 ND2 A ASN 55 ? ? O A HOH 701 ? ? 1.81 
2 1 OD1 A ASP 29 ? B O A HOH 702 ? ? 2.14 
# 
loop_
_pdbx_unobs_or_zero_occ_atoms.id 
_pdbx_unobs_or_zero_occ_atoms.PDB_model_num 
_pdbx_unobs_or_zero_occ_atoms.polymer_flag 
_pdbx_unobs_or_zero_occ_atoms.occupancy_flag 
_pdbx_unobs_or_zero_occ_atoms.auth_asym_id 
_pdbx_unobs_or_zero_occ_atoms.auth_comp_id 
_pdbx_unobs_or_zero_occ_atoms.auth_seq_id 
_pdbx_unobs_or_zero_occ_atoms.PDB_ins_code 
_pdbx_unobs_or_zero_occ_atoms.auth_atom_id 
_pdbx_unobs_or_zero_occ_atoms.label_alt_id 
_pdbx_unobs_or_zero_occ_atoms.label_asym_id 
_pdbx_unobs_or_zero_occ_atoms.label_comp_id 
_pdbx_unobs_or_zero_occ_atoms.label_seq_id 
_pdbx_unobs_or_zero_occ_atoms.label_atom_id 
1  1 Y 1 A SER 21  ? OG  ? A SER 2   OG  
2  1 Y 1 A GLU 40  ? CG  ? A GLU 21  CG  
3  1 Y 1 A GLU 40  ? CD  ? A GLU 21  CD  
4  1 Y 1 A GLU 40  ? OE1 ? A GLU 21  OE1 
5  1 Y 1 A GLU 40  ? OE2 ? A GLU 21  OE2 
6  1 Y 1 A ASP 109 ? CG  ? A ASP 90  CG  
7  1 Y 1 A ASP 109 ? OD1 ? A ASP 90  OD1 
8  1 Y 1 A ASP 109 ? OD2 ? A ASP 90  OD2 
9  1 Y 1 A LYS 157 ? CG  ? A LYS 138 CG  
10 1 Y 1 A LYS 157 ? CD  ? A LYS 138 CD  
11 1 Y 1 A LYS 157 ? CE  ? A LYS 138 CE  
12 1 Y 1 A LYS 157 ? NZ  ? A LYS 138 NZ  
# 
loop_
_pdbx_unobs_or_zero_occ_residues.id 
_pdbx_unobs_or_zero_occ_residues.PDB_model_num 
_pdbx_unobs_or_zero_occ_residues.polymer_flag 
_pdbx_unobs_or_zero_occ_residues.occupancy_flag 
_pdbx_unobs_or_zero_occ_residues.auth_asym_id 
_pdbx_unobs_or_zero_occ_residues.auth_comp_id 
_pdbx_unobs_or_zero_occ_residues.auth_seq_id 
_pdbx_unobs_or_zero_occ_residues.PDB_ins_code 
_pdbx_unobs_or_zero_occ_residues.label_asym_id 
_pdbx_unobs_or_zero_occ_residues.label_comp_id 
_pdbx_unobs_or_zero_occ_residues.label_seq_id 
1 1 Y 1 A GLY 20  ? A GLY 1   
2 1 Y 1 A LEU 159 ? A LEU 140 
3 1 Y 1 A SER 160 ? A SER 141 
4 1 Y 1 A ASN 161 ? A ASN 142 
5 1 Y 1 A ARG 162 ? A ARG 143 
# 
loop_
_chem_comp_atom.comp_id 
_chem_comp_atom.atom_id 
_chem_comp_atom.type_symbol 
_chem_comp_atom.pdbx_aromatic_flag 
_chem_comp_atom.pdbx_stereo_config 
_chem_comp_atom.pdbx_ordinal 
ALA N      N N N 1   
ALA CA     C N S 2   
ALA C      C N N 3   
ALA O      O N N 4   
ALA CB     C N N 5   
ALA OXT    O N N 6   
ALA H      H N N 7   
ALA H2     H N N 8   
ALA HA     H N N 9   
ALA HB1    H N N 10  
ALA HB2    H N N 11  
ALA HB3    H N N 12  
ALA HXT    H N N 13  
ARG N      N N N 14  
ARG CA     C N S 15  
ARG C      C N N 16  
ARG O      O N N 17  
ARG CB     C N N 18  
ARG CG     C N N 19  
ARG CD     C N N 20  
ARG NE     N N N 21  
ARG CZ     C N N 22  
ARG NH1    N N N 23  
ARG NH2    N N N 24  
ARG OXT    O N N 25  
ARG H      H N N 26  
ARG H2     H N N 27  
ARG HA     H N N 28  
ARG HB2    H N N 29  
ARG HB3    H N N 30  
ARG HG2    H N N 31  
ARG HG3    H N N 32  
ARG HD2    H N N 33  
ARG HD3    H N N 34  
ARG HE     H N N 35  
ARG HH11   H N N 36  
ARG HH12   H N N 37  
ARG HH21   H N N 38  
ARG HH22   H N N 39  
ARG HXT    H N N 40  
ASN N      N N N 41  
ASN CA     C N S 42  
ASN C      C N N 43  
ASN O      O N N 44  
ASN CB     C N N 45  
ASN CG     C N N 46  
ASN OD1    O N N 47  
ASN ND2    N N N 48  
ASN OXT    O N N 49  
ASN H      H N N 50  
ASN H2     H N N 51  
ASN HA     H N N 52  
ASN HB2    H N N 53  
ASN HB3    H N N 54  
ASN HD21   H N N 55  
ASN HD22   H N N 56  
ASN HXT    H N N 57  
ASP N      N N N 58  
ASP CA     C N S 59  
ASP C      C N N 60  
ASP O      O N N 61  
ASP CB     C N N 62  
ASP CG     C N N 63  
ASP OD1    O N N 64  
ASP OD2    O N N 65  
ASP OXT    O N N 66  
ASP H      H N N 67  
ASP H2     H N N 68  
ASP HA     H N N 69  
ASP HB2    H N N 70  
ASP HB3    H N N 71  
ASP HD2    H N N 72  
ASP HXT    H N N 73  
CYS N      N N N 74  
CYS CA     C N R 75  
CYS C      C N N 76  
CYS O      O N N 77  
CYS CB     C N N 78  
CYS SG     S N N 79  
CYS OXT    O N N 80  
CYS H      H N N 81  
CYS H2     H N N 82  
CYS HA     H N N 83  
CYS HB2    H N N 84  
CYS HB3    H N N 85  
CYS HG     H N N 86  
CYS HXT    H N N 87  
GLN N      N N N 88  
GLN CA     C N S 89  
GLN C      C N N 90  
GLN O      O N N 91  
GLN CB     C N N 92  
GLN CG     C N N 93  
GLN CD     C N N 94  
GLN OE1    O N N 95  
GLN NE2    N N N 96  
GLN OXT    O N N 97  
GLN H      H N N 98  
GLN H2     H N N 99  
GLN HA     H N N 100 
GLN HB2    H N N 101 
GLN HB3    H N N 102 
GLN HG2    H N N 103 
GLN HG3    H N N 104 
GLN HE21   H N N 105 
GLN HE22   H N N 106 
GLN HXT    H N N 107 
GLU N      N N N 108 
GLU CA     C N S 109 
GLU C      C N N 110 
GLU O      O N N 111 
GLU CB     C N N 112 
GLU CG     C N N 113 
GLU CD     C N N 114 
GLU OE1    O N N 115 
GLU OE2    O N N 116 
GLU OXT    O N N 117 
GLU H      H N N 118 
GLU H2     H N N 119 
GLU HA     H N N 120 
GLU HB2    H N N 121 
GLU HB3    H N N 122 
GLU HG2    H N N 123 
GLU HG3    H N N 124 
GLU HE2    H N N 125 
GLU HXT    H N N 126 
GLY N      N N N 127 
GLY CA     C N N 128 
GLY C      C N N 129 
GLY O      O N N 130 
GLY OXT    O N N 131 
GLY H      H N N 132 
GLY H2     H N N 133 
GLY HA2    H N N 134 
GLY HA3    H N N 135 
GLY HXT    H N N 136 
HIS N      N N N 137 
HIS CA     C N S 138 
HIS C      C N N 139 
HIS O      O N N 140 
HIS CB     C N N 141 
HIS CG     C Y N 142 
HIS ND1    N Y N 143 
HIS CD2    C Y N 144 
HIS CE1    C Y N 145 
HIS NE2    N Y N 146 
HIS OXT    O N N 147 
HIS H      H N N 148 
HIS H2     H N N 149 
HIS HA     H N N 150 
HIS HB2    H N N 151 
HIS HB3    H N N 152 
HIS HD1    H N N 153 
HIS HD2    H N N 154 
HIS HE1    H N N 155 
HIS HE2    H N N 156 
HIS HXT    H N N 157 
HOH O      O N N 158 
HOH H1     H N N 159 
HOH H2     H N N 160 
ILE N      N N N 161 
ILE CA     C N S 162 
ILE C      C N N 163 
ILE O      O N N 164 
ILE CB     C N S 165 
ILE CG1    C N N 166 
ILE CG2    C N N 167 
ILE CD1    C N N 168 
ILE OXT    O N N 169 
ILE H      H N N 170 
ILE H2     H N N 171 
ILE HA     H N N 172 
ILE HB     H N N 173 
ILE HG12   H N N 174 
ILE HG13   H N N 175 
ILE HG21   H N N 176 
ILE HG22   H N N 177 
ILE HG23   H N N 178 
ILE HD11   H N N 179 
ILE HD12   H N N 180 
ILE HD13   H N N 181 
ILE HXT    H N N 182 
LEU N      N N N 183 
LEU CA     C N S 184 
LEU C      C N N 185 
LEU O      O N N 186 
LEU CB     C N N 187 
LEU CG     C N N 188 
LEU CD1    C N N 189 
LEU CD2    C N N 190 
LEU OXT    O N N 191 
LEU H      H N N 192 
LEU H2     H N N 193 
LEU HA     H N N 194 
LEU HB2    H N N 195 
LEU HB3    H N N 196 
LEU HG     H N N 197 
LEU HD11   H N N 198 
LEU HD12   H N N 199 
LEU HD13   H N N 200 
LEU HD21   H N N 201 
LEU HD22   H N N 202 
LEU HD23   H N N 203 
LEU HXT    H N N 204 
LYS N      N N N 205 
LYS CA     C N S 206 
LYS C      C N N 207 
LYS O      O N N 208 
LYS CB     C N N 209 
LYS CG     C N N 210 
LYS CD     C N N 211 
LYS CE     C N N 212 
LYS NZ     N N N 213 
LYS OXT    O N N 214 
LYS H      H N N 215 
LYS H2     H N N 216 
LYS HA     H N N 217 
LYS HB2    H N N 218 
LYS HB3    H N N 219 
LYS HG2    H N N 220 
LYS HG3    H N N 221 
LYS HD2    H N N 222 
LYS HD3    H N N 223 
LYS HE2    H N N 224 
LYS HE3    H N N 225 
LYS HZ1    H N N 226 
LYS HZ2    H N N 227 
LYS HZ3    H N N 228 
LYS HXT    H N N 229 
MET N      N N N 230 
MET CA     C N S 231 
MET C      C N N 232 
MET O      O N N 233 
MET CB     C N N 234 
MET CG     C N N 235 
MET SD     S N N 236 
MET CE     C N N 237 
MET OXT    O N N 238 
MET H      H N N 239 
MET H2     H N N 240 
MET HA     H N N 241 
MET HB2    H N N 242 
MET HB3    H N N 243 
MET HG2    H N N 244 
MET HG3    H N N 245 
MET HE1    H N N 246 
MET HE2    H N N 247 
MET HE3    H N N 248 
MET HXT    H N N 249 
PCG PA     P N R 250 
PCG O1A    O N N 251 
PCG O2A    O N N 252 
PCG "O5'"  O N N 253 
PCG "C5'"  C N N 254 
PCG "C4'"  C N R 255 
PCG "O4'"  O N N 256 
PCG "C3'"  C N S 257 
PCG "O3'"  O N N 258 
PCG "C2'"  C N R 259 
PCG "O2'"  O N N 260 
PCG "C1'"  C N R 261 
PCG N9     N Y N 262 
PCG C8     C Y N 263 
PCG N7     N Y N 264 
PCG C5     C Y N 265 
PCG C6     C N N 266 
PCG O6     O N N 267 
PCG N1     N N N 268 
PCG C2     C N N 269 
PCG N2     N N N 270 
PCG N3     N N N 271 
PCG C4     C Y N 272 
PCG HO1A   H N N 273 
PCG "H5'1" H N N 274 
PCG "H5'2" H N N 275 
PCG "H4'"  H N N 276 
PCG "H3'"  H N N 277 
PCG "H2'"  H N N 278 
PCG "HO2'" H N N 279 
PCG "H1'"  H N N 280 
PCG H8     H N N 281 
PCG HN1    H N N 282 
PCG HN21   H N N 283 
PCG HN22   H N N 284 
PHE N      N N N 285 
PHE CA     C N S 286 
PHE C      C N N 287 
PHE O      O N N 288 
PHE CB     C N N 289 
PHE CG     C Y N 290 
PHE CD1    C Y N 291 
PHE CD2    C Y N 292 
PHE CE1    C Y N 293 
PHE CE2    C Y N 294 
PHE CZ     C Y N 295 
PHE OXT    O N N 296 
PHE H      H N N 297 
PHE H2     H N N 298 
PHE HA     H N N 299 
PHE HB2    H N N 300 
PHE HB3    H N N 301 
PHE HD1    H N N 302 
PHE HD2    H N N 303 
PHE HE1    H N N 304 
PHE HE2    H N N 305 
PHE HZ     H N N 306 
PHE HXT    H N N 307 
SER N      N N N 308 
SER CA     C N S 309 
SER C      C N N 310 
SER O      O N N 311 
SER CB     C N N 312 
SER OG     O N N 313 
SER OXT    O N N 314 
SER H      H N N 315 
SER H2     H N N 316 
SER HA     H N N 317 
SER HB2    H N N 318 
SER HB3    H N N 319 
SER HG     H N N 320 
SER HXT    H N N 321 
THR N      N N N 322 
THR CA     C N S 323 
THR C      C N N 324 
THR O      O N N 325 
THR CB     C N R 326 
THR OG1    O N N 327 
THR CG2    C N N 328 
THR OXT    O N N 329 
THR H      H N N 330 
THR H2     H N N 331 
THR HA     H N N 332 
THR HB     H N N 333 
THR HG1    H N N 334 
THR HG21   H N N 335 
THR HG22   H N N 336 
THR HG23   H N N 337 
THR HXT    H N N 338 
TRP N      N N N 339 
TRP CA     C N S 340 
TRP C      C N N 341 
TRP O      O N N 342 
TRP CB     C N N 343 
TRP CG     C Y N 344 
TRP CD1    C Y N 345 
TRP CD2    C Y N 346 
TRP NE1    N Y N 347 
TRP CE2    C Y N 348 
TRP CE3    C Y N 349 
TRP CZ2    C Y N 350 
TRP CZ3    C Y N 351 
TRP CH2    C Y N 352 
TRP OXT    O N N 353 
TRP H      H N N 354 
TRP H2     H N N 355 
TRP HA     H N N 356 
TRP HB2    H N N 357 
TRP HB3    H N N 358 
TRP HD1    H N N 359 
TRP HE1    H N N 360 
TRP HE3    H N N 361 
TRP HZ2    H N N 362 
TRP HZ3    H N N 363 
TRP HH2    H N N 364 
TRP HXT    H N N 365 
TYR N      N N N 366 
TYR CA     C N S 367 
TYR C      C N N 368 
TYR O      O N N 369 
TYR CB     C N N 370 
TYR CG     C Y N 371 
TYR CD1    C Y N 372 
TYR CD2    C Y N 373 
TYR CE1    C Y N 374 
TYR CE2    C Y N 375 
TYR CZ     C Y N 376 
TYR OH     O N N 377 
TYR OXT    O N N 378 
TYR H      H N N 379 
TYR H2     H N N 380 
TYR HA     H N N 381 
TYR HB2    H N N 382 
TYR HB3    H N N 383 
TYR HD1    H N N 384 
TYR HD2    H N N 385 
TYR HE1    H N N 386 
TYR HE2    H N N 387 
TYR HH     H N N 388 
TYR HXT    H N N 389 
VAL N      N N N 390 
VAL CA     C N S 391 
VAL C      C N N 392 
VAL O      O N N 393 
VAL CB     C N N 394 
VAL CG1    C N N 395 
VAL CG2    C N N 396 
VAL OXT    O N N 397 
VAL H      H N N 398 
VAL H2     H N N 399 
VAL HA     H N N 400 
VAL HB     H N N 401 
VAL HG11   H N N 402 
VAL HG12   H N N 403 
VAL HG13   H N N 404 
VAL HG21   H N N 405 
VAL HG22   H N N 406 
VAL HG23   H N N 407 
VAL HXT    H N N 408 
# 
loop_
_chem_comp_bond.comp_id 
_chem_comp_bond.atom_id_1 
_chem_comp_bond.atom_id_2 
_chem_comp_bond.value_order 
_chem_comp_bond.pdbx_aromatic_flag 
_chem_comp_bond.pdbx_stereo_config 
_chem_comp_bond.pdbx_ordinal 
ALA N     CA     sing N N 1   
ALA N     H      sing N N 2   
ALA N     H2     sing N N 3   
ALA CA    C      sing N N 4   
ALA CA    CB     sing N N 5   
ALA CA    HA     sing N N 6   
ALA C     O      doub N N 7   
ALA C     OXT    sing N N 8   
ALA CB    HB1    sing N N 9   
ALA CB    HB2    sing N N 10  
ALA CB    HB3    sing N N 11  
ALA OXT   HXT    sing N N 12  
ARG N     CA     sing N N 13  
ARG N     H      sing N N 14  
ARG N     H2     sing N N 15  
ARG CA    C      sing N N 16  
ARG CA    CB     sing N N 17  
ARG CA    HA     sing N N 18  
ARG C     O      doub N N 19  
ARG C     OXT    sing N N 20  
ARG CB    CG     sing N N 21  
ARG CB    HB2    sing N N 22  
ARG CB    HB3    sing N N 23  
ARG CG    CD     sing N N 24  
ARG CG    HG2    sing N N 25  
ARG CG    HG3    sing N N 26  
ARG CD    NE     sing N N 27  
ARG CD    HD2    sing N N 28  
ARG CD    HD3    sing N N 29  
ARG NE    CZ     sing N N 30  
ARG NE    HE     sing N N 31  
ARG CZ    NH1    sing N N 32  
ARG CZ    NH2    doub N N 33  
ARG NH1   HH11   sing N N 34  
ARG NH1   HH12   sing N N 35  
ARG NH2   HH21   sing N N 36  
ARG NH2   HH22   sing N N 37  
ARG OXT   HXT    sing N N 38  
ASN N     CA     sing N N 39  
ASN N     H      sing N N 40  
ASN N     H2     sing N N 41  
ASN CA    C      sing N N 42  
ASN CA    CB     sing N N 43  
ASN CA    HA     sing N N 44  
ASN C     O      doub N N 45  
ASN C     OXT    sing N N 46  
ASN CB    CG     sing N N 47  
ASN CB    HB2    sing N N 48  
ASN CB    HB3    sing N N 49  
ASN CG    OD1    doub N N 50  
ASN CG    ND2    sing N N 51  
ASN ND2   HD21   sing N N 52  
ASN ND2   HD22   sing N N 53  
ASN OXT   HXT    sing N N 54  
ASP N     CA     sing N N 55  
ASP N     H      sing N N 56  
ASP N     H2     sing N N 57  
ASP CA    C      sing N N 58  
ASP CA    CB     sing N N 59  
ASP CA    HA     sing N N 60  
ASP C     O      doub N N 61  
ASP C     OXT    sing N N 62  
ASP CB    CG     sing N N 63  
ASP CB    HB2    sing N N 64  
ASP CB    HB3    sing N N 65  
ASP CG    OD1    doub N N 66  
ASP CG    OD2    sing N N 67  
ASP OD2   HD2    sing N N 68  
ASP OXT   HXT    sing N N 69  
CYS N     CA     sing N N 70  
CYS N     H      sing N N 71  
CYS N     H2     sing N N 72  
CYS CA    C      sing N N 73  
CYS CA    CB     sing N N 74  
CYS CA    HA     sing N N 75  
CYS C     O      doub N N 76  
CYS C     OXT    sing N N 77  
CYS CB    SG     sing N N 78  
CYS CB    HB2    sing N N 79  
CYS CB    HB3    sing N N 80  
CYS SG    HG     sing N N 81  
CYS OXT   HXT    sing N N 82  
GLN N     CA     sing N N 83  
GLN N     H      sing N N 84  
GLN N     H2     sing N N 85  
GLN CA    C      sing N N 86  
GLN CA    CB     sing N N 87  
GLN CA    HA     sing N N 88  
GLN C     O      doub N N 89  
GLN C     OXT    sing N N 90  
GLN CB    CG     sing N N 91  
GLN CB    HB2    sing N N 92  
GLN CB    HB3    sing N N 93  
GLN CG    CD     sing N N 94  
GLN CG    HG2    sing N N 95  
GLN CG    HG3    sing N N 96  
GLN CD    OE1    doub N N 97  
GLN CD    NE2    sing N N 98  
GLN NE2   HE21   sing N N 99  
GLN NE2   HE22   sing N N 100 
GLN OXT   HXT    sing N N 101 
GLU N     CA     sing N N 102 
GLU N     H      sing N N 103 
GLU N     H2     sing N N 104 
GLU CA    C      sing N N 105 
GLU CA    CB     sing N N 106 
GLU CA    HA     sing N N 107 
GLU C     O      doub N N 108 
GLU C     OXT    sing N N 109 
GLU CB    CG     sing N N 110 
GLU CB    HB2    sing N N 111 
GLU CB    HB3    sing N N 112 
GLU CG    CD     sing N N 113 
GLU CG    HG2    sing N N 114 
GLU CG    HG3    sing N N 115 
GLU CD    OE1    doub N N 116 
GLU CD    OE2    sing N N 117 
GLU OE2   HE2    sing N N 118 
GLU OXT   HXT    sing N N 119 
GLY N     CA     sing N N 120 
GLY N     H      sing N N 121 
GLY N     H2     sing N N 122 
GLY CA    C      sing N N 123 
GLY CA    HA2    sing N N 124 
GLY CA    HA3    sing N N 125 
GLY C     O      doub N N 126 
GLY C     OXT    sing N N 127 
GLY OXT   HXT    sing N N 128 
HIS N     CA     sing N N 129 
HIS N     H      sing N N 130 
HIS N     H2     sing N N 131 
HIS CA    C      sing N N 132 
HIS CA    CB     sing N N 133 
HIS CA    HA     sing N N 134 
HIS C     O      doub N N 135 
HIS C     OXT    sing N N 136 
HIS CB    CG     sing N N 137 
HIS CB    HB2    sing N N 138 
HIS CB    HB3    sing N N 139 
HIS CG    ND1    sing Y N 140 
HIS CG    CD2    doub Y N 141 
HIS ND1   CE1    doub Y N 142 
HIS ND1   HD1    sing N N 143 
HIS CD2   NE2    sing Y N 144 
HIS CD2   HD2    sing N N 145 
HIS CE1   NE2    sing Y N 146 
HIS CE1   HE1    sing N N 147 
HIS NE2   HE2    sing N N 148 
HIS OXT   HXT    sing N N 149 
HOH O     H1     sing N N 150 
HOH O     H2     sing N N 151 
ILE N     CA     sing N N 152 
ILE N     H      sing N N 153 
ILE N     H2     sing N N 154 
ILE CA    C      sing N N 155 
ILE CA    CB     sing N N 156 
ILE CA    HA     sing N N 157 
ILE C     O      doub N N 158 
ILE C     OXT    sing N N 159 
ILE CB    CG1    sing N N 160 
ILE CB    CG2    sing N N 161 
ILE CB    HB     sing N N 162 
ILE CG1   CD1    sing N N 163 
ILE CG1   HG12   sing N N 164 
ILE CG1   HG13   sing N N 165 
ILE CG2   HG21   sing N N 166 
ILE CG2   HG22   sing N N 167 
ILE CG2   HG23   sing N N 168 
ILE CD1   HD11   sing N N 169 
ILE CD1   HD12   sing N N 170 
ILE CD1   HD13   sing N N 171 
ILE OXT   HXT    sing N N 172 
LEU N     CA     sing N N 173 
LEU N     H      sing N N 174 
LEU N     H2     sing N N 175 
LEU CA    C      sing N N 176 
LEU CA    CB     sing N N 177 
LEU CA    HA     sing N N 178 
LEU C     O      doub N N 179 
LEU C     OXT    sing N N 180 
LEU CB    CG     sing N N 181 
LEU CB    HB2    sing N N 182 
LEU CB    HB3    sing N N 183 
LEU CG    CD1    sing N N 184 
LEU CG    CD2    sing N N 185 
LEU CG    HG     sing N N 186 
LEU CD1   HD11   sing N N 187 
LEU CD1   HD12   sing N N 188 
LEU CD1   HD13   sing N N 189 
LEU CD2   HD21   sing N N 190 
LEU CD2   HD22   sing N N 191 
LEU CD2   HD23   sing N N 192 
LEU OXT   HXT    sing N N 193 
LYS N     CA     sing N N 194 
LYS N     H      sing N N 195 
LYS N     H2     sing N N 196 
LYS CA    C      sing N N 197 
LYS CA    CB     sing N N 198 
LYS CA    HA     sing N N 199 
LYS C     O      doub N N 200 
LYS C     OXT    sing N N 201 
LYS CB    CG     sing N N 202 
LYS CB    HB2    sing N N 203 
LYS CB    HB3    sing N N 204 
LYS CG    CD     sing N N 205 
LYS CG    HG2    sing N N 206 
LYS CG    HG3    sing N N 207 
LYS CD    CE     sing N N 208 
LYS CD    HD2    sing N N 209 
LYS CD    HD3    sing N N 210 
LYS CE    NZ     sing N N 211 
LYS CE    HE2    sing N N 212 
LYS CE    HE3    sing N N 213 
LYS NZ    HZ1    sing N N 214 
LYS NZ    HZ2    sing N N 215 
LYS NZ    HZ3    sing N N 216 
LYS OXT   HXT    sing N N 217 
MET N     CA     sing N N 218 
MET N     H      sing N N 219 
MET N     H2     sing N N 220 
MET CA    C      sing N N 221 
MET CA    CB     sing N N 222 
MET CA    HA     sing N N 223 
MET C     O      doub N N 224 
MET C     OXT    sing N N 225 
MET CB    CG     sing N N 226 
MET CB    HB2    sing N N 227 
MET CB    HB3    sing N N 228 
MET CG    SD     sing N N 229 
MET CG    HG2    sing N N 230 
MET CG    HG3    sing N N 231 
MET SD    CE     sing N N 232 
MET CE    HE1    sing N N 233 
MET CE    HE2    sing N N 234 
MET CE    HE3    sing N N 235 
MET OXT   HXT    sing N N 236 
PCG PA    O1A    sing N N 237 
PCG PA    O2A    doub N N 238 
PCG PA    "O5'"  sing N N 239 
PCG PA    "O3'"  sing N N 240 
PCG O1A   HO1A   sing N N 241 
PCG "O5'" "C5'"  sing N N 242 
PCG "C5'" "C4'"  sing N N 243 
PCG "C5'" "H5'1" sing N N 244 
PCG "C5'" "H5'2" sing N N 245 
PCG "C4'" "O4'"  sing N N 246 
PCG "C4'" "C3'"  sing N N 247 
PCG "C4'" "H4'"  sing N N 248 
PCG "O4'" "C1'"  sing N N 249 
PCG "C3'" "O3'"  sing N N 250 
PCG "C3'" "C2'"  sing N N 251 
PCG "C3'" "H3'"  sing N N 252 
PCG "C2'" "O2'"  sing N N 253 
PCG "C2'" "C1'"  sing N N 254 
PCG "C2'" "H2'"  sing N N 255 
PCG "O2'" "HO2'" sing N N 256 
PCG "C1'" N9     sing N N 257 
PCG "C1'" "H1'"  sing N N 258 
PCG N9    C8     sing Y N 259 
PCG N9    C4     sing Y N 260 
PCG C8    N7     doub Y N 261 
PCG C8    H8     sing N N 262 
PCG N7    C5     sing Y N 263 
PCG C5    C6     sing N N 264 
PCG C5    C4     doub Y N 265 
PCG C6    O6     doub N N 266 
PCG C6    N1     sing N N 267 
PCG N1    C2     sing N N 268 
PCG N1    HN1    sing N N 269 
PCG C2    N2     sing N N 270 
PCG C2    N3     doub N N 271 
PCG N2    HN21   sing N N 272 
PCG N2    HN22   sing N N 273 
PCG N3    C4     sing N N 274 
PHE N     CA     sing N N 275 
PHE N     H      sing N N 276 
PHE N     H2     sing N N 277 
PHE CA    C      sing N N 278 
PHE CA    CB     sing N N 279 
PHE CA    HA     sing N N 280 
PHE C     O      doub N N 281 
PHE C     OXT    sing N N 282 
PHE CB    CG     sing N N 283 
PHE CB    HB2    sing N N 284 
PHE CB    HB3    sing N N 285 
PHE CG    CD1    doub Y N 286 
PHE CG    CD2    sing Y N 287 
PHE CD1   CE1    sing Y N 288 
PHE CD1   HD1    sing N N 289 
PHE CD2   CE2    doub Y N 290 
PHE CD2   HD2    sing N N 291 
PHE CE1   CZ     doub Y N 292 
PHE CE1   HE1    sing N N 293 
PHE CE2   CZ     sing Y N 294 
PHE CE2   HE2    sing N N 295 
PHE CZ    HZ     sing N N 296 
PHE OXT   HXT    sing N N 297 
SER N     CA     sing N N 298 
SER N     H      sing N N 299 
SER N     H2     sing N N 300 
SER CA    C      sing N N 301 
SER CA    CB     sing N N 302 
SER CA    HA     sing N N 303 
SER C     O      doub N N 304 
SER C     OXT    sing N N 305 
SER CB    OG     sing N N 306 
SER CB    HB2    sing N N 307 
SER CB    HB3    sing N N 308 
SER OG    HG     sing N N 309 
SER OXT   HXT    sing N N 310 
THR N     CA     sing N N 311 
THR N     H      sing N N 312 
THR N     H2     sing N N 313 
THR CA    C      sing N N 314 
THR CA    CB     sing N N 315 
THR CA    HA     sing N N 316 
THR C     O      doub N N 317 
THR C     OXT    sing N N 318 
THR CB    OG1    sing N N 319 
THR CB    CG2    sing N N 320 
THR CB    HB     sing N N 321 
THR OG1   HG1    sing N N 322 
THR CG2   HG21   sing N N 323 
THR CG2   HG22   sing N N 324 
THR CG2   HG23   sing N N 325 
THR OXT   HXT    sing N N 326 
TRP N     CA     sing N N 327 
TRP N     H      sing N N 328 
TRP N     H2     sing N N 329 
TRP CA    C      sing N N 330 
TRP CA    CB     sing N N 331 
TRP CA    HA     sing N N 332 
TRP C     O      doub N N 333 
TRP C     OXT    sing N N 334 
TRP CB    CG     sing N N 335 
TRP CB    HB2    sing N N 336 
TRP CB    HB3    sing N N 337 
TRP CG    CD1    doub Y N 338 
TRP CG    CD2    sing Y N 339 
TRP CD1   NE1    sing Y N 340 
TRP CD1   HD1    sing N N 341 
TRP CD2   CE2    doub Y N 342 
TRP CD2   CE3    sing Y N 343 
TRP NE1   CE2    sing Y N 344 
TRP NE1   HE1    sing N N 345 
TRP CE2   CZ2    sing Y N 346 
TRP CE3   CZ3    doub Y N 347 
TRP CE3   HE3    sing N N 348 
TRP CZ2   CH2    doub Y N 349 
TRP CZ2   HZ2    sing N N 350 
TRP CZ3   CH2    sing Y N 351 
TRP CZ3   HZ3    sing N N 352 
TRP CH2   HH2    sing N N 353 
TRP OXT   HXT    sing N N 354 
TYR N     CA     sing N N 355 
TYR N     H      sing N N 356 
TYR N     H2     sing N N 357 
TYR CA    C      sing N N 358 
TYR CA    CB     sing N N 359 
TYR CA    HA     sing N N 360 
TYR C     O      doub N N 361 
TYR C     OXT    sing N N 362 
TYR CB    CG     sing N N 363 
TYR CB    HB2    sing N N 364 
TYR CB    HB3    sing N N 365 
TYR CG    CD1    doub Y N 366 
TYR CG    CD2    sing Y N 367 
TYR CD1   CE1    sing Y N 368 
TYR CD1   HD1    sing N N 369 
TYR CD2   CE2    doub Y N 370 
TYR CD2   HD2    sing N N 371 
TYR CE1   CZ     doub Y N 372 
TYR CE1   HE1    sing N N 373 
TYR CE2   CZ     sing Y N 374 
TYR CE2   HE2    sing N N 375 
TYR CZ    OH     sing N N 376 
TYR OH    HH     sing N N 377 
TYR OXT   HXT    sing N N 378 
VAL N     CA     sing N N 379 
VAL N     H      sing N N 380 
VAL N     H2     sing N N 381 
VAL CA    C      sing N N 382 
VAL CA    CB     sing N N 383 
VAL CA    HA     sing N N 384 
VAL C     O      doub N N 385 
VAL C     OXT    sing N N 386 
VAL CB    CG1    sing N N 387 
VAL CB    CG2    sing N N 388 
VAL CB    HB     sing N N 389 
VAL CG1   HG11   sing N N 390 
VAL CG1   HG12   sing N N 391 
VAL CG1   HG13   sing N N 392 
VAL CG2   HG21   sing N N 393 
VAL CG2   HG22   sing N N 394 
VAL CG2   HG23   sing N N 395 
VAL OXT   HXT    sing N N 396 
# 
loop_
_pdbx_entity_nonpoly.entity_id 
_pdbx_entity_nonpoly.name 
_pdbx_entity_nonpoly.comp_id 
2 'CYCLIC GUANOSINE MONOPHOSPHATE' PCG 
3 water                            HOH 
# 
_pdbx_initial_refinement_model.id               1 
_pdbx_initial_refinement_model.entity_id_list   ? 
_pdbx_initial_refinement_model.type             'experimental model' 
_pdbx_initial_refinement_model.source_name      PDB 
_pdbx_initial_refinement_model.accession_code   4MYJ 
_pdbx_initial_refinement_model.details          ? 
# 
